data_5Y94
# 
_entry.id   5Y94 
# 
_audit_conform.dict_name       mmcif_pdbx.dic 
_audit_conform.dict_version    5.387 
_audit_conform.dict_location   http://mmcif.pdb.org/dictionaries/ascii/mmcif_pdbx.dic 
# 
loop_
_database_2.database_id 
_database_2.database_code 
_database_2.pdbx_database_accession 
_database_2.pdbx_DOI 
PDB   5Y94         pdb_00005y94 10.2210/pdb5y94/pdb 
WWPDB D_1300004858 ?            ?                   
# 
loop_
_pdbx_audit_revision_history.ordinal 
_pdbx_audit_revision_history.data_content_type 
_pdbx_audit_revision_history.major_revision 
_pdbx_audit_revision_history.minor_revision 
_pdbx_audit_revision_history.revision_date 
1 'Structure model' 1 0 2018-06-13 
2 'Structure model' 1 1 2019-12-04 
3 'Structure model' 1 2 2024-03-27 
# 
_pdbx_audit_revision_details.ordinal             1 
_pdbx_audit_revision_details.revision_ordinal    1 
_pdbx_audit_revision_details.data_content_type   'Structure model' 
_pdbx_audit_revision_details.provider            repository 
_pdbx_audit_revision_details.type                'Initial release' 
_pdbx_audit_revision_details.description         ? 
_pdbx_audit_revision_details.details             ? 
# 
loop_
_pdbx_audit_revision_group.ordinal 
_pdbx_audit_revision_group.revision_ordinal 
_pdbx_audit_revision_group.data_content_type 
_pdbx_audit_revision_group.group 
1 2 'Structure model' 'Data collection'      
2 3 'Structure model' 'Data collection'      
3 3 'Structure model' 'Database references'  
4 3 'Structure model' 'Derived calculations' 
# 
loop_
_pdbx_audit_revision_category.ordinal 
_pdbx_audit_revision_category.revision_ordinal 
_pdbx_audit_revision_category.data_content_type 
_pdbx_audit_revision_category.category 
1 2 'Structure model' reflns_shell           
2 3 'Structure model' chem_comp_atom         
3 3 'Structure model' chem_comp_bond         
4 3 'Structure model' database_2             
5 3 'Structure model' pdbx_struct_conn_angle 
6 3 'Structure model' struct_conn            
# 
loop_
_pdbx_audit_revision_item.ordinal 
_pdbx_audit_revision_item.revision_ordinal 
_pdbx_audit_revision_item.data_content_type 
_pdbx_audit_revision_item.item 
1 3 'Structure model' '_database_2.pdbx_DOI'                      
2 3 'Structure model' '_database_2.pdbx_database_accession'       
3 3 'Structure model' '_pdbx_struct_conn_angle.ptnr1_auth_seq_id' 
4 3 'Structure model' '_pdbx_struct_conn_angle.ptnr3_auth_seq_id' 
5 3 'Structure model' '_pdbx_struct_conn_angle.value'             
6 3 'Structure model' '_struct_conn.pdbx_dist_value'              
7 3 'Structure model' '_struct_conn.ptnr2_auth_seq_id'            
# 
_pdbx_database_status.status_code                     REL 
_pdbx_database_status.status_code_sf                  REL 
_pdbx_database_status.status_code_mr                  ? 
_pdbx_database_status.entry_id                        5Y94 
_pdbx_database_status.recvd_initial_deposition_date   2017-08-22 
_pdbx_database_status.SG_entry                        N 
_pdbx_database_status.deposit_site                    PDBJ 
_pdbx_database_status.process_site                    PDBJ 
_pdbx_database_status.status_code_cs                  ? 
_pdbx_database_status.methods_development_category    ? 
_pdbx_database_status.pdb_format_compatible           Y 
_pdbx_database_status.status_code_nmr_data            ? 
# 
loop_
_audit_author.name 
_audit_author.pdbx_ordinal 
_audit_author.identifier_ORCID 
'Xu, Y.'    1 ? 
'Zhang, Y.' 2 ? 
'Song, M.'  3 ? 
'Wang, C.'  4 ? 
# 
_citation.abstract                  ? 
_citation.abstract_id_CAS           ? 
_citation.book_id_ISBN              ? 
_citation.book_publisher            ? 
_citation.book_publisher_city       ? 
_citation.book_title                ? 
_citation.coordinate_linkage        ? 
_citation.country                   US 
_citation.database_id_Medline       ? 
_citation.details                   ? 
_citation.id                        primary 
_citation.journal_abbrev            'J. Med. Chem.' 
_citation.journal_id_ASTM           JMCMAR 
_citation.journal_id_CSD            0151 
_citation.journal_id_ISSN           1520-4804 
_citation.journal_full              ? 
_citation.journal_issue             ? 
_citation.journal_volume            61 
_citation.language                  ? 
_citation.page_first                3037 
_citation.page_last                 3058 
_citation.title                     
;Structure-Based Discovery and Optimization of Benzo[ d]isoxazole Derivatives as Potent and Selective BET Inhibitors for Potential Treatment of Castration-Resistant Prostate Cancer (CRPC)
;
_citation.year                      2018 
_citation.database_id_CSD           ? 
_citation.pdbx_database_id_DOI      10.1021/acs.jmedchem.8b00103 
_citation.pdbx_database_id_PubMed   29566488 
_citation.unpublished_flag          ? 
# 
loop_
_citation_author.citation_id 
_citation_author.name 
_citation_author.ordinal 
_citation_author.identifier_ORCID 
primary 'Zhang, M.' 1  ? 
primary 'Zhang, Y.' 2  ? 
primary 'Song, M.'  3  ? 
primary 'Xue, X.'   4  ? 
primary 'Wang, J.'  5  ? 
primary 'Wang, C.'  6  ? 
primary 'Zhang, C.' 7  ? 
primary 'Li, C.'    8  ? 
primary 'Xiang, Q.' 9  ? 
primary 'Zou, L.'   10 ? 
primary 'Wu, X.'    11 ? 
primary 'Wu, C.'    12 ? 
primary 'Dong, B.'  13 ? 
primary 'Xue, W.'   14 ? 
primary 'Zhou, Y.'  15 ? 
primary 'Chen, H.'  16 ? 
primary 'Wu, D.'    17 ? 
primary 'Ding, K.'  18 ? 
primary 'Xu, Y.'    19 ? 
# 
loop_
_entity.id 
_entity.type 
_entity.src_method 
_entity.pdbx_description 
_entity.formula_weight 
_entity.pdbx_number_of_molecules 
_entity.pdbx_ec 
_entity.pdbx_mutation 
_entity.pdbx_fragment 
_entity.details 
1 polymer     man 'Bromodomain-containing protein 4'                                                        16767.326 1  ? ? 
'UNP residues 44-168' 
;sequence from 28-43 are tags.
MKKGHHHHHHLVPRGS
;
2 non-polymer syn '5-bromanyl-2-methoxy-N-[3-methyl-6-(methylamino)-1,2-benzoxazol-5-yl]benzenesulfonamide' 426.285   1  ? ? ? ? 
3 non-polymer syn 'NITRATE ION'                                                                             62.005    2  ? ? ? ? 
4 non-polymer syn GLYCEROL                                                                                  92.094    1  ? ? ? ? 
5 non-polymer syn 'SODIUM ION'                                                                              22.990    1  ? ? ? ? 
6 water       nat water                                                                                     18.015    60 ? ? ? ? 
# 
_entity_name_com.entity_id   1 
_entity_name_com.name        'Protein HUNK1' 
# 
_entity_poly.entity_id                      1 
_entity_poly.type                           'polypeptide(L)' 
_entity_poly.nstd_linkage                   no 
_entity_poly.nstd_monomer                   no 
_entity_poly.pdbx_seq_one_letter_code       
;MKKGHHHHHHLVPRGSNPPPPETSNPNKPKRQTNQLQYLLRVVLKTLWKHQFAWPFQQPVDAVKLNLPDYYKIIKTPMDM
GTIKKRLENNYYWNAQECIQDFNTMFTNCYIYNKPGDDIVLMAEALEKLFLQKINELPTEE
;
_entity_poly.pdbx_seq_one_letter_code_can   
;MKKGHHHHHHLVPRGSNPPPPETSNPNKPKRQTNQLQYLLRVVLKTLWKHQFAWPFQQPVDAVKLNLPDYYKIIKTPMDM
GTIKKRLENNYYWNAQECIQDFNTMFTNCYIYNKPGDDIVLMAEALEKLFLQKINELPTEE
;
_entity_poly.pdbx_strand_id                 A 
_entity_poly.pdbx_target_identifier         ? 
# 
loop_
_pdbx_entity_nonpoly.entity_id 
_pdbx_entity_nonpoly.name 
_pdbx_entity_nonpoly.comp_id 
2 '5-bromanyl-2-methoxy-N-[3-methyl-6-(methylamino)-1,2-benzoxazol-5-yl]benzenesulfonamide' 8QC 
3 'NITRATE ION'                                                                             NO3 
4 GLYCEROL                                                                                  GOL 
5 'SODIUM ION'                                                                              NA  
6 water                                                                                     HOH 
# 
loop_
_entity_poly_seq.entity_id 
_entity_poly_seq.num 
_entity_poly_seq.mon_id 
_entity_poly_seq.hetero 
1 1   MET n 
1 2   LYS n 
1 3   LYS n 
1 4   GLY n 
1 5   HIS n 
1 6   HIS n 
1 7   HIS n 
1 8   HIS n 
1 9   HIS n 
1 10  HIS n 
1 11  LEU n 
1 12  VAL n 
1 13  PRO n 
1 14  ARG n 
1 15  GLY n 
1 16  SER n 
1 17  ASN n 
1 18  PRO n 
1 19  PRO n 
1 20  PRO n 
1 21  PRO n 
1 22  GLU n 
1 23  THR n 
1 24  SER n 
1 25  ASN n 
1 26  PRO n 
1 27  ASN n 
1 28  LYS n 
1 29  PRO n 
1 30  LYS n 
1 31  ARG n 
1 32  GLN n 
1 33  THR n 
1 34  ASN n 
1 35  GLN n 
1 36  LEU n 
1 37  GLN n 
1 38  TYR n 
1 39  LEU n 
1 40  LEU n 
1 41  ARG n 
1 42  VAL n 
1 43  VAL n 
1 44  LEU n 
1 45  LYS n 
1 46  THR n 
1 47  LEU n 
1 48  TRP n 
1 49  LYS n 
1 50  HIS n 
1 51  GLN n 
1 52  PHE n 
1 53  ALA n 
1 54  TRP n 
1 55  PRO n 
1 56  PHE n 
1 57  GLN n 
1 58  GLN n 
1 59  PRO n 
1 60  VAL n 
1 61  ASP n 
1 62  ALA n 
1 63  VAL n 
1 64  LYS n 
1 65  LEU n 
1 66  ASN n 
1 67  LEU n 
1 68  PRO n 
1 69  ASP n 
1 70  TYR n 
1 71  TYR n 
1 72  LYS n 
1 73  ILE n 
1 74  ILE n 
1 75  LYS n 
1 76  THR n 
1 77  PRO n 
1 78  MET n 
1 79  ASP n 
1 80  MET n 
1 81  GLY n 
1 82  THR n 
1 83  ILE n 
1 84  LYS n 
1 85  LYS n 
1 86  ARG n 
1 87  LEU n 
1 88  GLU n 
1 89  ASN n 
1 90  ASN n 
1 91  TYR n 
1 92  TYR n 
1 93  TRP n 
1 94  ASN n 
1 95  ALA n 
1 96  GLN n 
1 97  GLU n 
1 98  CYS n 
1 99  ILE n 
1 100 GLN n 
1 101 ASP n 
1 102 PHE n 
1 103 ASN n 
1 104 THR n 
1 105 MET n 
1 106 PHE n 
1 107 THR n 
1 108 ASN n 
1 109 CYS n 
1 110 TYR n 
1 111 ILE n 
1 112 TYR n 
1 113 ASN n 
1 114 LYS n 
1 115 PRO n 
1 116 GLY n 
1 117 ASP n 
1 118 ASP n 
1 119 ILE n 
1 120 VAL n 
1 121 LEU n 
1 122 MET n 
1 123 ALA n 
1 124 GLU n 
1 125 ALA n 
1 126 LEU n 
1 127 GLU n 
1 128 LYS n 
1 129 LEU n 
1 130 PHE n 
1 131 LEU n 
1 132 GLN n 
1 133 LYS n 
1 134 ILE n 
1 135 ASN n 
1 136 GLU n 
1 137 LEU n 
1 138 PRO n 
1 139 THR n 
1 140 GLU n 
1 141 GLU n 
# 
_entity_src_gen.entity_id                          1 
_entity_src_gen.pdbx_src_id                        1 
_entity_src_gen.pdbx_alt_source_flag               sample 
_entity_src_gen.pdbx_seq_type                      'Biological sequence' 
_entity_src_gen.pdbx_beg_seq_num                   1 
_entity_src_gen.pdbx_end_seq_num                   141 
_entity_src_gen.gene_src_common_name               Human 
_entity_src_gen.gene_src_genus                     ? 
_entity_src_gen.pdbx_gene_src_gene                 'BRD4, HUNK1' 
_entity_src_gen.gene_src_species                   ? 
_entity_src_gen.gene_src_strain                    ? 
_entity_src_gen.gene_src_tissue                    ? 
_entity_src_gen.gene_src_tissue_fraction           ? 
_entity_src_gen.gene_src_details                   ? 
_entity_src_gen.pdbx_gene_src_fragment             ? 
_entity_src_gen.pdbx_gene_src_scientific_name      'Homo sapiens' 
_entity_src_gen.pdbx_gene_src_ncbi_taxonomy_id     9606 
_entity_src_gen.pdbx_gene_src_variant              ? 
_entity_src_gen.pdbx_gene_src_cell_line            ? 
_entity_src_gen.pdbx_gene_src_atcc                 ? 
_entity_src_gen.pdbx_gene_src_organ                ? 
_entity_src_gen.pdbx_gene_src_organelle            ? 
_entity_src_gen.pdbx_gene_src_cell                 ? 
_entity_src_gen.pdbx_gene_src_cellular_location    ? 
_entity_src_gen.host_org_common_name               ? 
_entity_src_gen.pdbx_host_org_scientific_name      'Escherichia coli BL21' 
_entity_src_gen.pdbx_host_org_ncbi_taxonomy_id     511693 
_entity_src_gen.host_org_genus                     ? 
_entity_src_gen.pdbx_host_org_gene                 ? 
_entity_src_gen.pdbx_host_org_organ                ? 
_entity_src_gen.host_org_species                   ? 
_entity_src_gen.pdbx_host_org_tissue               ? 
_entity_src_gen.pdbx_host_org_tissue_fraction      ? 
_entity_src_gen.pdbx_host_org_strain               BL21 
_entity_src_gen.pdbx_host_org_variant              ? 
_entity_src_gen.pdbx_host_org_cell_line            ? 
_entity_src_gen.pdbx_host_org_atcc                 ? 
_entity_src_gen.pdbx_host_org_culture_collection   ? 
_entity_src_gen.pdbx_host_org_cell                 ? 
_entity_src_gen.pdbx_host_org_organelle            ? 
_entity_src_gen.pdbx_host_org_cellular_location    ? 
_entity_src_gen.pdbx_host_org_vector_type          ? 
_entity_src_gen.pdbx_host_org_vector               ? 
_entity_src_gen.host_org_details                   ? 
_entity_src_gen.expression_system_id               ? 
_entity_src_gen.plasmid_name                       ? 
_entity_src_gen.plasmid_details                    ? 
_entity_src_gen.pdbx_description                   ? 
# 
loop_
_chem_comp.id 
_chem_comp.type 
_chem_comp.mon_nstd_flag 
_chem_comp.name 
_chem_comp.pdbx_synonyms 
_chem_comp.formula 
_chem_comp.formula_weight 
8QC non-polymer         . '5-bromanyl-2-methoxy-N-[3-methyl-6-(methylamino)-1,2-benzoxazol-5-yl]benzenesulfonamide' ? 
'C16 H16 Br N3 O4 S' 426.285 
ALA 'L-peptide linking' y ALANINE                                                                                   ? 'C3 H7 N O2' 
89.093  
ARG 'L-peptide linking' y ARGININE                                                                                  ? 
'C6 H15 N4 O2 1'     175.209 
ASN 'L-peptide linking' y ASPARAGINE                                                                                ? 
'C4 H8 N2 O3'        132.118 
ASP 'L-peptide linking' y 'ASPARTIC ACID'                                                                           ? 'C4 H7 N O4' 
133.103 
CYS 'L-peptide linking' y CYSTEINE                                                                                  ? 
'C3 H7 N O2 S'       121.158 
GLN 'L-peptide linking' y GLUTAMINE                                                                                 ? 
'C5 H10 N2 O3'       146.144 
GLU 'L-peptide linking' y 'GLUTAMIC ACID'                                                                           ? 'C5 H9 N O4' 
147.129 
GLY 'peptide linking'   y GLYCINE                                                                                   ? 'C2 H5 N O2' 
75.067  
GOL non-polymer         . GLYCEROL                                                                                  
'GLYCERIN; PROPANE-1,2,3-TRIOL' 'C3 H8 O3'           92.094  
HIS 'L-peptide linking' y HISTIDINE                                                                                 ? 
'C6 H10 N3 O2 1'     156.162 
HOH non-polymer         . WATER                                                                                     ? 'H2 O' 
18.015  
ILE 'L-peptide linking' y ISOLEUCINE                                                                                ? 
'C6 H13 N O2'        131.173 
LEU 'L-peptide linking' y LEUCINE                                                                                   ? 
'C6 H13 N O2'        131.173 
LYS 'L-peptide linking' y LYSINE                                                                                    ? 
'C6 H15 N2 O2 1'     147.195 
MET 'L-peptide linking' y METHIONINE                                                                                ? 
'C5 H11 N O2 S'      149.211 
NA  non-polymer         . 'SODIUM ION'                                                                              ? 'Na 1' 
22.990  
NO3 non-polymer         . 'NITRATE ION'                                                                             ? 'N O3 -1' 
62.005  
PHE 'L-peptide linking' y PHENYLALANINE                                                                             ? 
'C9 H11 N O2'        165.189 
PRO 'L-peptide linking' y PROLINE                                                                                   ? 'C5 H9 N O2' 
115.130 
SER 'L-peptide linking' y SERINE                                                                                    ? 'C3 H7 N O3' 
105.093 
THR 'L-peptide linking' y THREONINE                                                                                 ? 'C4 H9 N O3' 
119.119 
TRP 'L-peptide linking' y TRYPTOPHAN                                                                                ? 
'C11 H12 N2 O2'      204.225 
TYR 'L-peptide linking' y TYROSINE                                                                                  ? 
'C9 H11 N O3'        181.189 
VAL 'L-peptide linking' y VALINE                                                                                    ? 
'C5 H11 N O2'        117.146 
# 
loop_
_pdbx_poly_seq_scheme.asym_id 
_pdbx_poly_seq_scheme.entity_id 
_pdbx_poly_seq_scheme.seq_id 
_pdbx_poly_seq_scheme.mon_id 
_pdbx_poly_seq_scheme.ndb_seq_num 
_pdbx_poly_seq_scheme.pdb_seq_num 
_pdbx_poly_seq_scheme.auth_seq_num 
_pdbx_poly_seq_scheme.pdb_mon_id 
_pdbx_poly_seq_scheme.auth_mon_id 
_pdbx_poly_seq_scheme.pdb_strand_id 
_pdbx_poly_seq_scheme.pdb_ins_code 
_pdbx_poly_seq_scheme.hetero 
A 1 1   MET 1   28  ?   ?   ?   A . n 
A 1 2   LYS 2   29  ?   ?   ?   A . n 
A 1 3   LYS 3   30  ?   ?   ?   A . n 
A 1 4   GLY 4   31  ?   ?   ?   A . n 
A 1 5   HIS 5   32  ?   ?   ?   A . n 
A 1 6   HIS 6   33  ?   ?   ?   A . n 
A 1 7   HIS 7   34  ?   ?   ?   A . n 
A 1 8   HIS 8   35  ?   ?   ?   A . n 
A 1 9   HIS 9   36  ?   ?   ?   A . n 
A 1 10  HIS 10  37  ?   ?   ?   A . n 
A 1 11  LEU 11  38  ?   ?   ?   A . n 
A 1 12  VAL 12  39  ?   ?   ?   A . n 
A 1 13  PRO 13  40  ?   ?   ?   A . n 
A 1 14  ARG 14  41  ?   ?   ?   A . n 
A 1 15  GLY 15  42  42  GLY GLY A . n 
A 1 16  SER 16  43  43  SER SER A . n 
A 1 17  ASN 17  44  44  ASN ASN A . n 
A 1 18  PRO 18  45  45  PRO PRO A . n 
A 1 19  PRO 19  46  46  PRO PRO A . n 
A 1 20  PRO 20  47  47  PRO PRO A . n 
A 1 21  PRO 21  48  48  PRO PRO A . n 
A 1 22  GLU 22  49  49  GLU GLU A . n 
A 1 23  THR 23  50  50  THR THR A . n 
A 1 24  SER 24  51  51  SER SER A . n 
A 1 25  ASN 25  52  52  ASN ASN A . n 
A 1 26  PRO 26  53  53  PRO PRO A . n 
A 1 27  ASN 27  54  54  ASN ASN A . n 
A 1 28  LYS 28  55  55  LYS LYS A . n 
A 1 29  PRO 29  56  56  PRO PRO A . n 
A 1 30  LYS 30  57  57  LYS LYS A . n 
A 1 31  ARG 31  58  58  ARG ARG A . n 
A 1 32  GLN 32  59  59  GLN GLN A . n 
A 1 33  THR 33  60  60  THR THR A . n 
A 1 34  ASN 34  61  61  ASN ASN A . n 
A 1 35  GLN 35  62  62  GLN GLN A . n 
A 1 36  LEU 36  63  63  LEU LEU A . n 
A 1 37  GLN 37  64  64  GLN GLN A . n 
A 1 38  TYR 38  65  65  TYR TYR A . n 
A 1 39  LEU 39  66  66  LEU LEU A . n 
A 1 40  LEU 40  67  67  LEU LEU A . n 
A 1 41  ARG 41  68  68  ARG ARG A . n 
A 1 42  VAL 42  69  69  VAL VAL A . n 
A 1 43  VAL 43  70  70  VAL VAL A . n 
A 1 44  LEU 44  71  71  LEU LEU A . n 
A 1 45  LYS 45  72  72  LYS LYS A . n 
A 1 46  THR 46  73  73  THR THR A . n 
A 1 47  LEU 47  74  74  LEU LEU A . n 
A 1 48  TRP 48  75  75  TRP TRP A . n 
A 1 49  LYS 49  76  76  LYS LYS A . n 
A 1 50  HIS 50  77  77  HIS HIS A . n 
A 1 51  GLN 51  78  78  GLN GLN A . n 
A 1 52  PHE 52  79  79  PHE PHE A . n 
A 1 53  ALA 53  80  80  ALA ALA A . n 
A 1 54  TRP 54  81  81  TRP TRP A . n 
A 1 55  PRO 55  82  82  PRO PRO A . n 
A 1 56  PHE 56  83  83  PHE PHE A . n 
A 1 57  GLN 57  84  84  GLN GLN A . n 
A 1 58  GLN 58  85  85  GLN GLN A . n 
A 1 59  PRO 59  86  86  PRO PRO A . n 
A 1 60  VAL 60  87  87  VAL VAL A . n 
A 1 61  ASP 61  88  88  ASP ASP A . n 
A 1 62  ALA 62  89  89  ALA ALA A . n 
A 1 63  VAL 63  90  90  VAL VAL A . n 
A 1 64  LYS 64  91  91  LYS LYS A . n 
A 1 65  LEU 65  92  92  LEU LEU A . n 
A 1 66  ASN 66  93  93  ASN ASN A . n 
A 1 67  LEU 67  94  94  LEU LEU A . n 
A 1 68  PRO 68  95  95  PRO PRO A . n 
A 1 69  ASP 69  96  96  ASP ASP A . n 
A 1 70  TYR 70  97  97  TYR TYR A . n 
A 1 71  TYR 71  98  98  TYR TYR A . n 
A 1 72  LYS 72  99  99  LYS LYS A . n 
A 1 73  ILE 73  100 100 ILE ILE A . n 
A 1 74  ILE 74  101 101 ILE ILE A . n 
A 1 75  LYS 75  102 102 LYS LYS A . n 
A 1 76  THR 76  103 103 THR THR A . n 
A 1 77  PRO 77  104 104 PRO PRO A . n 
A 1 78  MET 78  105 105 MET MET A . n 
A 1 79  ASP 79  106 106 ASP ASP A . n 
A 1 80  MET 80  107 107 MET MET A . n 
A 1 81  GLY 81  108 108 GLY GLY A . n 
A 1 82  THR 82  109 109 THR THR A . n 
A 1 83  ILE 83  110 110 ILE ILE A . n 
A 1 84  LYS 84  111 111 LYS LYS A . n 
A 1 85  LYS 85  112 112 LYS LYS A . n 
A 1 86  ARG 86  113 113 ARG ARG A . n 
A 1 87  LEU 87  114 114 LEU LEU A . n 
A 1 88  GLU 88  115 115 GLU GLU A . n 
A 1 89  ASN 89  116 116 ASN ASN A . n 
A 1 90  ASN 90  117 117 ASN ASN A . n 
A 1 91  TYR 91  118 118 TYR TYR A . n 
A 1 92  TYR 92  119 119 TYR TYR A . n 
A 1 93  TRP 93  120 120 TRP TRP A . n 
A 1 94  ASN 94  121 121 ASN ASN A . n 
A 1 95  ALA 95  122 122 ALA ALA A . n 
A 1 96  GLN 96  123 123 GLN GLN A . n 
A 1 97  GLU 97  124 124 GLU GLU A . n 
A 1 98  CYS 98  125 125 CYS CYS A . n 
A 1 99  ILE 99  126 126 ILE ILE A . n 
A 1 100 GLN 100 127 127 GLN GLN A . n 
A 1 101 ASP 101 128 128 ASP ASP A . n 
A 1 102 PHE 102 129 129 PHE PHE A . n 
A 1 103 ASN 103 130 130 ASN ASN A . n 
A 1 104 THR 104 131 131 THR THR A . n 
A 1 105 MET 105 132 132 MET MET A . n 
A 1 106 PHE 106 133 133 PHE PHE A . n 
A 1 107 THR 107 134 134 THR THR A . n 
A 1 108 ASN 108 135 135 ASN ASN A . n 
A 1 109 CYS 109 136 136 CYS CYS A . n 
A 1 110 TYR 110 137 137 TYR TYR A . n 
A 1 111 ILE 111 138 138 ILE ILE A . n 
A 1 112 TYR 112 139 139 TYR TYR A . n 
A 1 113 ASN 113 140 140 ASN ASN A . n 
A 1 114 LYS 114 141 141 LYS LYS A . n 
A 1 115 PRO 115 142 142 PRO PRO A . n 
A 1 116 GLY 116 143 143 GLY GLY A . n 
A 1 117 ASP 117 144 144 ASP ASP A . n 
A 1 118 ASP 118 145 145 ASP ASP A . n 
A 1 119 ILE 119 146 146 ILE ILE A . n 
A 1 120 VAL 120 147 147 VAL VAL A . n 
A 1 121 LEU 121 148 148 LEU LEU A . n 
A 1 122 MET 122 149 149 MET MET A . n 
A 1 123 ALA 123 150 150 ALA ALA A . n 
A 1 124 GLU 124 151 151 GLU GLU A . n 
A 1 125 ALA 125 152 152 ALA ALA A . n 
A 1 126 LEU 126 153 153 LEU LEU A . n 
A 1 127 GLU 127 154 154 GLU GLU A . n 
A 1 128 LYS 128 155 155 LYS LYS A . n 
A 1 129 LEU 129 156 156 LEU LEU A . n 
A 1 130 PHE 130 157 157 PHE PHE A . n 
A 1 131 LEU 131 158 158 LEU LEU A . n 
A 1 132 GLN 132 159 159 GLN GLN A . n 
A 1 133 LYS 133 160 160 LYS LYS A . n 
A 1 134 ILE 134 161 161 ILE ILE A . n 
A 1 135 ASN 135 162 162 ASN ASN A . n 
A 1 136 GLU 136 163 163 GLU GLU A . n 
A 1 137 LEU 137 164 164 LEU LEU A . n 
A 1 138 PRO 138 165 165 PRO PRO A . n 
A 1 139 THR 139 166 166 THR THR A . n 
A 1 140 GLU 140 167 167 GLU GLU A . n 
A 1 141 GLU 141 168 ?   ?   ?   A . n 
# 
loop_
_pdbx_nonpoly_scheme.asym_id 
_pdbx_nonpoly_scheme.entity_id 
_pdbx_nonpoly_scheme.mon_id 
_pdbx_nonpoly_scheme.ndb_seq_num 
_pdbx_nonpoly_scheme.pdb_seq_num 
_pdbx_nonpoly_scheme.auth_seq_num 
_pdbx_nonpoly_scheme.pdb_mon_id 
_pdbx_nonpoly_scheme.auth_mon_id 
_pdbx_nonpoly_scheme.pdb_strand_id 
_pdbx_nonpoly_scheme.pdb_ins_code 
B 2 8QC 1  201 1  8QC E0J A . 
C 3 NO3 1  202 1  NO3 NO3 A . 
D 3 NO3 1  203 2  NO3 NO3 A . 
E 4 GOL 1  204 1  GOL GOL A . 
F 5 NA  1  205 1  NA  NA  A . 
G 6 HOH 1  301 53 HOH HOH A . 
G 6 HOH 2  302 36 HOH HOH A . 
G 6 HOH 3  303 11 HOH HOH A . 
G 6 HOH 4  304 10 HOH HOH A . 
G 6 HOH 5  305 19 HOH HOH A . 
G 6 HOH 6  306 27 HOH HOH A . 
G 6 HOH 7  307 17 HOH HOH A . 
G 6 HOH 8  308 16 HOH HOH A . 
G 6 HOH 9  309 18 HOH HOH A . 
G 6 HOH 10 310 39 HOH HOH A . 
G 6 HOH 11 311 28 HOH HOH A . 
G 6 HOH 12 312 20 HOH HOH A . 
G 6 HOH 13 313 1  HOH HOH A . 
G 6 HOH 14 314 21 HOH HOH A . 
G 6 HOH 15 315 25 HOH HOH A . 
G 6 HOH 16 316 42 HOH HOH A . 
G 6 HOH 17 317 45 HOH HOH A . 
G 6 HOH 18 318 54 HOH HOH A . 
G 6 HOH 19 319 24 HOH HOH A . 
G 6 HOH 20 320 51 HOH HOH A . 
G 6 HOH 21 321 14 HOH HOH A . 
G 6 HOH 22 322 9  HOH HOH A . 
G 6 HOH 23 323 52 HOH HOH A . 
G 6 HOH 24 324 7  HOH HOH A . 
G 6 HOH 25 325 41 HOH HOH A . 
G 6 HOH 26 326 34 HOH HOH A . 
G 6 HOH 27 327 15 HOH HOH A . 
G 6 HOH 28 328 60 HOH HOH A . 
G 6 HOH 29 329 32 HOH HOH A . 
G 6 HOH 30 330 13 HOH HOH A . 
G 6 HOH 31 331 4  HOH HOH A . 
G 6 HOH 32 332 8  HOH HOH A . 
G 6 HOH 33 333 38 HOH HOH A . 
G 6 HOH 34 334 37 HOH HOH A . 
G 6 HOH 35 335 43 HOH HOH A . 
G 6 HOH 36 336 44 HOH HOH A . 
G 6 HOH 37 337 3  HOH HOH A . 
G 6 HOH 38 338 23 HOH HOH A . 
G 6 HOH 39 339 40 HOH HOH A . 
G 6 HOH 40 340 50 HOH HOH A . 
G 6 HOH 41 341 47 HOH HOH A . 
G 6 HOH 42 342 59 HOH HOH A . 
G 6 HOH 43 343 22 HOH HOH A . 
G 6 HOH 44 344 12 HOH HOH A . 
G 6 HOH 45 345 31 HOH HOH A . 
G 6 HOH 46 346 49 HOH HOH A . 
G 6 HOH 47 347 6  HOH HOH A . 
G 6 HOH 48 348 33 HOH HOH A . 
G 6 HOH 49 349 58 HOH HOH A . 
G 6 HOH 50 350 5  HOH HOH A . 
G 6 HOH 51 351 57 HOH HOH A . 
G 6 HOH 52 352 46 HOH HOH A . 
G 6 HOH 53 353 56 HOH HOH A . 
G 6 HOH 54 354 62 HOH HOH A . 
G 6 HOH 55 355 55 HOH HOH A . 
G 6 HOH 56 356 30 HOH HOH A . 
G 6 HOH 57 357 2  HOH HOH A . 
G 6 HOH 58 358 35 HOH HOH A . 
G 6 HOH 59 359 61 HOH HOH A . 
G 6 HOH 60 360 48 HOH HOH A . 
# 
loop_
_software.citation_id 
_software.classification 
_software.compiler_name 
_software.compiler_version 
_software.contact_author 
_software.contact_author_email 
_software.date 
_software.description 
_software.dependencies 
_software.hardware 
_software.language 
_software.location 
_software.mods 
_software.name 
_software.os 
_software.os_version 
_software.type 
_software.version 
_software.pdbx_ordinal 
? 'data scaling'    ? ? ? ? ? ? ? ? ? ? ? Aimless     ? ? ? 0.5.14   1 
? refinement        ? ? ? ? ? ? ? ? ? ? ? REFMAC      ? ? ? 5.8.0135 2 
? 'data extraction' ? ? ? ? ? ? ? ? ? ? ? PDB_EXTRACT ? ? ? 3.22     3 
? 'data reduction'  ? ? ? ? ? ? ? ? ? ? ? iMOSFLM     ? ? ? .        4 
? phasing           ? ? ? ? ? ? ? ? ? ? ? MOLREP      ? ? ? .        5 
# 
_cell.angle_alpha                  90.000 
_cell.angle_alpha_esd              ? 
_cell.angle_beta                   90.000 
_cell.angle_beta_esd               ? 
_cell.angle_gamma                  90.000 
_cell.angle_gamma_esd              ? 
_cell.entry_id                     5Y94 
_cell.details                      ? 
_cell.formula_units_Z              ? 
_cell.length_a                     38.850 
_cell.length_a_esd                 ? 
_cell.length_b                     48.310 
_cell.length_b_esd                 ? 
_cell.length_c                     77.640 
_cell.length_c_esd                 ? 
_cell.volume                       ? 
_cell.volume_esd                   ? 
_cell.Z_PDB                        4 
_cell.reciprocal_angle_alpha       ? 
_cell.reciprocal_angle_beta        ? 
_cell.reciprocal_angle_gamma       ? 
_cell.reciprocal_angle_alpha_esd   ? 
_cell.reciprocal_angle_beta_esd    ? 
_cell.reciprocal_angle_gamma_esd   ? 
_cell.reciprocal_length_a          ? 
_cell.reciprocal_length_b          ? 
_cell.reciprocal_length_c          ? 
_cell.reciprocal_length_a_esd      ? 
_cell.reciprocal_length_b_esd      ? 
_cell.reciprocal_length_c_esd      ? 
_cell.pdbx_unique_axis             ? 
# 
_symmetry.entry_id                         5Y94 
_symmetry.cell_setting                     ? 
_symmetry.Int_Tables_number                19 
_symmetry.space_group_name_Hall            ? 
_symmetry.space_group_name_H-M             'P 21 21 21' 
_symmetry.pdbx_full_space_group_name_H-M   ? 
# 
_exptl.absorpt_coefficient_mu     ? 
_exptl.absorpt_correction_T_max   ? 
_exptl.absorpt_correction_T_min   ? 
_exptl.absorpt_correction_type    ? 
_exptl.absorpt_process_details    ? 
_exptl.entry_id                   5Y94 
_exptl.crystals_number            1 
_exptl.details                    ? 
_exptl.method                     'X-RAY DIFFRACTION' 
_exptl.method_details             ? 
# 
_exptl_crystal.colour                      ? 
_exptl_crystal.density_diffrn              ? 
_exptl_crystal.density_Matthews            2.17 
_exptl_crystal.density_method              ? 
_exptl_crystal.density_percent_sol         43.39 
_exptl_crystal.description                 ? 
_exptl_crystal.F_000                       ? 
_exptl_crystal.id                          1 
_exptl_crystal.preparation                 ? 
_exptl_crystal.size_max                    ? 
_exptl_crystal.size_mid                    ? 
_exptl_crystal.size_min                    ? 
_exptl_crystal.size_rad                    ? 
_exptl_crystal.colour_lustre               ? 
_exptl_crystal.colour_modifier             ? 
_exptl_crystal.colour_primary              ? 
_exptl_crystal.density_meas                ? 
_exptl_crystal.density_meas_esd            ? 
_exptl_crystal.density_meas_gt             ? 
_exptl_crystal.density_meas_lt             ? 
_exptl_crystal.density_meas_temp           ? 
_exptl_crystal.density_meas_temp_esd       ? 
_exptl_crystal.density_meas_temp_gt        ? 
_exptl_crystal.density_meas_temp_lt        ? 
_exptl_crystal.pdbx_crystal_image_url      ? 
_exptl_crystal.pdbx_crystal_image_format   ? 
_exptl_crystal.pdbx_mosaicity              ? 
_exptl_crystal.pdbx_mosaicity_esd          ? 
# 
_exptl_crystal_grow.apparatus       ? 
_exptl_crystal_grow.atmosphere      ? 
_exptl_crystal_grow.crystal_id      1 
_exptl_crystal_grow.details         ? 
_exptl_crystal_grow.method          'VAPOR DIFFUSION, SITTING DROP' 
_exptl_crystal_grow.method_ref      ? 
_exptl_crystal_grow.pH              8.0 
_exptl_crystal_grow.pressure        ? 
_exptl_crystal_grow.pressure_esd    ? 
_exptl_crystal_grow.seeding         ? 
_exptl_crystal_grow.seeding_ref     ? 
_exptl_crystal_grow.temp            277 
_exptl_crystal_grow.temp_details    ? 
_exptl_crystal_grow.temp_esd        ? 
_exptl_crystal_grow.time            ? 
_exptl_crystal_grow.pdbx_details    '20% PEG3350, 0.2M NaNO3, 0.1M HEPES, 10% EtGhly,pH8.0' 
_exptl_crystal_grow.pdbx_pH_range   ? 
# 
_diffrn.ambient_environment    ? 
_diffrn.ambient_temp           80 
_diffrn.ambient_temp_details   ? 
_diffrn.ambient_temp_esd       ? 
_diffrn.crystal_id             1 
_diffrn.crystal_support        ? 
_diffrn.crystal_treatment      ? 
_diffrn.details                ? 
_diffrn.id                     1 
_diffrn.ambient_pressure       ? 
_diffrn.ambient_pressure_esd   ? 
_diffrn.ambient_pressure_gt    ? 
_diffrn.ambient_pressure_lt    ? 
_diffrn.ambient_temp_gt        ? 
_diffrn.ambient_temp_lt        ? 
# 
_diffrn_detector.details                      ? 
_diffrn_detector.detector                     PIXEL 
_diffrn_detector.diffrn_id                    1 
_diffrn_detector.type                         'DECTRIS PILATUS 6M' 
_diffrn_detector.area_resol_mean              ? 
_diffrn_detector.dtime                        ? 
_diffrn_detector.pdbx_frames_total            ? 
_diffrn_detector.pdbx_collection_time_total   ? 
_diffrn_detector.pdbx_collection_date         2015-09-07 
# 
_diffrn_radiation.collimation                      ? 
_diffrn_radiation.diffrn_id                        1 
_diffrn_radiation.filter_edge                      ? 
_diffrn_radiation.inhomogeneity                    ? 
_diffrn_radiation.monochromator                    ? 
_diffrn_radiation.polarisn_norm                    ? 
_diffrn_radiation.polarisn_ratio                   ? 
_diffrn_radiation.probe                            ? 
_diffrn_radiation.type                             ? 
_diffrn_radiation.xray_symbol                      ? 
_diffrn_radiation.wavelength_id                    1 
_diffrn_radiation.pdbx_monochromatic_or_laue_m_l   M 
_diffrn_radiation.pdbx_wavelength_list             ? 
_diffrn_radiation.pdbx_wavelength                  ? 
_diffrn_radiation.pdbx_diffrn_protocol             'SINGLE WAVELENGTH' 
_diffrn_radiation.pdbx_analyzer                    ? 
_diffrn_radiation.pdbx_scattering_type             x-ray 
# 
_diffrn_radiation_wavelength.id           1 
_diffrn_radiation_wavelength.wavelength   0.97853 
_diffrn_radiation_wavelength.wt           1.0 
# 
_diffrn_source.current                     ? 
_diffrn_source.details                     ? 
_diffrn_source.diffrn_id                   1 
_diffrn_source.power                       ? 
_diffrn_source.size                        ? 
_diffrn_source.source                      SYNCHROTRON 
_diffrn_source.target                      ? 
_diffrn_source.type                        'SSRF BEAMLINE BL19U1' 
_diffrn_source.voltage                     ? 
_diffrn_source.take-off_angle              ? 
_diffrn_source.pdbx_wavelength_list        0.97853 
_diffrn_source.pdbx_wavelength             ? 
_diffrn_source.pdbx_synchrotron_beamline   BL19U1 
_diffrn_source.pdbx_synchrotron_site       SSRF 
# 
_reflns.B_iso_Wilson_estimate            ? 
_reflns.entry_id                         5Y94 
_reflns.data_reduction_details           ? 
_reflns.data_reduction_method            ? 
_reflns.d_resolution_high                2.000 
_reflns.d_resolution_low                 77.640 
_reflns.details                          ? 
_reflns.limit_h_max                      ? 
_reflns.limit_h_min                      ? 
_reflns.limit_k_max                      ? 
_reflns.limit_k_min                      ? 
_reflns.limit_l_max                      ? 
_reflns.limit_l_min                      ? 
_reflns.number_all                       ? 
_reflns.number_obs                       10326 
_reflns.observed_criterion               ? 
_reflns.observed_criterion_F_max         ? 
_reflns.observed_criterion_F_min         ? 
_reflns.observed_criterion_I_max         ? 
_reflns.observed_criterion_I_min         ? 
_reflns.observed_criterion_sigma_F       ? 
_reflns.observed_criterion_sigma_I       ? 
_reflns.percent_possible_obs             99.600 
_reflns.R_free_details                   ? 
_reflns.Rmerge_F_all                     ? 
_reflns.Rmerge_F_obs                     ? 
_reflns.Friedel_coverage                 ? 
_reflns.number_gt                        ? 
_reflns.threshold_expression             ? 
_reflns.pdbx_redundancy                  6.300 
_reflns.pdbx_Rmerge_I_obs                0.102 
_reflns.pdbx_Rmerge_I_all                ? 
_reflns.pdbx_Rsym_value                  ? 
_reflns.pdbx_netI_over_av_sigmaI         ? 
_reflns.pdbx_netI_over_sigmaI            11.000 
_reflns.pdbx_res_netI_over_av_sigmaI_2   ? 
_reflns.pdbx_res_netI_over_sigmaI_2      ? 
_reflns.pdbx_chi_squared                 ? 
_reflns.pdbx_scaling_rejects             182 
_reflns.pdbx_d_res_high_opt              ? 
_reflns.pdbx_d_res_low_opt               ? 
_reflns.pdbx_d_res_opt_method            ? 
_reflns.phase_calculation_details        ? 
_reflns.pdbx_Rrim_I_all                  0.111 
_reflns.pdbx_Rpim_I_all                  0.043 
_reflns.pdbx_d_opt                       ? 
_reflns.pdbx_number_measured_all         64977 
_reflns.pdbx_diffrn_id                   1 
_reflns.pdbx_ordinal                     1 
_reflns.pdbx_CC_half                     0.996 
_reflns.pdbx_R_split                     ? 
# 
_reflns_shell.d_res_high                  2.000 
_reflns_shell.d_res_low                   2.050 
_reflns_shell.meanI_over_sigI_all         ? 
_reflns_shell.meanI_over_sigI_obs         ? 
_reflns_shell.number_measured_all         ? 
_reflns_shell.number_measured_obs         ? 
_reflns_shell.number_possible             ? 
_reflns_shell.number_unique_all           ? 
_reflns_shell.number_unique_obs           731 
_reflns_shell.percent_possible_all        99.700 
_reflns_shell.percent_possible_obs        ? 
_reflns_shell.Rmerge_F_all                ? 
_reflns_shell.Rmerge_F_obs                ? 
_reflns_shell.Rmerge_I_all                ? 
_reflns_shell.Rmerge_I_obs                0.435 
_reflns_shell.meanI_over_sigI_gt          ? 
_reflns_shell.meanI_over_uI_all           ? 
_reflns_shell.meanI_over_uI_gt            ? 
_reflns_shell.number_measured_gt          ? 
_reflns_shell.number_unique_gt            ? 
_reflns_shell.percent_possible_gt         ? 
_reflns_shell.Rmerge_F_gt                 ? 
_reflns_shell.Rmerge_I_gt                 ? 
_reflns_shell.pdbx_redundancy             6.500 
_reflns_shell.pdbx_Rsym_value             ? 
_reflns_shell.pdbx_chi_squared            ? 
_reflns_shell.pdbx_netI_over_sigmaI_all   ? 
_reflns_shell.pdbx_netI_over_sigmaI_obs   ? 
_reflns_shell.pdbx_Rrim_I_all             0.473 
_reflns_shell.pdbx_Rpim_I_all             0.182 
_reflns_shell.pdbx_rejects                ? 
_reflns_shell.pdbx_ordinal                1 
_reflns_shell.pdbx_diffrn_id              1 
_reflns_shell.pdbx_CC_half                0.946 
_reflns_shell.pdbx_R_split                ? 
# 
_refine.aniso_B[1][1]                            4.2600 
_refine.aniso_B[1][2]                            0.0000 
_refine.aniso_B[1][3]                            0.0000 
_refine.aniso_B[2][2]                            -1.0000 
_refine.aniso_B[2][3]                            0.0000 
_refine.aniso_B[3][3]                            -3.2600 
_refine.B_iso_max                                87.140 
_refine.B_iso_mean                               26.6730 
_refine.B_iso_min                                13.750 
_refine.correlation_coeff_Fo_to_Fc               0.9510 
_refine.correlation_coeff_Fo_to_Fc_free          0.9360 
_refine.details                                  
'HYDROGENS HAVE BEEN ADDED IN THE RIDING POSITIONS U VALUES      : REFINED INDIVIDUALLY' 
_refine.diff_density_max                         ? 
_refine.diff_density_max_esd                     ? 
_refine.diff_density_min                         ? 
_refine.diff_density_min_esd                     ? 
_refine.diff_density_rms                         ? 
_refine.diff_density_rms_esd                     ? 
_refine.entry_id                                 5Y94 
_refine.pdbx_refine_id                           'X-RAY DIFFRACTION' 
_refine.ls_abs_structure_details                 ? 
_refine.ls_abs_structure_Flack                   ? 
_refine.ls_abs_structure_Flack_esd               ? 
_refine.ls_abs_structure_Rogers                  ? 
_refine.ls_abs_structure_Rogers_esd              ? 
_refine.ls_d_res_high                            2.0000 
_refine.ls_d_res_low                             41.0200 
_refine.ls_extinction_coef                       ? 
_refine.ls_extinction_coef_esd                   ? 
_refine.ls_extinction_expression                 ? 
_refine.ls_extinction_method                     ? 
_refine.ls_goodness_of_fit_all                   ? 
_refine.ls_goodness_of_fit_all_esd               ? 
_refine.ls_goodness_of_fit_obs                   ? 
_refine.ls_goodness_of_fit_obs_esd               ? 
_refine.ls_hydrogen_treatment                    ? 
_refine.ls_matrix_type                           ? 
_refine.ls_number_constraints                    ? 
_refine.ls_number_parameters                     ? 
_refine.ls_number_reflns_all                     ? 
_refine.ls_number_reflns_obs                     9732 
_refine.ls_number_reflns_R_free                  548 
_refine.ls_number_reflns_R_work                  ? 
_refine.ls_number_restraints                     ? 
_refine.ls_percent_reflns_obs                    99.3300 
_refine.ls_percent_reflns_R_free                 5.3000 
_refine.ls_R_factor_all                          ? 
_refine.ls_R_factor_obs                          0.1798 
_refine.ls_R_factor_R_free                       0.2233 
_refine.ls_R_factor_R_free_error                 ? 
_refine.ls_R_factor_R_free_error_details         ? 
_refine.ls_R_factor_R_work                       0.1774 
_refine.ls_R_Fsqd_factor_obs                     ? 
_refine.ls_R_I_factor_obs                        ? 
_refine.ls_redundancy_reflns_all                 ? 
_refine.ls_redundancy_reflns_obs                 ? 
_refine.ls_restrained_S_all                      ? 
_refine.ls_restrained_S_obs                      ? 
_refine.ls_shift_over_esd_max                    ? 
_refine.ls_shift_over_esd_mean                   ? 
_refine.ls_structure_factor_coef                 ? 
_refine.ls_weighting_details                     ? 
_refine.ls_weighting_scheme                      ? 
_refine.ls_wR_factor_all                         ? 
_refine.ls_wR_factor_obs                         ? 
_refine.ls_wR_factor_R_free                      ? 
_refine.ls_wR_factor_R_work                      ? 
_refine.occupancy_max                            ? 
_refine.occupancy_min                            ? 
_refine.solvent_model_details                    ? 
_refine.solvent_model_param_bsol                 ? 
_refine.solvent_model_param_ksol                 ? 
_refine.ls_R_factor_gt                           ? 
_refine.ls_goodness_of_fit_gt                    ? 
_refine.ls_goodness_of_fit_ref                   ? 
_refine.ls_shift_over_su_max                     ? 
_refine.ls_shift_over_su_max_lt                  ? 
_refine.ls_shift_over_su_mean                    ? 
_refine.ls_shift_over_su_mean_lt                 ? 
_refine.pdbx_ls_sigma_I                          ? 
_refine.pdbx_ls_sigma_F                          0.000 
_refine.pdbx_ls_sigma_Fsqd                       ? 
_refine.pdbx_data_cutoff_high_absF               ? 
_refine.pdbx_data_cutoff_high_rms_absF           ? 
_refine.pdbx_data_cutoff_low_absF                ? 
_refine.pdbx_isotropic_thermal_model             ? 
_refine.pdbx_ls_cross_valid_method               THROUGHOUT 
_refine.pdbx_method_to_determine_struct          ? 
_refine.pdbx_starting_model                      ? 
_refine.pdbx_stereochemistry_target_values       ? 
_refine.pdbx_R_Free_selection_details            RANDOM 
_refine.pdbx_stereochem_target_val_spec_case     ? 
_refine.pdbx_overall_ESU_R                       0.1720 
_refine.pdbx_overall_ESU_R_Free                  0.1570 
_refine.pdbx_solvent_vdw_probe_radii             1.2000 
_refine.pdbx_solvent_ion_probe_radii             0.8000 
_refine.pdbx_solvent_shrinkage_radii             0.8000 
_refine.pdbx_real_space_R                        ? 
_refine.pdbx_density_correlation                 ? 
_refine.pdbx_pd_number_of_powder_patterns        ? 
_refine.pdbx_pd_number_of_points                 ? 
_refine.pdbx_pd_meas_number_of_points            ? 
_refine.pdbx_pd_proc_ls_prof_R_factor            ? 
_refine.pdbx_pd_proc_ls_prof_wR_factor           ? 
_refine.pdbx_pd_Marquardt_correlation_coeff      ? 
_refine.pdbx_pd_Fsqrd_R_factor                   ? 
_refine.pdbx_pd_ls_matrix_band_width             ? 
_refine.pdbx_overall_phase_error                 ? 
_refine.pdbx_overall_SU_R_free_Cruickshank_DPI   ? 
_refine.pdbx_overall_SU_R_free_Blow_DPI          ? 
_refine.pdbx_overall_SU_R_Blow_DPI               ? 
_refine.pdbx_TLS_residual_ADP_flag               ? 
_refine.pdbx_diffrn_id                           1 
_refine.overall_SU_B                             4.2780 
_refine.overall_SU_ML                            0.1140 
_refine.overall_SU_R_Cruickshank_DPI             ? 
_refine.overall_SU_R_free                        ? 
_refine.overall_FOM_free_R_set                   ? 
_refine.overall_FOM_work_R_set                   ? 
_refine.pdbx_average_fsc_overall                 ? 
_refine.pdbx_average_fsc_work                    ? 
_refine.pdbx_average_fsc_free                    ? 
# 
_refine_hist.cycle_id                         final 
_refine_hist.pdbx_refine_id                   'X-RAY DIFFRACTION' 
_refine_hist.d_res_high                       2.0000 
_refine_hist.d_res_low                        41.0200 
_refine_hist.pdbx_number_atoms_ligand         40 
_refine_hist.number_atoms_solvent             60 
_refine_hist.number_atoms_total               1148 
_refine_hist.pdbx_number_residues_total       126 
_refine_hist.pdbx_B_iso_mean_ligand           29.56 
_refine_hist.pdbx_B_iso_mean_solvent          27.33 
_refine_hist.pdbx_number_atoms_protein        1048 
_refine_hist.pdbx_number_atoms_nucleic_acid   0 
# 
loop_
_refine_ls_restr.pdbx_refine_id 
_refine_ls_restr.criterion 
_refine_ls_restr.dev_ideal 
_refine_ls_restr.dev_ideal_target 
_refine_ls_restr.number 
_refine_ls_restr.rejects 
_refine_ls_restr.type 
_refine_ls_restr.weight 
_refine_ls_restr.pdbx_restraint_function 
'X-RAY DIFFRACTION' ? 0.019  0.020  1125 ? r_bond_refined_d       ? ? 
'X-RAY DIFFRACTION' ? 0.002  0.020  1057 ? r_bond_other_d         ? ? 
'X-RAY DIFFRACTION' ? 1.839  2.000  1532 ? r_angle_refined_deg    ? ? 
'X-RAY DIFFRACTION' ? 1.053  3.004  2441 ? r_angle_other_deg      ? ? 
'X-RAY DIFFRACTION' ? 6.315  5.000  127  ? r_dihedral_angle_1_deg ? ? 
'X-RAY DIFFRACTION' ? 39.777 25.926 54   ? r_dihedral_angle_2_deg ? ? 
'X-RAY DIFFRACTION' ? 16.871 15.000 193  ? r_dihedral_angle_3_deg ? ? 
'X-RAY DIFFRACTION' ? 18.981 15.000 3    ? r_dihedral_angle_4_deg ? ? 
'X-RAY DIFFRACTION' ? 0.117  0.200  159  ? r_chiral_restr         ? ? 
'X-RAY DIFFRACTION' ? 0.010  0.021  1262 ? r_gen_planes_refined   ? ? 
'X-RAY DIFFRACTION' ? 0.001  0.020  253  ? r_gen_planes_other     ? ? 
# 
_refine_ls_shell.pdbx_refine_id                   'X-RAY DIFFRACTION' 
_refine_ls_shell.d_res_high                       2.0000 
_refine_ls_shell.d_res_low                        2.0520 
_refine_ls_shell.number_reflns_all                726 
_refine_ls_shell.number_reflns_obs                ? 
_refine_ls_shell.number_reflns_R_free             35 
_refine_ls_shell.number_reflns_R_work             691 
_refine_ls_shell.percent_reflns_obs               99.3200 
_refine_ls_shell.percent_reflns_R_free            ? 
_refine_ls_shell.R_factor_all                     ? 
_refine_ls_shell.R_factor_obs                     ? 
_refine_ls_shell.R_factor_R_free                  0.2910 
_refine_ls_shell.R_factor_R_free_error            0.0000 
_refine_ls_shell.R_factor_R_work                  0.2210 
_refine_ls_shell.redundancy_reflns_all            ? 
_refine_ls_shell.redundancy_reflns_obs            ? 
_refine_ls_shell.wR_factor_all                    ? 
_refine_ls_shell.wR_factor_obs                    ? 
_refine_ls_shell.wR_factor_R_free                 ? 
_refine_ls_shell.wR_factor_R_work                 ? 
_refine_ls_shell.pdbx_total_number_of_bins_used   20 
_refine_ls_shell.pdbx_phase_error                 ? 
_refine_ls_shell.pdbx_fsc_work                    ? 
_refine_ls_shell.pdbx_fsc_free                    ? 
# 
_struct.entry_id                     5Y94 
_struct.title                        'Crystal Structure Analysis of the BRD4' 
_struct.pdbx_model_details           ? 
_struct.pdbx_formula_weight          ? 
_struct.pdbx_formula_weight_method   ? 
_struct.pdbx_model_type_details      ? 
_struct.pdbx_CASP_flag               N 
# 
_struct_keywords.entry_id        5Y94 
_struct_keywords.text            'BRD4(1), Bromodomain, TRANSCRIPTION' 
_struct_keywords.pdbx_keywords   TRANSCRIPTION 
# 
loop_
_struct_asym.id 
_struct_asym.pdbx_blank_PDB_chainid_flag 
_struct_asym.pdbx_modified 
_struct_asym.entity_id 
_struct_asym.details 
A N N 1 ? 
B N N 2 ? 
C N N 3 ? 
D N N 3 ? 
E N N 4 ? 
F N N 5 ? 
G N N 6 ? 
# 
_struct_ref.id                         1 
_struct_ref.db_name                    UNP 
_struct_ref.db_code                    BRD4_HUMAN 
_struct_ref.pdbx_db_accession          O60885 
_struct_ref.pdbx_db_isoform            ? 
_struct_ref.entity_id                  1 
_struct_ref.pdbx_seq_one_letter_code   
;NPPPPETSNPNKPKRQTNQLQYLLRVVLKTLWKHQFAWPFQQPVDAVKLNLPDYYKIIKTPMDMGTIKKRLENNYYWNAQ
ECIQDFNTMFTNCYIYNKPGDDIVLMAEALEKLFLQKINELPTEE
;
_struct_ref.pdbx_align_begin           44 
# 
_struct_ref_seq.align_id                      1 
_struct_ref_seq.ref_id                        1 
_struct_ref_seq.pdbx_PDB_id_code              5Y94 
_struct_ref_seq.pdbx_strand_id                A 
_struct_ref_seq.seq_align_beg                 17 
_struct_ref_seq.pdbx_seq_align_beg_ins_code   ? 
_struct_ref_seq.seq_align_end                 141 
_struct_ref_seq.pdbx_seq_align_end_ins_code   ? 
_struct_ref_seq.pdbx_db_accession             O60885 
_struct_ref_seq.db_align_beg                  44 
_struct_ref_seq.pdbx_db_align_beg_ins_code    ? 
_struct_ref_seq.db_align_end                  168 
_struct_ref_seq.pdbx_db_align_end_ins_code    ? 
_struct_ref_seq.pdbx_auth_seq_align_beg       44 
_struct_ref_seq.pdbx_auth_seq_align_end       168 
# 
loop_
_struct_ref_seq_dif.align_id 
_struct_ref_seq_dif.pdbx_pdb_id_code 
_struct_ref_seq_dif.mon_id 
_struct_ref_seq_dif.pdbx_pdb_strand_id 
_struct_ref_seq_dif.seq_num 
_struct_ref_seq_dif.pdbx_pdb_ins_code 
_struct_ref_seq_dif.pdbx_seq_db_name 
_struct_ref_seq_dif.pdbx_seq_db_accession_code 
_struct_ref_seq_dif.db_mon_id 
_struct_ref_seq_dif.pdbx_seq_db_seq_num 
_struct_ref_seq_dif.details 
_struct_ref_seq_dif.pdbx_auth_seq_num 
_struct_ref_seq_dif.pdbx_ordinal 
1 5Y94 MET A 1  ? UNP O60885 ? ? 'expression tag' 28 1  
1 5Y94 LYS A 2  ? UNP O60885 ? ? 'expression tag' 29 2  
1 5Y94 LYS A 3  ? UNP O60885 ? ? 'expression tag' 30 3  
1 5Y94 GLY A 4  ? UNP O60885 ? ? 'expression tag' 31 4  
1 5Y94 HIS A 5  ? UNP O60885 ? ? 'expression tag' 32 5  
1 5Y94 HIS A 6  ? UNP O60885 ? ? 'expression tag' 33 6  
1 5Y94 HIS A 7  ? UNP O60885 ? ? 'expression tag' 34 7  
1 5Y94 HIS A 8  ? UNP O60885 ? ? 'expression tag' 35 8  
1 5Y94 HIS A 9  ? UNP O60885 ? ? 'expression tag' 36 9  
1 5Y94 HIS A 10 ? UNP O60885 ? ? 'expression tag' 37 10 
1 5Y94 LEU A 11 ? UNP O60885 ? ? 'expression tag' 38 11 
1 5Y94 VAL A 12 ? UNP O60885 ? ? 'expression tag' 39 12 
1 5Y94 PRO A 13 ? UNP O60885 ? ? 'expression tag' 40 13 
1 5Y94 ARG A 14 ? UNP O60885 ? ? 'expression tag' 41 14 
1 5Y94 GLY A 15 ? UNP O60885 ? ? 'expression tag' 42 15 
1 5Y94 SER A 16 ? UNP O60885 ? ? 'expression tag' 43 16 
# 
_pdbx_struct_assembly.id                   1 
_pdbx_struct_assembly.details              author_and_software_defined_assembly 
_pdbx_struct_assembly.method_details       PISA 
_pdbx_struct_assembly.oligomeric_details   monomeric 
_pdbx_struct_assembly.oligomeric_count     1 
# 
loop_
_pdbx_struct_assembly_prop.biol_id 
_pdbx_struct_assembly_prop.type 
_pdbx_struct_assembly_prop.value 
_pdbx_struct_assembly_prop.details 
1 'ABSA (A^2)' 120  ? 
1 MORE         -9   ? 
1 'SSA (A^2)'  7460 ? 
# 
_pdbx_struct_assembly_gen.assembly_id       1 
_pdbx_struct_assembly_gen.oper_expression   1 
_pdbx_struct_assembly_gen.asym_id_list      A,B,C,D,E,F,G 
# 
_pdbx_struct_assembly_auth_evidence.id                     1 
_pdbx_struct_assembly_auth_evidence.assembly_id            1 
_pdbx_struct_assembly_auth_evidence.experimental_support   none 
_pdbx_struct_assembly_auth_evidence.details                ? 
# 
_pdbx_struct_oper_list.id                   1 
_pdbx_struct_oper_list.type                 'identity operation' 
_pdbx_struct_oper_list.name                 1_555 
_pdbx_struct_oper_list.symmetry_operation   x,y,z 
_pdbx_struct_oper_list.matrix[1][1]         1.0000000000 
_pdbx_struct_oper_list.matrix[1][2]         0.0000000000 
_pdbx_struct_oper_list.matrix[1][3]         0.0000000000 
_pdbx_struct_oper_list.vector[1]            0.0000000000 
_pdbx_struct_oper_list.matrix[2][1]         0.0000000000 
_pdbx_struct_oper_list.matrix[2][2]         1.0000000000 
_pdbx_struct_oper_list.matrix[2][3]         0.0000000000 
_pdbx_struct_oper_list.vector[2]            0.0000000000 
_pdbx_struct_oper_list.matrix[3][1]         0.0000000000 
_pdbx_struct_oper_list.matrix[3][2]         0.0000000000 
_pdbx_struct_oper_list.matrix[3][3]         1.0000000000 
_pdbx_struct_oper_list.vector[3]            0.0000000000 
# 
loop_
_struct_conf.conf_type_id 
_struct_conf.id 
_struct_conf.pdbx_PDB_helix_id 
_struct_conf.beg_label_comp_id 
_struct_conf.beg_label_asym_id 
_struct_conf.beg_label_seq_id 
_struct_conf.pdbx_beg_PDB_ins_code 
_struct_conf.end_label_comp_id 
_struct_conf.end_label_asym_id 
_struct_conf.end_label_seq_id 
_struct_conf.pdbx_end_PDB_ins_code 
_struct_conf.beg_auth_comp_id 
_struct_conf.beg_auth_asym_id 
_struct_conf.beg_auth_seq_id 
_struct_conf.end_auth_comp_id 
_struct_conf.end_auth_asym_id 
_struct_conf.end_auth_seq_id 
_struct_conf.pdbx_PDB_helix_class 
_struct_conf.details 
_struct_conf.pdbx_PDB_helix_length 
HELX_P HELX_P1 AA1 THR A 33  ? VAL A 42  ? THR A 60  VAL A 69  1 ? 10 
HELX_P HELX_P2 AA2 VAL A 42  ? HIS A 50  ? VAL A 69  HIS A 77  1 ? 9  
HELX_P HELX_P3 AA3 GLN A 51  ? GLN A 57  ? GLN A 78  GLN A 84  5 ? 7  
HELX_P HELX_P4 AA4 ASP A 69  ? ILE A 74  ? ASP A 96  ILE A 101 1 ? 6  
HELX_P HELX_P5 AA5 ASP A 79  ? ASN A 89  ? ASP A 106 ASN A 116 1 ? 11 
HELX_P HELX_P6 AA6 ASN A 94  ? ASN A 113 ? ASN A 121 ASN A 140 1 ? 20 
HELX_P HELX_P7 AA7 ASP A 117 ? GLU A 136 ? ASP A 144 GLU A 163 1 ? 20 
# 
_struct_conf_type.id          HELX_P 
_struct_conf_type.criteria    ? 
_struct_conf_type.reference   ? 
# 
loop_
_struct_conn.id 
_struct_conn.conn_type_id 
_struct_conn.pdbx_leaving_atom_flag 
_struct_conn.pdbx_PDB_id 
_struct_conn.ptnr1_label_asym_id 
_struct_conn.ptnr1_label_comp_id 
_struct_conn.ptnr1_label_seq_id 
_struct_conn.ptnr1_label_atom_id 
_struct_conn.pdbx_ptnr1_label_alt_id 
_struct_conn.pdbx_ptnr1_PDB_ins_code 
_struct_conn.pdbx_ptnr1_standard_comp_id 
_struct_conn.ptnr1_symmetry 
_struct_conn.ptnr2_label_asym_id 
_struct_conn.ptnr2_label_comp_id 
_struct_conn.ptnr2_label_seq_id 
_struct_conn.ptnr2_label_atom_id 
_struct_conn.pdbx_ptnr2_label_alt_id 
_struct_conn.pdbx_ptnr2_PDB_ins_code 
_struct_conn.ptnr1_auth_asym_id 
_struct_conn.ptnr1_auth_comp_id 
_struct_conn.ptnr1_auth_seq_id 
_struct_conn.ptnr2_auth_asym_id 
_struct_conn.ptnr2_auth_comp_id 
_struct_conn.ptnr2_auth_seq_id 
_struct_conn.ptnr2_symmetry 
_struct_conn.pdbx_ptnr3_label_atom_id 
_struct_conn.pdbx_ptnr3_label_seq_id 
_struct_conn.pdbx_ptnr3_label_comp_id 
_struct_conn.pdbx_ptnr3_label_asym_id 
_struct_conn.pdbx_ptnr3_label_alt_id 
_struct_conn.pdbx_ptnr3_PDB_ins_code 
_struct_conn.details 
_struct_conn.pdbx_dist_value 
_struct_conn.pdbx_value_order 
_struct_conn.pdbx_role 
metalc1 metalc ? ? A TYR 110 O  ? ? ? 1_555 F NA  . NA ? ? A TYR 137 A NA  205 1_555 ? ? ? ? ? ? ? 2.395 ? ? 
metalc2 metalc ? ? A ILE 111 O  ? ? ? 1_555 F NA  . NA ? ? A ILE 138 A NA  205 1_555 ? ? ? ? ? ? ? 2.512 ? ? 
metalc3 metalc ? ? A ASN 113 O  ? ? ? 1_555 F NA  . NA ? ? A ASN 140 A NA  205 1_555 ? ? ? ? ? ? ? 2.202 ? ? 
metalc4 metalc ? ? F NA  .   NA ? ? ? 1_555 G HOH . O  ? ? A NA  205 A HOH 353 1_555 ? ? ? ? ? ? ? 2.313 ? ? 
metalc5 metalc ? ? F NA  .   NA ? ? ? 1_555 G HOH . O  ? ? A NA  205 A HOH 355 1_555 ? ? ? ? ? ? ? 2.412 ? ? 
metalc6 metalc ? ? F NA  .   NA ? ? ? 1_555 G HOH . O  ? ? A NA  205 A HOH 356 1_555 ? ? ? ? ? ? ? 2.322 ? ? 
# 
_struct_conn_type.id          metalc 
_struct_conn_type.criteria    ? 
_struct_conn_type.reference   ? 
# 
loop_
_pdbx_struct_conn_angle.id 
_pdbx_struct_conn_angle.ptnr1_label_atom_id 
_pdbx_struct_conn_angle.ptnr1_label_alt_id 
_pdbx_struct_conn_angle.ptnr1_label_asym_id 
_pdbx_struct_conn_angle.ptnr1_label_comp_id 
_pdbx_struct_conn_angle.ptnr1_label_seq_id 
_pdbx_struct_conn_angle.ptnr1_auth_atom_id 
_pdbx_struct_conn_angle.ptnr1_auth_asym_id 
_pdbx_struct_conn_angle.ptnr1_auth_comp_id 
_pdbx_struct_conn_angle.ptnr1_auth_seq_id 
_pdbx_struct_conn_angle.ptnr1_PDB_ins_code 
_pdbx_struct_conn_angle.ptnr1_symmetry 
_pdbx_struct_conn_angle.ptnr2_label_atom_id 
_pdbx_struct_conn_angle.ptnr2_label_alt_id 
_pdbx_struct_conn_angle.ptnr2_label_asym_id 
_pdbx_struct_conn_angle.ptnr2_label_comp_id 
_pdbx_struct_conn_angle.ptnr2_label_seq_id 
_pdbx_struct_conn_angle.ptnr2_auth_atom_id 
_pdbx_struct_conn_angle.ptnr2_auth_asym_id 
_pdbx_struct_conn_angle.ptnr2_auth_comp_id 
_pdbx_struct_conn_angle.ptnr2_auth_seq_id 
_pdbx_struct_conn_angle.ptnr2_PDB_ins_code 
_pdbx_struct_conn_angle.ptnr2_symmetry 
_pdbx_struct_conn_angle.ptnr3_label_atom_id 
_pdbx_struct_conn_angle.ptnr3_label_alt_id 
_pdbx_struct_conn_angle.ptnr3_label_asym_id 
_pdbx_struct_conn_angle.ptnr3_label_comp_id 
_pdbx_struct_conn_angle.ptnr3_label_seq_id 
_pdbx_struct_conn_angle.ptnr3_auth_atom_id 
_pdbx_struct_conn_angle.ptnr3_auth_asym_id 
_pdbx_struct_conn_angle.ptnr3_auth_comp_id 
_pdbx_struct_conn_angle.ptnr3_auth_seq_id 
_pdbx_struct_conn_angle.ptnr3_PDB_ins_code 
_pdbx_struct_conn_angle.ptnr3_symmetry 
_pdbx_struct_conn_angle.value 
_pdbx_struct_conn_angle.value_esd 
1  O ? A TYR 110 ? A TYR 137 ? 1_555 NA ? F NA . ? A NA 205 ? 1_555 O ? A ILE 111 ? A ILE 138 ? 1_555 88.0  ? 
2  O ? A TYR 110 ? A TYR 137 ? 1_555 NA ? F NA . ? A NA 205 ? 1_555 O ? A ASN 113 ? A ASN 140 ? 1_555 89.1  ? 
3  O ? A ILE 111 ? A ILE 138 ? 1_555 NA ? F NA . ? A NA 205 ? 1_555 O ? A ASN 113 ? A ASN 140 ? 1_555 102.4 ? 
4  O ? A TYR 110 ? A TYR 137 ? 1_555 NA ? F NA . ? A NA 205 ? 1_555 O ? G HOH .   ? A HOH 353 ? 1_555 90.7  ? 
5  O ? A ILE 111 ? A ILE 138 ? 1_555 NA ? F NA . ? A NA 205 ? 1_555 O ? G HOH .   ? A HOH 353 ? 1_555 166.8 ? 
6  O ? A ASN 113 ? A ASN 140 ? 1_555 NA ? F NA . ? A NA 205 ? 1_555 O ? G HOH .   ? A HOH 353 ? 1_555 90.7  ? 
7  O ? A TYR 110 ? A TYR 137 ? 1_555 NA ? F NA . ? A NA 205 ? 1_555 O ? G HOH .   ? A HOH 355 ? 1_555 174.6 ? 
8  O ? A ILE 111 ? A ILE 138 ? 1_555 NA ? F NA . ? A NA 205 ? 1_555 O ? G HOH .   ? A HOH 355 ? 1_555 86.7  ? 
9  O ? A ASN 113 ? A ASN 140 ? 1_555 NA ? F NA . ? A NA 205 ? 1_555 O ? G HOH .   ? A HOH 355 ? 1_555 92.9  ? 
10 O ? G HOH .   ? A HOH 353 ? 1_555 NA ? F NA . ? A NA 205 ? 1_555 O ? G HOH .   ? A HOH 355 ? 1_555 94.3  ? 
11 O ? A TYR 110 ? A TYR 137 ? 1_555 NA ? F NA . ? A NA 205 ? 1_555 O ? G HOH .   ? A HOH 356 ? 1_555 91.5  ? 
12 O ? A ILE 111 ? A ILE 138 ? 1_555 NA ? F NA . ? A NA 205 ? 1_555 O ? G HOH .   ? A HOH 356 ? 1_555 93.7  ? 
13 O ? A ASN 113 ? A ASN 140 ? 1_555 NA ? F NA . ? A NA 205 ? 1_555 O ? G HOH .   ? A HOH 356 ? 1_555 163.9 ? 
14 O ? G HOH .   ? A HOH 353 ? 1_555 NA ? F NA . ? A NA 205 ? 1_555 O ? G HOH .   ? A HOH 356 ? 1_555 73.2  ? 
15 O ? G HOH .   ? A HOH 355 ? 1_555 NA ? F NA . ? A NA 205 ? 1_555 O ? G HOH .   ? A HOH 356 ? 1_555 88.1  ? 
# 
loop_
_struct_site.id 
_struct_site.pdbx_evidence_code 
_struct_site.pdbx_auth_asym_id 
_struct_site.pdbx_auth_comp_id 
_struct_site.pdbx_auth_seq_id 
_struct_site.pdbx_auth_ins_code 
_struct_site.pdbx_num_residues 
_struct_site.details 
AC1 Software A 8QC 201 ? 11 'binding site for residue 8QC A 201' 
AC2 Software A NO3 202 ? 7  'binding site for residue NO3 A 202' 
AC3 Software A NO3 203 ? 3  'binding site for residue NO3 A 203' 
AC4 Software A GOL 204 ? 7  'binding site for residue GOL A 204' 
AC5 Software A NA  205 ? 6  'binding site for residue NA A 205'  
# 
loop_
_struct_site_gen.id 
_struct_site_gen.site_id 
_struct_site_gen.pdbx_num_res 
_struct_site_gen.label_comp_id 
_struct_site_gen.label_asym_id 
_struct_site_gen.label_seq_id 
_struct_site_gen.pdbx_auth_ins_code 
_struct_site_gen.auth_comp_id 
_struct_site_gen.auth_asym_id 
_struct_site_gen.auth_seq_id 
_struct_site_gen.label_atom_id 
_struct_site_gen.label_alt_id 
_struct_site_gen.symmetry 
_struct_site_gen.details 
1  AC1 11 TRP A 54  ? TRP A 81  . ? 1_555 ? 
2  AC1 11 PRO A 55  ? PRO A 82  . ? 1_555 ? 
3  AC1 11 VAL A 60  ? VAL A 87  . ? 1_555 ? 
4  AC1 11 LEU A 65  ? LEU A 92  . ? 1_555 ? 
5  AC1 11 LEU A 67  ? LEU A 94  . ? 1_555 ? 
6  AC1 11 LYS A 72  ? LYS A 99  . ? 4_555 ? 
7  AC1 11 ASN A 113 ? ASN A 140 . ? 1_555 ? 
8  AC1 11 MET A 122 ? MET A 149 . ? 1_555 ? 
9  AC1 11 HOH G .   ? HOH A 309 . ? 1_555 ? 
10 AC1 11 HOH G .   ? HOH A 310 . ? 1_555 ? 
11 AC1 11 HOH G .   ? HOH A 312 . ? 1_555 ? 
12 AC2 7  GLN A 51  ? GLN A 78  . ? 1_555 ? 
13 AC2 7  PHE A 52  ? PHE A 79  . ? 1_555 ? 
14 AC2 7  TRP A 54  ? TRP A 81  . ? 1_555 ? 
15 AC2 7  PRO A 68  ? PRO A 95  . ? 4_555 ? 
16 AC2 7  ASP A 69  ? ASP A 96  . ? 4_555 ? 
17 AC2 7  LYS A 72  ? LYS A 99  . ? 4_555 ? 
18 AC2 7  MET A 122 ? MET A 149 . ? 1_555 ? 
19 AC3 3  PRO A 59  ? PRO A 86  . ? 1_555 ? 
20 AC3 3  GLY A 81  ? GLY A 108 . ? 1_555 ? 
21 AC3 3  HOH G .   ? HOH A 316 . ? 1_555 ? 
22 AC4 7  ILE A 73  ? ILE A 100 . ? 1_555 ? 
23 AC4 7  ILE A 74  ? ILE A 101 . ? 1_555 ? 
24 AC4 7  LYS A 75  ? LYS A 102 . ? 1_555 ? 
25 AC4 7  THR A 76  ? THR A 103 . ? 1_555 ? 
26 AC4 7  ASN A 108 ? ASN A 135 . ? 1_555 ? 
27 AC4 7  ILE A 111 ? ILE A 138 . ? 1_555 ? 
28 AC4 7  HOH G .   ? HOH A 301 . ? 1_555 ? 
29 AC5 6  TYR A 110 ? TYR A 137 . ? 1_555 ? 
30 AC5 6  ILE A 111 ? ILE A 138 . ? 1_555 ? 
31 AC5 6  ASN A 113 ? ASN A 140 . ? 1_555 ? 
32 AC5 6  HOH G .   ? HOH A 353 . ? 1_555 ? 
33 AC5 6  HOH G .   ? HOH A 355 . ? 1_555 ? 
34 AC5 6  HOH G .   ? HOH A 356 . ? 1_555 ? 
# 
_pdbx_validate_close_contact.id               1 
_pdbx_validate_close_contact.PDB_model_num    1 
_pdbx_validate_close_contact.auth_atom_id_1   O3 
_pdbx_validate_close_contact.auth_asym_id_1   A 
_pdbx_validate_close_contact.auth_comp_id_1   GOL 
_pdbx_validate_close_contact.auth_seq_id_1    204 
_pdbx_validate_close_contact.PDB_ins_code_1   ? 
_pdbx_validate_close_contact.label_alt_id_1   ? 
_pdbx_validate_close_contact.auth_atom_id_2   O 
_pdbx_validate_close_contact.auth_asym_id_2   A 
_pdbx_validate_close_contact.auth_comp_id_2   HOH 
_pdbx_validate_close_contact.auth_seq_id_2    301 
_pdbx_validate_close_contact.PDB_ins_code_2   ? 
_pdbx_validate_close_contact.label_alt_id_2   ? 
_pdbx_validate_close_contact.dist             2.09 
# 
_pdbx_validate_rmsd_angle.id                         1 
_pdbx_validate_rmsd_angle.PDB_model_num              1 
_pdbx_validate_rmsd_angle.auth_atom_id_1             CB 
_pdbx_validate_rmsd_angle.auth_asym_id_1             A 
_pdbx_validate_rmsd_angle.auth_comp_id_1             ASP 
_pdbx_validate_rmsd_angle.auth_seq_id_1              96 
_pdbx_validate_rmsd_angle.PDB_ins_code_1             ? 
_pdbx_validate_rmsd_angle.label_alt_id_1             ? 
_pdbx_validate_rmsd_angle.auth_atom_id_2             CG 
_pdbx_validate_rmsd_angle.auth_asym_id_2             A 
_pdbx_validate_rmsd_angle.auth_comp_id_2             ASP 
_pdbx_validate_rmsd_angle.auth_seq_id_2              96 
_pdbx_validate_rmsd_angle.PDB_ins_code_2             ? 
_pdbx_validate_rmsd_angle.label_alt_id_2             ? 
_pdbx_validate_rmsd_angle.auth_atom_id_3             OD1 
_pdbx_validate_rmsd_angle.auth_asym_id_3             A 
_pdbx_validate_rmsd_angle.auth_comp_id_3             ASP 
_pdbx_validate_rmsd_angle.auth_seq_id_3              96 
_pdbx_validate_rmsd_angle.PDB_ins_code_3             ? 
_pdbx_validate_rmsd_angle.label_alt_id_3             ? 
_pdbx_validate_rmsd_angle.angle_value                125.30 
_pdbx_validate_rmsd_angle.angle_target_value         118.30 
_pdbx_validate_rmsd_angle.angle_deviation            7.00 
_pdbx_validate_rmsd_angle.angle_standard_deviation   0.90 
_pdbx_validate_rmsd_angle.linker_flag                N 
# 
_pdbx_validate_torsion.id              1 
_pdbx_validate_torsion.PDB_model_num   1 
_pdbx_validate_torsion.auth_comp_id    ASN 
_pdbx_validate_torsion.auth_asym_id    A 
_pdbx_validate_torsion.auth_seq_id     52 
_pdbx_validate_torsion.PDB_ins_code    ? 
_pdbx_validate_torsion.label_alt_id    ? 
_pdbx_validate_torsion.phi             -163.03 
_pdbx_validate_torsion.psi             111.78 
# 
loop_
_pdbx_unobs_or_zero_occ_residues.id 
_pdbx_unobs_or_zero_occ_residues.PDB_model_num 
_pdbx_unobs_or_zero_occ_residues.polymer_flag 
_pdbx_unobs_or_zero_occ_residues.occupancy_flag 
_pdbx_unobs_or_zero_occ_residues.auth_asym_id 
_pdbx_unobs_or_zero_occ_residues.auth_comp_id 
_pdbx_unobs_or_zero_occ_residues.auth_seq_id 
_pdbx_unobs_or_zero_occ_residues.PDB_ins_code 
_pdbx_unobs_or_zero_occ_residues.label_asym_id 
_pdbx_unobs_or_zero_occ_residues.label_comp_id 
_pdbx_unobs_or_zero_occ_residues.label_seq_id 
1  1 Y 1 A MET 28  ? A MET 1   
2  1 Y 1 A LYS 29  ? A LYS 2   
3  1 Y 1 A LYS 30  ? A LYS 3   
4  1 Y 1 A GLY 31  ? A GLY 4   
5  1 Y 1 A HIS 32  ? A HIS 5   
6  1 Y 1 A HIS 33  ? A HIS 6   
7  1 Y 1 A HIS 34  ? A HIS 7   
8  1 Y 1 A HIS 35  ? A HIS 8   
9  1 Y 1 A HIS 36  ? A HIS 9   
10 1 Y 1 A HIS 37  ? A HIS 10  
11 1 Y 1 A LEU 38  ? A LEU 11  
12 1 Y 1 A VAL 39  ? A VAL 12  
13 1 Y 1 A PRO 40  ? A PRO 13  
14 1 Y 1 A ARG 41  ? A ARG 14  
15 1 Y 1 A GLU 168 ? A GLU 141 
# 
loop_
_chem_comp_atom.comp_id 
_chem_comp_atom.atom_id 
_chem_comp_atom.type_symbol 
_chem_comp_atom.pdbx_aromatic_flag 
_chem_comp_atom.pdbx_stereo_config 
_chem_comp_atom.pdbx_ordinal 
8QC CAW  C  N N 1   
8QC OAU  O  N N 2   
8QC CAP  C  Y N 3   
8QC CAQ  C  Y N 4   
8QC CAR  C  Y N 5   
8QC CAS  C  Y N 6   
8QC BRAV BR N N 7   
8QC CAT  C  Y N 8   
8QC CAO  C  Y N 9   
8QC SAL  S  N N 10  
8QC OAM  O  N N 11  
8QC OAN  O  N N 12  
8QC NAK  N  N N 13  
8QC CAB  C  Y N 14  
8QC CAC  C  Y N 15  
8QC CAD  C  Y N 16  
8QC CAG  C  Y N 17  
8QC CAX  C  N N 18  
8QC NAH  N  Y N 19  
8QC OAI  O  Y N 20  
8QC CAE  C  Y N 21  
8QC CAF  C  Y N 22  
8QC CAA  C  Y N 23  
8QC NAJ  N  N N 24  
8QC CAY  C  N N 25  
8QC H1   H  N N 26  
8QC H2   H  N N 27  
8QC H3   H  N N 28  
8QC H4   H  N N 29  
8QC H5   H  N N 30  
8QC H6   H  N N 31  
8QC H7   H  N N 32  
8QC H8   H  N N 33  
8QC H9   H  N N 34  
8QC H10  H  N N 35  
8QC H11  H  N N 36  
8QC H12  H  N N 37  
8QC H13  H  N N 38  
8QC H14  H  N N 39  
8QC H15  H  N N 40  
8QC H16  H  N N 41  
ALA N    N  N N 42  
ALA CA   C  N S 43  
ALA C    C  N N 44  
ALA O    O  N N 45  
ALA CB   C  N N 46  
ALA OXT  O  N N 47  
ALA H    H  N N 48  
ALA H2   H  N N 49  
ALA HA   H  N N 50  
ALA HB1  H  N N 51  
ALA HB2  H  N N 52  
ALA HB3  H  N N 53  
ALA HXT  H  N N 54  
ARG N    N  N N 55  
ARG CA   C  N S 56  
ARG C    C  N N 57  
ARG O    O  N N 58  
ARG CB   C  N N 59  
ARG CG   C  N N 60  
ARG CD   C  N N 61  
ARG NE   N  N N 62  
ARG CZ   C  N N 63  
ARG NH1  N  N N 64  
ARG NH2  N  N N 65  
ARG OXT  O  N N 66  
ARG H    H  N N 67  
ARG H2   H  N N 68  
ARG HA   H  N N 69  
ARG HB2  H  N N 70  
ARG HB3  H  N N 71  
ARG HG2  H  N N 72  
ARG HG3  H  N N 73  
ARG HD2  H  N N 74  
ARG HD3  H  N N 75  
ARG HE   H  N N 76  
ARG HH11 H  N N 77  
ARG HH12 H  N N 78  
ARG HH21 H  N N 79  
ARG HH22 H  N N 80  
ARG HXT  H  N N 81  
ASN N    N  N N 82  
ASN CA   C  N S 83  
ASN C    C  N N 84  
ASN O    O  N N 85  
ASN CB   C  N N 86  
ASN CG   C  N N 87  
ASN OD1  O  N N 88  
ASN ND2  N  N N 89  
ASN OXT  O  N N 90  
ASN H    H  N N 91  
ASN H2   H  N N 92  
ASN HA   H  N N 93  
ASN HB2  H  N N 94  
ASN HB3  H  N N 95  
ASN HD21 H  N N 96  
ASN HD22 H  N N 97  
ASN HXT  H  N N 98  
ASP N    N  N N 99  
ASP CA   C  N S 100 
ASP C    C  N N 101 
ASP O    O  N N 102 
ASP CB   C  N N 103 
ASP CG   C  N N 104 
ASP OD1  O  N N 105 
ASP OD2  O  N N 106 
ASP OXT  O  N N 107 
ASP H    H  N N 108 
ASP H2   H  N N 109 
ASP HA   H  N N 110 
ASP HB2  H  N N 111 
ASP HB3  H  N N 112 
ASP HD2  H  N N 113 
ASP HXT  H  N N 114 
CYS N    N  N N 115 
CYS CA   C  N R 116 
CYS C    C  N N 117 
CYS O    O  N N 118 
CYS CB   C  N N 119 
CYS SG   S  N N 120 
CYS OXT  O  N N 121 
CYS H    H  N N 122 
CYS H2   H  N N 123 
CYS HA   H  N N 124 
CYS HB2  H  N N 125 
CYS HB3  H  N N 126 
CYS HG   H  N N 127 
CYS HXT  H  N N 128 
GLN N    N  N N 129 
GLN CA   C  N S 130 
GLN C    C  N N 131 
GLN O    O  N N 132 
GLN CB   C  N N 133 
GLN CG   C  N N 134 
GLN CD   C  N N 135 
GLN OE1  O  N N 136 
GLN NE2  N  N N 137 
GLN OXT  O  N N 138 
GLN H    H  N N 139 
GLN H2   H  N N 140 
GLN HA   H  N N 141 
GLN HB2  H  N N 142 
GLN HB3  H  N N 143 
GLN HG2  H  N N 144 
GLN HG3  H  N N 145 
GLN HE21 H  N N 146 
GLN HE22 H  N N 147 
GLN HXT  H  N N 148 
GLU N    N  N N 149 
GLU CA   C  N S 150 
GLU C    C  N N 151 
GLU O    O  N N 152 
GLU CB   C  N N 153 
GLU CG   C  N N 154 
GLU CD   C  N N 155 
GLU OE1  O  N N 156 
GLU OE2  O  N N 157 
GLU OXT  O  N N 158 
GLU H    H  N N 159 
GLU H2   H  N N 160 
GLU HA   H  N N 161 
GLU HB2  H  N N 162 
GLU HB3  H  N N 163 
GLU HG2  H  N N 164 
GLU HG3  H  N N 165 
GLU HE2  H  N N 166 
GLU HXT  H  N N 167 
GLY N    N  N N 168 
GLY CA   C  N N 169 
GLY C    C  N N 170 
GLY O    O  N N 171 
GLY OXT  O  N N 172 
GLY H    H  N N 173 
GLY H2   H  N N 174 
GLY HA2  H  N N 175 
GLY HA3  H  N N 176 
GLY HXT  H  N N 177 
GOL C1   C  N N 178 
GOL O1   O  N N 179 
GOL C2   C  N N 180 
GOL O2   O  N N 181 
GOL C3   C  N N 182 
GOL O3   O  N N 183 
GOL H11  H  N N 184 
GOL H12  H  N N 185 
GOL HO1  H  N N 186 
GOL H2   H  N N 187 
GOL HO2  H  N N 188 
GOL H31  H  N N 189 
GOL H32  H  N N 190 
GOL HO3  H  N N 191 
HIS N    N  N N 192 
HIS CA   C  N S 193 
HIS C    C  N N 194 
HIS O    O  N N 195 
HIS CB   C  N N 196 
HIS CG   C  Y N 197 
HIS ND1  N  Y N 198 
HIS CD2  C  Y N 199 
HIS CE1  C  Y N 200 
HIS NE2  N  Y N 201 
HIS OXT  O  N N 202 
HIS H    H  N N 203 
HIS H2   H  N N 204 
HIS HA   H  N N 205 
HIS HB2  H  N N 206 
HIS HB3  H  N N 207 
HIS HD1  H  N N 208 
HIS HD2  H  N N 209 
HIS HE1  H  N N 210 
HIS HE2  H  N N 211 
HIS HXT  H  N N 212 
HOH O    O  N N 213 
HOH H1   H  N N 214 
HOH H2   H  N N 215 
ILE N    N  N N 216 
ILE CA   C  N S 217 
ILE C    C  N N 218 
ILE O    O  N N 219 
ILE CB   C  N S 220 
ILE CG1  C  N N 221 
ILE CG2  C  N N 222 
ILE CD1  C  N N 223 
ILE OXT  O  N N 224 
ILE H    H  N N 225 
ILE H2   H  N N 226 
ILE HA   H  N N 227 
ILE HB   H  N N 228 
ILE HG12 H  N N 229 
ILE HG13 H  N N 230 
ILE HG21 H  N N 231 
ILE HG22 H  N N 232 
ILE HG23 H  N N 233 
ILE HD11 H  N N 234 
ILE HD12 H  N N 235 
ILE HD13 H  N N 236 
ILE HXT  H  N N 237 
LEU N    N  N N 238 
LEU CA   C  N S 239 
LEU C    C  N N 240 
LEU O    O  N N 241 
LEU CB   C  N N 242 
LEU CG   C  N N 243 
LEU CD1  C  N N 244 
LEU CD2  C  N N 245 
LEU OXT  O  N N 246 
LEU H    H  N N 247 
LEU H2   H  N N 248 
LEU HA   H  N N 249 
LEU HB2  H  N N 250 
LEU HB3  H  N N 251 
LEU HG   H  N N 252 
LEU HD11 H  N N 253 
LEU HD12 H  N N 254 
LEU HD13 H  N N 255 
LEU HD21 H  N N 256 
LEU HD22 H  N N 257 
LEU HD23 H  N N 258 
LEU HXT  H  N N 259 
LYS N    N  N N 260 
LYS CA   C  N S 261 
LYS C    C  N N 262 
LYS O    O  N N 263 
LYS CB   C  N N 264 
LYS CG   C  N N 265 
LYS CD   C  N N 266 
LYS CE   C  N N 267 
LYS NZ   N  N N 268 
LYS OXT  O  N N 269 
LYS H    H  N N 270 
LYS H2   H  N N 271 
LYS HA   H  N N 272 
LYS HB2  H  N N 273 
LYS HB3  H  N N 274 
LYS HG2  H  N N 275 
LYS HG3  H  N N 276 
LYS HD2  H  N N 277 
LYS HD3  H  N N 278 
LYS HE2  H  N N 279 
LYS HE3  H  N N 280 
LYS HZ1  H  N N 281 
LYS HZ2  H  N N 282 
LYS HZ3  H  N N 283 
LYS HXT  H  N N 284 
MET N    N  N N 285 
MET CA   C  N S 286 
MET C    C  N N 287 
MET O    O  N N 288 
MET CB   C  N N 289 
MET CG   C  N N 290 
MET SD   S  N N 291 
MET CE   C  N N 292 
MET OXT  O  N N 293 
MET H    H  N N 294 
MET H2   H  N N 295 
MET HA   H  N N 296 
MET HB2  H  N N 297 
MET HB3  H  N N 298 
MET HG2  H  N N 299 
MET HG3  H  N N 300 
MET HE1  H  N N 301 
MET HE2  H  N N 302 
MET HE3  H  N N 303 
MET HXT  H  N N 304 
NA  NA   NA N N 305 
NO3 N    N  N N 306 
NO3 O1   O  N N 307 
NO3 O2   O  N N 308 
NO3 O3   O  N N 309 
PHE N    N  N N 310 
PHE CA   C  N S 311 
PHE C    C  N N 312 
PHE O    O  N N 313 
PHE CB   C  N N 314 
PHE CG   C  Y N 315 
PHE CD1  C  Y N 316 
PHE CD2  C  Y N 317 
PHE CE1  C  Y N 318 
PHE CE2  C  Y N 319 
PHE CZ   C  Y N 320 
PHE OXT  O  N N 321 
PHE H    H  N N 322 
PHE H2   H  N N 323 
PHE HA   H  N N 324 
PHE HB2  H  N N 325 
PHE HB3  H  N N 326 
PHE HD1  H  N N 327 
PHE HD2  H  N N 328 
PHE HE1  H  N N 329 
PHE HE2  H  N N 330 
PHE HZ   H  N N 331 
PHE HXT  H  N N 332 
PRO N    N  N N 333 
PRO CA   C  N S 334 
PRO C    C  N N 335 
PRO O    O  N N 336 
PRO CB   C  N N 337 
PRO CG   C  N N 338 
PRO CD   C  N N 339 
PRO OXT  O  N N 340 
PRO H    H  N N 341 
PRO HA   H  N N 342 
PRO HB2  H  N N 343 
PRO HB3  H  N N 344 
PRO HG2  H  N N 345 
PRO HG3  H  N N 346 
PRO HD2  H  N N 347 
PRO HD3  H  N N 348 
PRO HXT  H  N N 349 
SER N    N  N N 350 
SER CA   C  N S 351 
SER C    C  N N 352 
SER O    O  N N 353 
SER CB   C  N N 354 
SER OG   O  N N 355 
SER OXT  O  N N 356 
SER H    H  N N 357 
SER H2   H  N N 358 
SER HA   H  N N 359 
SER HB2  H  N N 360 
SER HB3  H  N N 361 
SER HG   H  N N 362 
SER HXT  H  N N 363 
THR N    N  N N 364 
THR CA   C  N S 365 
THR C    C  N N 366 
THR O    O  N N 367 
THR CB   C  N R 368 
THR OG1  O  N N 369 
THR CG2  C  N N 370 
THR OXT  O  N N 371 
THR H    H  N N 372 
THR H2   H  N N 373 
THR HA   H  N N 374 
THR HB   H  N N 375 
THR HG1  H  N N 376 
THR HG21 H  N N 377 
THR HG22 H  N N 378 
THR HG23 H  N N 379 
THR HXT  H  N N 380 
TRP N    N  N N 381 
TRP CA   C  N S 382 
TRP C    C  N N 383 
TRP O    O  N N 384 
TRP CB   C  N N 385 
TRP CG   C  Y N 386 
TRP CD1  C  Y N 387 
TRP CD2  C  Y N 388 
TRP NE1  N  Y N 389 
TRP CE2  C  Y N 390 
TRP CE3  C  Y N 391 
TRP CZ2  C  Y N 392 
TRP CZ3  C  Y N 393 
TRP CH2  C  Y N 394 
TRP OXT  O  N N 395 
TRP H    H  N N 396 
TRP H2   H  N N 397 
TRP HA   H  N N 398 
TRP HB2  H  N N 399 
TRP HB3  H  N N 400 
TRP HD1  H  N N 401 
TRP HE1  H  N N 402 
TRP HE3  H  N N 403 
TRP HZ2  H  N N 404 
TRP HZ3  H  N N 405 
TRP HH2  H  N N 406 
TRP HXT  H  N N 407 
TYR N    N  N N 408 
TYR CA   C  N S 409 
TYR C    C  N N 410 
TYR O    O  N N 411 
TYR CB   C  N N 412 
TYR CG   C  Y N 413 
TYR CD1  C  Y N 414 
TYR CD2  C  Y N 415 
TYR CE1  C  Y N 416 
TYR CE2  C  Y N 417 
TYR CZ   C  Y N 418 
TYR OH   O  N N 419 
TYR OXT  O  N N 420 
TYR H    H  N N 421 
TYR H2   H  N N 422 
TYR HA   H  N N 423 
TYR HB2  H  N N 424 
TYR HB3  H  N N 425 
TYR HD1  H  N N 426 
TYR HD2  H  N N 427 
TYR HE1  H  N N 428 
TYR HE2  H  N N 429 
TYR HH   H  N N 430 
TYR HXT  H  N N 431 
VAL N    N  N N 432 
VAL CA   C  N S 433 
VAL C    C  N N 434 
VAL O    O  N N 435 
VAL CB   C  N N 436 
VAL CG1  C  N N 437 
VAL CG2  C  N N 438 
VAL OXT  O  N N 439 
VAL H    H  N N 440 
VAL H2   H  N N 441 
VAL HA   H  N N 442 
VAL HB   H  N N 443 
VAL HG11 H  N N 444 
VAL HG12 H  N N 445 
VAL HG13 H  N N 446 
VAL HG21 H  N N 447 
VAL HG22 H  N N 448 
VAL HG23 H  N N 449 
VAL HXT  H  N N 450 
# 
loop_
_chem_comp_bond.comp_id 
_chem_comp_bond.atom_id_1 
_chem_comp_bond.atom_id_2 
_chem_comp_bond.value_order 
_chem_comp_bond.pdbx_aromatic_flag 
_chem_comp_bond.pdbx_stereo_config 
_chem_comp_bond.pdbx_ordinal 
8QC CAR  CAQ  sing Y N 1   
8QC CAR  CAS  doub Y N 2   
8QC CAQ  CAP  doub Y N 3   
8QC CAW  OAU  sing N N 4   
8QC BRAV CAS  sing N N 5   
8QC CAY  NAJ  sing N N 6   
8QC CAS  CAT  sing Y N 7   
8QC CAP  OAU  sing N N 8   
8QC CAP  CAO  sing Y N 9   
8QC CAT  CAO  doub Y N 10  
8QC NAJ  CAA  sing N N 11  
8QC CAO  SAL  sing N N 12  
8QC CAF  CAA  sing Y N 13  
8QC CAF  CAE  doub Y N 14  
8QC CAA  CAB  doub Y N 15  
8QC CAE  OAI  sing Y N 16  
8QC CAE  CAD  sing Y N 17  
8QC SAL  OAN  doub N N 18  
8QC SAL  NAK  sing N N 19  
8QC SAL  OAM  doub N N 20  
8QC OAI  NAH  sing Y N 21  
8QC CAB  NAK  sing N N 22  
8QC CAB  CAC  sing Y N 23  
8QC CAD  CAC  doub Y N 24  
8QC CAD  CAG  sing Y N 25  
8QC NAH  CAG  doub Y N 26  
8QC CAG  CAX  sing N N 27  
8QC CAW  H1   sing N N 28  
8QC CAW  H2   sing N N 29  
8QC CAW  H3   sing N N 30  
8QC CAQ  H4   sing N N 31  
8QC CAR  H5   sing N N 32  
8QC CAT  H6   sing N N 33  
8QC NAK  H7   sing N N 34  
8QC CAC  H8   sing N N 35  
8QC CAX  H9   sing N N 36  
8QC CAX  H10  sing N N 37  
8QC CAX  H11  sing N N 38  
8QC CAF  H12  sing N N 39  
8QC NAJ  H13  sing N N 40  
8QC CAY  H14  sing N N 41  
8QC CAY  H15  sing N N 42  
8QC CAY  H16  sing N N 43  
ALA N    CA   sing N N 44  
ALA N    H    sing N N 45  
ALA N    H2   sing N N 46  
ALA CA   C    sing N N 47  
ALA CA   CB   sing N N 48  
ALA CA   HA   sing N N 49  
ALA C    O    doub N N 50  
ALA C    OXT  sing N N 51  
ALA CB   HB1  sing N N 52  
ALA CB   HB2  sing N N 53  
ALA CB   HB3  sing N N 54  
ALA OXT  HXT  sing N N 55  
ARG N    CA   sing N N 56  
ARG N    H    sing N N 57  
ARG N    H2   sing N N 58  
ARG CA   C    sing N N 59  
ARG CA   CB   sing N N 60  
ARG CA   HA   sing N N 61  
ARG C    O    doub N N 62  
ARG C    OXT  sing N N 63  
ARG CB   CG   sing N N 64  
ARG CB   HB2  sing N N 65  
ARG CB   HB3  sing N N 66  
ARG CG   CD   sing N N 67  
ARG CG   HG2  sing N N 68  
ARG CG   HG3  sing N N 69  
ARG CD   NE   sing N N 70  
ARG CD   HD2  sing N N 71  
ARG CD   HD3  sing N N 72  
ARG NE   CZ   sing N N 73  
ARG NE   HE   sing N N 74  
ARG CZ   NH1  sing N N 75  
ARG CZ   NH2  doub N N 76  
ARG NH1  HH11 sing N N 77  
ARG NH1  HH12 sing N N 78  
ARG NH2  HH21 sing N N 79  
ARG NH2  HH22 sing N N 80  
ARG OXT  HXT  sing N N 81  
ASN N    CA   sing N N 82  
ASN N    H    sing N N 83  
ASN N    H2   sing N N 84  
ASN CA   C    sing N N 85  
ASN CA   CB   sing N N 86  
ASN CA   HA   sing N N 87  
ASN C    O    doub N N 88  
ASN C    OXT  sing N N 89  
ASN CB   CG   sing N N 90  
ASN CB   HB2  sing N N 91  
ASN CB   HB3  sing N N 92  
ASN CG   OD1  doub N N 93  
ASN CG   ND2  sing N N 94  
ASN ND2  HD21 sing N N 95  
ASN ND2  HD22 sing N N 96  
ASN OXT  HXT  sing N N 97  
ASP N    CA   sing N N 98  
ASP N    H    sing N N 99  
ASP N    H2   sing N N 100 
ASP CA   C    sing N N 101 
ASP CA   CB   sing N N 102 
ASP CA   HA   sing N N 103 
ASP C    O    doub N N 104 
ASP C    OXT  sing N N 105 
ASP CB   CG   sing N N 106 
ASP CB   HB2  sing N N 107 
ASP CB   HB3  sing N N 108 
ASP CG   OD1  doub N N 109 
ASP CG   OD2  sing N N 110 
ASP OD2  HD2  sing N N 111 
ASP OXT  HXT  sing N N 112 
CYS N    CA   sing N N 113 
CYS N    H    sing N N 114 
CYS N    H2   sing N N 115 
CYS CA   C    sing N N 116 
CYS CA   CB   sing N N 117 
CYS CA   HA   sing N N 118 
CYS C    O    doub N N 119 
CYS C    OXT  sing N N 120 
CYS CB   SG   sing N N 121 
CYS CB   HB2  sing N N 122 
CYS CB   HB3  sing N N 123 
CYS SG   HG   sing N N 124 
CYS OXT  HXT  sing N N 125 
GLN N    CA   sing N N 126 
GLN N    H    sing N N 127 
GLN N    H2   sing N N 128 
GLN CA   C    sing N N 129 
GLN CA   CB   sing N N 130 
GLN CA   HA   sing N N 131 
GLN C    O    doub N N 132 
GLN C    OXT  sing N N 133 
GLN CB   CG   sing N N 134 
GLN CB   HB2  sing N N 135 
GLN CB   HB3  sing N N 136 
GLN CG   CD   sing N N 137 
GLN CG   HG2  sing N N 138 
GLN CG   HG3  sing N N 139 
GLN CD   OE1  doub N N 140 
GLN CD   NE2  sing N N 141 
GLN NE2  HE21 sing N N 142 
GLN NE2  HE22 sing N N 143 
GLN OXT  HXT  sing N N 144 
GLU N    CA   sing N N 145 
GLU N    H    sing N N 146 
GLU N    H2   sing N N 147 
GLU CA   C    sing N N 148 
GLU CA   CB   sing N N 149 
GLU CA   HA   sing N N 150 
GLU C    O    doub N N 151 
GLU C    OXT  sing N N 152 
GLU CB   CG   sing N N 153 
GLU CB   HB2  sing N N 154 
GLU CB   HB3  sing N N 155 
GLU CG   CD   sing N N 156 
GLU CG   HG2  sing N N 157 
GLU CG   HG3  sing N N 158 
GLU CD   OE1  doub N N 159 
GLU CD   OE2  sing N N 160 
GLU OE2  HE2  sing N N 161 
GLU OXT  HXT  sing N N 162 
GLY N    CA   sing N N 163 
GLY N    H    sing N N 164 
GLY N    H2   sing N N 165 
GLY CA   C    sing N N 166 
GLY CA   HA2  sing N N 167 
GLY CA   HA3  sing N N 168 
GLY C    O    doub N N 169 
GLY C    OXT  sing N N 170 
GLY OXT  HXT  sing N N 171 
GOL C1   O1   sing N N 172 
GOL C1   C2   sing N N 173 
GOL C1   H11  sing N N 174 
GOL C1   H12  sing N N 175 
GOL O1   HO1  sing N N 176 
GOL C2   O2   sing N N 177 
GOL C2   C3   sing N N 178 
GOL C2   H2   sing N N 179 
GOL O2   HO2  sing N N 180 
GOL C3   O3   sing N N 181 
GOL C3   H31  sing N N 182 
GOL C3   H32  sing N N 183 
GOL O3   HO3  sing N N 184 
HIS N    CA   sing N N 185 
HIS N    H    sing N N 186 
HIS N    H2   sing N N 187 
HIS CA   C    sing N N 188 
HIS CA   CB   sing N N 189 
HIS CA   HA   sing N N 190 
HIS C    O    doub N N 191 
HIS C    OXT  sing N N 192 
HIS CB   CG   sing N N 193 
HIS CB   HB2  sing N N 194 
HIS CB   HB3  sing N N 195 
HIS CG   ND1  sing Y N 196 
HIS CG   CD2  doub Y N 197 
HIS ND1  CE1  doub Y N 198 
HIS ND1  HD1  sing N N 199 
HIS CD2  NE2  sing Y N 200 
HIS CD2  HD2  sing N N 201 
HIS CE1  NE2  sing Y N 202 
HIS CE1  HE1  sing N N 203 
HIS NE2  HE2  sing N N 204 
HIS OXT  HXT  sing N N 205 
HOH O    H1   sing N N 206 
HOH O    H2   sing N N 207 
ILE N    CA   sing N N 208 
ILE N    H    sing N N 209 
ILE N    H2   sing N N 210 
ILE CA   C    sing N N 211 
ILE CA   CB   sing N N 212 
ILE CA   HA   sing N N 213 
ILE C    O    doub N N 214 
ILE C    OXT  sing N N 215 
ILE CB   CG1  sing N N 216 
ILE CB   CG2  sing N N 217 
ILE CB   HB   sing N N 218 
ILE CG1  CD1  sing N N 219 
ILE CG1  HG12 sing N N 220 
ILE CG1  HG13 sing N N 221 
ILE CG2  HG21 sing N N 222 
ILE CG2  HG22 sing N N 223 
ILE CG2  HG23 sing N N 224 
ILE CD1  HD11 sing N N 225 
ILE CD1  HD12 sing N N 226 
ILE CD1  HD13 sing N N 227 
ILE OXT  HXT  sing N N 228 
LEU N    CA   sing N N 229 
LEU N    H    sing N N 230 
LEU N    H2   sing N N 231 
LEU CA   C    sing N N 232 
LEU CA   CB   sing N N 233 
LEU CA   HA   sing N N 234 
LEU C    O    doub N N 235 
LEU C    OXT  sing N N 236 
LEU CB   CG   sing N N 237 
LEU CB   HB2  sing N N 238 
LEU CB   HB3  sing N N 239 
LEU CG   CD1  sing N N 240 
LEU CG   CD2  sing N N 241 
LEU CG   HG   sing N N 242 
LEU CD1  HD11 sing N N 243 
LEU CD1  HD12 sing N N 244 
LEU CD1  HD13 sing N N 245 
LEU CD2  HD21 sing N N 246 
LEU CD2  HD22 sing N N 247 
LEU CD2  HD23 sing N N 248 
LEU OXT  HXT  sing N N 249 
LYS N    CA   sing N N 250 
LYS N    H    sing N N 251 
LYS N    H2   sing N N 252 
LYS CA   C    sing N N 253 
LYS CA   CB   sing N N 254 
LYS CA   HA   sing N N 255 
LYS C    O    doub N N 256 
LYS C    OXT  sing N N 257 
LYS CB   CG   sing N N 258 
LYS CB   HB2  sing N N 259 
LYS CB   HB3  sing N N 260 
LYS CG   CD   sing N N 261 
LYS CG   HG2  sing N N 262 
LYS CG   HG3  sing N N 263 
LYS CD   CE   sing N N 264 
LYS CD   HD2  sing N N 265 
LYS CD   HD3  sing N N 266 
LYS CE   NZ   sing N N 267 
LYS CE   HE2  sing N N 268 
LYS CE   HE3  sing N N 269 
LYS NZ   HZ1  sing N N 270 
LYS NZ   HZ2  sing N N 271 
LYS NZ   HZ3  sing N N 272 
LYS OXT  HXT  sing N N 273 
MET N    CA   sing N N 274 
MET N    H    sing N N 275 
MET N    H2   sing N N 276 
MET CA   C    sing N N 277 
MET CA   CB   sing N N 278 
MET CA   HA   sing N N 279 
MET C    O    doub N N 280 
MET C    OXT  sing N N 281 
MET CB   CG   sing N N 282 
MET CB   HB2  sing N N 283 
MET CB   HB3  sing N N 284 
MET CG   SD   sing N N 285 
MET CG   HG2  sing N N 286 
MET CG   HG3  sing N N 287 
MET SD   CE   sing N N 288 
MET CE   HE1  sing N N 289 
MET CE   HE2  sing N N 290 
MET CE   HE3  sing N N 291 
MET OXT  HXT  sing N N 292 
NO3 N    O1   doub N N 293 
NO3 N    O2   sing N N 294 
NO3 N    O3   sing N N 295 
PHE N    CA   sing N N 296 
PHE N    H    sing N N 297 
PHE N    H2   sing N N 298 
PHE CA   C    sing N N 299 
PHE CA   CB   sing N N 300 
PHE CA   HA   sing N N 301 
PHE C    O    doub N N 302 
PHE C    OXT  sing N N 303 
PHE CB   CG   sing N N 304 
PHE CB   HB2  sing N N 305 
PHE CB   HB3  sing N N 306 
PHE CG   CD1  doub Y N 307 
PHE CG   CD2  sing Y N 308 
PHE CD1  CE1  sing Y N 309 
PHE CD1  HD1  sing N N 310 
PHE CD2  CE2  doub Y N 311 
PHE CD2  HD2  sing N N 312 
PHE CE1  CZ   doub Y N 313 
PHE CE1  HE1  sing N N 314 
PHE CE2  CZ   sing Y N 315 
PHE CE2  HE2  sing N N 316 
PHE CZ   HZ   sing N N 317 
PHE OXT  HXT  sing N N 318 
PRO N    CA   sing N N 319 
PRO N    CD   sing N N 320 
PRO N    H    sing N N 321 
PRO CA   C    sing N N 322 
PRO CA   CB   sing N N 323 
PRO CA   HA   sing N N 324 
PRO C    O    doub N N 325 
PRO C    OXT  sing N N 326 
PRO CB   CG   sing N N 327 
PRO CB   HB2  sing N N 328 
PRO CB   HB3  sing N N 329 
PRO CG   CD   sing N N 330 
PRO CG   HG2  sing N N 331 
PRO CG   HG3  sing N N 332 
PRO CD   HD2  sing N N 333 
PRO CD   HD3  sing N N 334 
PRO OXT  HXT  sing N N 335 
SER N    CA   sing N N 336 
SER N    H    sing N N 337 
SER N    H2   sing N N 338 
SER CA   C    sing N N 339 
SER CA   CB   sing N N 340 
SER CA   HA   sing N N 341 
SER C    O    doub N N 342 
SER C    OXT  sing N N 343 
SER CB   OG   sing N N 344 
SER CB   HB2  sing N N 345 
SER CB   HB3  sing N N 346 
SER OG   HG   sing N N 347 
SER OXT  HXT  sing N N 348 
THR N    CA   sing N N 349 
THR N    H    sing N N 350 
THR N    H2   sing N N 351 
THR CA   C    sing N N 352 
THR CA   CB   sing N N 353 
THR CA   HA   sing N N 354 
THR C    O    doub N N 355 
THR C    OXT  sing N N 356 
THR CB   OG1  sing N N 357 
THR CB   CG2  sing N N 358 
THR CB   HB   sing N N 359 
THR OG1  HG1  sing N N 360 
THR CG2  HG21 sing N N 361 
THR CG2  HG22 sing N N 362 
THR CG2  HG23 sing N N 363 
THR OXT  HXT  sing N N 364 
TRP N    CA   sing N N 365 
TRP N    H    sing N N 366 
TRP N    H2   sing N N 367 
TRP CA   C    sing N N 368 
TRP CA   CB   sing N N 369 
TRP CA   HA   sing N N 370 
TRP C    O    doub N N 371 
TRP C    OXT  sing N N 372 
TRP CB   CG   sing N N 373 
TRP CB   HB2  sing N N 374 
TRP CB   HB3  sing N N 375 
TRP CG   CD1  doub Y N 376 
TRP CG   CD2  sing Y N 377 
TRP CD1  NE1  sing Y N 378 
TRP CD1  HD1  sing N N 379 
TRP CD2  CE2  doub Y N 380 
TRP CD2  CE3  sing Y N 381 
TRP NE1  CE2  sing Y N 382 
TRP NE1  HE1  sing N N 383 
TRP CE2  CZ2  sing Y N 384 
TRP CE3  CZ3  doub Y N 385 
TRP CE3  HE3  sing N N 386 
TRP CZ2  CH2  doub Y N 387 
TRP CZ2  HZ2  sing N N 388 
TRP CZ3  CH2  sing Y N 389 
TRP CZ3  HZ3  sing N N 390 
TRP CH2  HH2  sing N N 391 
TRP OXT  HXT  sing N N 392 
TYR N    CA   sing N N 393 
TYR N    H    sing N N 394 
TYR N    H2   sing N N 395 
TYR CA   C    sing N N 396 
TYR CA   CB   sing N N 397 
TYR CA   HA   sing N N 398 
TYR C    O    doub N N 399 
TYR C    OXT  sing N N 400 
TYR CB   CG   sing N N 401 
TYR CB   HB2  sing N N 402 
TYR CB   HB3  sing N N 403 
TYR CG   CD1  doub Y N 404 
TYR CG   CD2  sing Y N 405 
TYR CD1  CE1  sing Y N 406 
TYR CD1  HD1  sing N N 407 
TYR CD2  CE2  doub Y N 408 
TYR CD2  HD2  sing N N 409 
TYR CE1  CZ   doub Y N 410 
TYR CE1  HE1  sing N N 411 
TYR CE2  CZ   sing Y N 412 
TYR CE2  HE2  sing N N 413 
TYR CZ   OH   sing N N 414 
TYR OH   HH   sing N N 415 
TYR OXT  HXT  sing N N 416 
VAL N    CA   sing N N 417 
VAL N    H    sing N N 418 
VAL N    H2   sing N N 419 
VAL CA   C    sing N N 420 
VAL CA   CB   sing N N 421 
VAL CA   HA   sing N N 422 
VAL C    O    doub N N 423 
VAL C    OXT  sing N N 424 
VAL CB   CG1  sing N N 425 
VAL CB   CG2  sing N N 426 
VAL CB   HB   sing N N 427 
VAL CG1  HG11 sing N N 428 
VAL CG1  HG12 sing N N 429 
VAL CG1  HG13 sing N N 430 
VAL CG2  HG21 sing N N 431 
VAL CG2  HG22 sing N N 432 
VAL CG2  HG23 sing N N 433 
VAL OXT  HXT  sing N N 434 
# 
_atom_sites.entry_id                    5Y94 
_atom_sites.fract_transf_matrix[1][1]   0.01377037 
_atom_sites.fract_transf_matrix[1][2]   0.00478992 
_atom_sites.fract_transf_matrix[1][3]   -0.02121276 
_atom_sites.fract_transf_matrix[2][1]   0.01288185 
_atom_sites.fract_transf_matrix[2][2]   0.01185997 
_atom_sites.fract_transf_matrix[2][3]   0.01104034 
_atom_sites.fract_transf_matrix[3][1]   0.00735994 
_atom_sites.fract_transf_matrix[3][2]   -0.01028066 
_atom_sites.fract_transf_matrix[3][3]   0.00245633 
_atom_sites.fract_transf_vector[1]      -0.266763 
_atom_sites.fract_transf_vector[2]      -0.024237 
_atom_sites.fract_transf_vector[3]      0.133136 
# 
loop_
_atom_type.symbol 
BR 
C  
N  
NA 
O  
S  
# 
loop_
_atom_site.group_PDB 
_atom_site.id 
_atom_site.type_symbol 
_atom_site.label_atom_id 
_atom_site.label_alt_id 
_atom_site.label_comp_id 
_atom_site.label_asym_id 
_atom_site.label_entity_id 
_atom_site.label_seq_id 
_atom_site.pdbx_PDB_ins_code 
_atom_site.Cartn_x 
_atom_site.Cartn_y 
_atom_site.Cartn_z 
_atom_site.occupancy 
_atom_site.B_iso_or_equiv 
_atom_site.pdbx_formal_charge 
_atom_site.auth_seq_id 
_atom_site.auth_comp_id 
_atom_site.auth_asym_id 
_atom_site.auth_atom_id 
_atom_site.pdbx_PDB_model_num 
ATOM   1    N  N    . GLY A 1 15  ? 12.581  14.063  15.569  1.00 54.20 ? 42  GLY A N    1 
ATOM   2    C  CA   . GLY A 1 15  ? 11.891  12.978  14.815  1.00 51.45 ? 42  GLY A CA   1 
ATOM   3    C  C    . GLY A 1 15  ? 12.899  11.975  14.336  1.00 40.48 ? 42  GLY A C    1 
ATOM   4    O  O    . GLY A 1 15  ? 13.866  12.337  13.782  1.00 44.36 ? 42  GLY A O    1 
ATOM   5    N  N    . SER A 1 16  ? 12.718  10.732  14.674  1.00 38.01 ? 43  SER A N    1 
ATOM   6    C  CA   . SER A 1 16  ? 13.325  9.632   13.968  1.00 33.33 ? 43  SER A CA   1 
ATOM   7    C  C    . SER A 1 16  ? 12.166  8.906   13.260  1.00 29.25 ? 43  SER A C    1 
ATOM   8    O  O    . SER A 1 16  ? 10.954  9.095   13.547  1.00 24.63 ? 43  SER A O    1 
ATOM   9    C  CB   . SER A 1 16  ? 13.992  8.672   14.933  1.00 32.80 ? 43  SER A CB   1 
ATOM   10   O  OG   . SER A 1 16  ? 13.042  8.335   15.951  1.00 37.37 ? 43  SER A OG   1 
ATOM   11   N  N    . ASN A 1 17  ? 12.538  8.027   12.357  1.00 23.63 ? 44  ASN A N    1 
ATOM   12   C  CA   . ASN A 1 17  ? 11.532  7.238   11.680  1.00 22.24 ? 44  ASN A CA   1 
ATOM   13   C  C    . ASN A 1 17  ? 11.372  5.977   12.447  1.00 20.53 ? 44  ASN A C    1 
ATOM   14   O  O    . ASN A 1 17  ? 12.348  5.478   12.933  1.00 19.85 ? 44  ASN A O    1 
ATOM   15   C  CB   . ASN A 1 17  ? 12.004  6.916   10.283  1.00 20.96 ? 44  ASN A CB   1 
ATOM   16   C  CG   . ASN A 1 17  ? 11.928  8.102   9.376   1.00 22.50 ? 44  ASN A CG   1 
ATOM   17   O  OD1  . ASN A 1 17  ? 10.917  8.755   9.294   1.00 23.33 ? 44  ASN A OD1  1 
ATOM   18   N  ND2  . ASN A 1 17  ? 12.996  8.345   8.640   1.00 22.61 ? 44  ASN A ND2  1 
ATOM   19   N  N    . PRO A 1 18  ? 10.180  5.383   12.455  1.00 20.21 ? 45  PRO A N    1 
ATOM   20   C  CA   . PRO A 1 18  ? 10.029  4.084   13.069  1.00 20.61 ? 45  PRO A CA   1 
ATOM   21   C  C    . PRO A 1 18  ? 10.583  3.019   12.106  1.00 22.10 ? 45  PRO A C    1 
ATOM   22   O  O    . PRO A 1 18  ? 10.670  3.278   10.907  1.00 21.02 ? 45  PRO A O    1 
ATOM   23   C  CB   . PRO A 1 18  ? 8.519   3.961   13.155  1.00 20.87 ? 45  PRO A CB   1 
ATOM   24   C  CG   . PRO A 1 18  ? 8.024   4.616   11.910  1.00 19.75 ? 45  PRO A CG   1 
ATOM   25   C  CD   . PRO A 1 18  ? 8.979   5.749   11.686  1.00 20.42 ? 45  PRO A CD   1 
ATOM   26   N  N    . PRO A 1 19  ? 10.882  1.807   12.595  1.00 22.62 ? 46  PRO A N    1 
ATOM   27   C  CA   . PRO A 1 19  ? 11.210  0.727   11.650  1.00 23.17 ? 46  PRO A CA   1 
ATOM   28   C  C    . PRO A 1 19  ? 10.109  0.524   10.648  1.00 23.38 ? 46  PRO A C    1 
ATOM   29   O  O    . PRO A 1 19  ? 8.914   0.694   10.977  1.00 23.30 ? 46  PRO A O    1 
ATOM   30   C  CB   . PRO A 1 19  ? 11.338  -0.525  12.506  1.00 24.36 ? 46  PRO A CB   1 
ATOM   31   C  CG   . PRO A 1 19  ? 10.903  -0.152  13.862  1.00 26.04 ? 46  PRO A CG   1 
ATOM   32   C  CD   . PRO A 1 19  ? 10.654  1.339   13.949  1.00 24.05 ? 46  PRO A CD   1 
ATOM   33   N  N    . PRO A 1 20  ? 10.477  0.168   9.421   1.00 22.44 ? 47  PRO A N    1 
ATOM   34   C  CA   . PRO A 1 20  ? 9.408   -0.036  8.443   1.00 21.74 ? 47  PRO A CA   1 
ATOM   35   C  C    . PRO A 1 20  ? 8.560   -1.317  8.746   1.00 21.81 ? 47  PRO A C    1 
ATOM   36   O  O    . PRO A 1 20  ? 8.967   -2.160  9.550   1.00 18.93 ? 47  PRO A O    1 
ATOM   37   C  CB   . PRO A 1 20  ? 10.164  -0.098  7.103   1.00 21.82 ? 47  PRO A CB   1 
ATOM   38   C  CG   . PRO A 1 20  ? 11.536  -0.549  7.445   1.00 22.68 ? 47  PRO A CG   1 
ATOM   39   C  CD   . PRO A 1 20  ? 11.821  -0.042  8.849   1.00 23.54 ? 47  PRO A CD   1 
ATOM   40   N  N    . PRO A 1 21  ? 7.367   -1.441  8.129   1.00 19.78 ? 48  PRO A N    1 
ATOM   41   C  CA   . PRO A 1 21  ? 6.607   -2.650  8.352   1.00 18.66 ? 48  PRO A CA   1 
ATOM   42   C  C    . PRO A 1 21  ? 7.360   -3.909  7.836   1.00 19.68 ? 48  PRO A C    1 
ATOM   43   O  O    . PRO A 1 21  ? 8.086   -3.834  6.790   1.00 19.94 ? 48  PRO A O    1 
ATOM   44   C  CB   . PRO A 1 21  ? 5.352   -2.429  7.504   1.00 19.25 ? 48  PRO A CB   1 
ATOM   45   C  CG   . PRO A 1 21  ? 5.283   -0.946  7.256   1.00 20.35 ? 48  PRO A CG   1 
ATOM   46   C  CD   . PRO A 1 21  ? 6.711   -0.534  7.171   1.00 20.25 ? 48  PRO A CD   1 
ATOM   47   N  N    . GLU A 1 22  ? 7.151   -5.041  8.533   1.00 19.27 ? 49  GLU A N    1 
ATOM   48   C  CA   . GLU A 1 22  ? 7.747   -6.315  8.160   1.00 18.43 ? 49  GLU A CA   1 
ATOM   49   C  C    . GLU A 1 22  ? 7.228   -6.733  6.776   1.00 18.12 ? 49  GLU A C    1 
ATOM   50   O  O    . GLU A 1 22  ? 6.115   -6.365  6.331   1.00 16.48 ? 49  GLU A O    1 
ATOM   51   C  CB   . GLU A 1 22  ? 7.416   -7.367  9.230   1.00 21.85 ? 49  GLU A CB   1 
ATOM   52   C  CG   . GLU A 1 22  ? 5.953   -7.717  9.319   1.00 22.44 ? 49  GLU A CG   1 
ATOM   53   C  CD   . GLU A 1 22  ? 5.641   -8.896  10.212  1.00 25.28 ? 49  GLU A CD   1 
ATOM   54   O  OE1  . GLU A 1 22  ? 4.562   -9.522  10.031  1.00 29.16 ? 49  GLU A OE1  1 
ATOM   55   O  OE2  . GLU A 1 22  ? 6.441   -9.172  11.080  1.00 26.14 ? 49  GLU A OE2  1 
ATOM   56   N  N    . THR A 1 23  ? 8.105   -7.349  6.018   1.00 17.82 ? 50  THR A N    1 
ATOM   57   C  CA   . THR A 1 23  ? 7.778   -7.895  4.718   1.00 19.53 ? 50  THR A CA   1 
ATOM   58   C  C    . THR A 1 23  ? 7.947   -9.443  4.708   1.00 20.51 ? 50  THR A C    1 
ATOM   59   O  O    . THR A 1 23  ? 7.609   -10.085 3.709   1.00 20.81 ? 50  THR A O    1 
ATOM   60   C  CB   . THR A 1 23  ? 8.672   -7.289  3.639   1.00 19.07 ? 50  THR A CB   1 
ATOM   61   O  OG1  . THR A 1 23  ? 10.019  -7.496  4.030   1.00 21.95 ? 50  THR A OG1  1 
ATOM   62   C  CG2  . THR A 1 23  ? 8.508   -5.744  3.480   1.00 19.11 ? 50  THR A CG2  1 
ATOM   63   N  N    . SER A 1 24  ? 8.385   -9.998  5.819   1.00 19.55 ? 51  SER A N    1 
ATOM   64   C  CA   . SER A 1 24  ? 8.584   -11.430 6.028   1.00 23.68 ? 51  SER A CA   1 
ATOM   65   C  C    . SER A 1 24  ? 8.196   -11.721 7.466   1.00 22.03 ? 51  SER A C    1 
ATOM   66   O  O    . SER A 1 24  ? 8.481   -10.924 8.289   1.00 19.26 ? 51  SER A O    1 
ATOM   67   C  CB   . SER A 1 24  ? 10.091  -11.768 5.992   1.00 23.90 ? 51  SER A CB   1 
ATOM   68   O  OG   . SER A 1 24  ? 10.246  -12.529 4.892   1.00 35.78 ? 51  SER A OG   1 
ATOM   69   N  N    . ASN A 1 25  ? 7.678   -12.912 7.745   1.00 22.44 ? 52  ASN A N    1 
ATOM   70   C  CA   . ASN A 1 25  ? 7.410   -13.352 9.071   1.00 23.29 ? 52  ASN A CA   1 
ATOM   71   C  C    . ASN A 1 25  ? 7.226   -14.852 9.107   1.00 23.81 ? 52  ASN A C    1 
ATOM   72   O  O    . ASN A 1 25  ? 6.200   -15.343 8.649   1.00 24.34 ? 52  ASN A O    1 
ATOM   73   C  CB   . ASN A 1 25  ? 6.119   -12.717 9.600   1.00 25.33 ? 52  ASN A CB   1 
ATOM   74   C  CG   . ASN A 1 25  ? 5.973   -12.877 11.138  1.00 30.47 ? 52  ASN A CG   1 
ATOM   75   O  OD1  . ASN A 1 25  ? 6.476   -13.837 11.787  1.00 33.65 ? 52  ASN A OD1  1 
ATOM   76   N  ND2  . ASN A 1 25  ? 5.297   -11.930 11.722  1.00 32.56 ? 52  ASN A ND2  1 
ATOM   77   N  N    . PRO A 1 26  ? 8.159   -15.581 9.730   1.00 26.25 ? 53  PRO A N    1 
ATOM   78   C  CA   . PRO A 1 26  ? 7.957   -17.052 9.968   1.00 27.11 ? 53  PRO A CA   1 
ATOM   79   C  C    . PRO A 1 26  ? 6.686   -17.410 10.764  1.00 27.50 ? 53  PRO A C    1 
ATOM   80   O  O    . PRO A 1 26  ? 6.199   -18.462 10.629  1.00 34.18 ? 53  PRO A O    1 
ATOM   81   C  CB   . PRO A 1 26  ? 9.186   -17.456 10.787  1.00 26.43 ? 53  PRO A CB   1 
ATOM   82   C  CG   . PRO A 1 26  ? 10.097  -16.297 10.771  1.00 29.02 ? 53  PRO A CG   1 
ATOM   83   C  CD   . PRO A 1 26  ? 9.339   -15.054 10.451  1.00 26.72 ? 53  PRO A CD   1 
ATOM   84   N  N    . ASN A 1 27  ? 6.168   -16.513 11.590  1.00 32.76 ? 54  ASN A N    1 
ATOM   85   C  CA   . ASN A 1 27  ? 5.021   -16.780 12.478  1.00 35.30 ? 54  ASN A CA   1 
ATOM   86   C  C    . ASN A 1 27  ? 3.634   -16.540 11.847  1.00 36.13 ? 54  ASN A C    1 
ATOM   87   O  O    . ASN A 1 27  ? 2.596   -16.681 12.570  1.00 34.32 ? 54  ASN A O    1 
ATOM   88   C  CB   . ASN A 1 27  ? 5.079   -15.865 13.732  1.00 37.92 ? 54  ASN A CB   1 
ATOM   89   C  CG   . ASN A 1 27  ? 6.285   -16.124 14.610  1.00 40.98 ? 54  ASN A CG   1 
ATOM   90   O  OD1  . ASN A 1 27  ? 6.169   -16.719 15.665  1.00 46.44 ? 54  ASN A OD1  1 
ATOM   91   N  ND2  . ASN A 1 27  ? 7.441   -15.648 14.192  1.00 49.84 ? 54  ASN A ND2  1 
ATOM   92   N  N    . LYS A 1 28  ? 3.623   -16.116 10.573  1.00 28.69 ? 55  LYS A N    1 
ATOM   93   C  CA   . LYS A 1 28  ? 2.415   -15.664 9.912   1.00 27.51 ? 55  LYS A CA   1 
ATOM   94   C  C    . LYS A 1 28  ? 2.121   -16.572 8.743   1.00 24.49 ? 55  LYS A C    1 
ATOM   95   O  O    . LYS A 1 28  ? 2.972   -16.721 7.849   1.00 23.15 ? 55  LYS A O    1 
ATOM   96   C  CB   . LYS A 1 28  ? 2.500   -14.214 9.436   1.00 26.57 ? 55  LYS A CB   1 
ATOM   97   C  CG   . LYS A 1 28  ? 1.171   -13.713 8.908   1.00 26.25 ? 55  LYS A CG   1 
ATOM   98   C  CD   . LYS A 1 28  ? 1.333   -12.375 8.176   1.00 28.46 ? 55  LYS A CD   1 
ATOM   99   C  CE   . LYS A 1 28  ? 0.126   -11.993 7.317   1.00 27.24 ? 55  LYS A CE   1 
ATOM   100  N  NZ   . LYS A 1 28  ? -0.419  -13.101 6.475   1.00 29.56 ? 55  LYS A NZ   1 
ATOM   101  N  N    . PRO A 1 29  ? 0.939   -17.191 8.751   1.00 24.67 ? 56  PRO A N    1 
ATOM   102  C  CA   . PRO A 1 29  ? 0.579   -18.092 7.641   1.00 25.81 ? 56  PRO A CA   1 
ATOM   103  C  C    . PRO A 1 29  ? 0.527   -17.351 6.336   1.00 24.25 ? 56  PRO A C    1 
ATOM   104  O  O    . PRO A 1 29  ? 0.045   -16.236 6.261   1.00 25.50 ? 56  PRO A O    1 
ATOM   105  C  CB   . PRO A 1 29  ? -0.819  -18.617 8.023   1.00 24.93 ? 56  PRO A CB   1 
ATOM   106  C  CG   . PRO A 1 29  ? -0.932  -18.419 9.453   1.00 26.84 ? 56  PRO A CG   1 
ATOM   107  C  CD   . PRO A 1 29  ? -0.142  -17.161 9.752   1.00 28.54 ? 56  PRO A CD   1 
ATOM   108  N  N    . LYS A 1 30  ? 1.057   -17.988 5.329   1.00 21.83 ? 57  LYS A N    1 
ATOM   109  C  CA   . LYS A 1 30  ? 1.245   -17.423 4.017   1.00 22.54 ? 57  LYS A CA   1 
ATOM   110  C  C    . LYS A 1 30  ? 1.055   -18.504 2.977   1.00 20.01 ? 57  LYS A C    1 
ATOM   111  O  O    . LYS A 1 30  ? 1.291   -19.684 3.219   1.00 17.86 ? 57  LYS A O    1 
ATOM   112  C  CB   . LYS A 1 30  ? 2.678   -16.865 3.887   1.00 24.29 ? 57  LYS A CB   1 
ATOM   113  C  CG   . LYS A 1 30  ? 3.788   -17.904 4.000   1.00 24.46 ? 57  LYS A CG   1 
ATOM   114  C  CD   . LYS A 1 30  ? 5.144   -17.223 3.859   1.00 28.95 ? 57  LYS A CD   1 
ATOM   115  C  CE   . LYS A 1 30  ? 6.067   -17.524 5.005   1.00 26.07 ? 57  LYS A CE   1 
ATOM   116  N  NZ   . LYS A 1 30  ? 5.505   -17.250 6.383   1.00 26.05 ? 57  LYS A NZ   1 
ATOM   117  N  N    . ARG A 1 31  ? 0.670   -18.089 1.792   1.00 20.65 ? 58  ARG A N    1 
ATOM   118  C  CA   . ARG A 1 31  ? 0.547   -18.993 0.670   1.00 21.29 ? 58  ARG A CA   1 
ATOM   119  C  C    . ARG A 1 31  ? 0.483   -18.191 -0.645  1.00 23.87 ? 58  ARG A C    1 
ATOM   120  O  O    . ARG A 1 31  ? 0.415   -16.946 -0.659  1.00 23.56 ? 58  ARG A O    1 
ATOM   121  C  CB   . ARG A 1 31  ? -0.663  -19.952 0.847   1.00 20.49 ? 58  ARG A CB   1 
ATOM   122  C  CG   . ARG A 1 31  ? -2.002  -19.306 0.806   1.00 19.98 ? 58  ARG A CG   1 
ATOM   123  C  CD   . ARG A 1 31  ? -3.133  -20.253 0.984   1.00 20.83 ? 58  ARG A CD   1 
ATOM   124  N  NE   . ARG A 1 31  ? -4.339  -19.457 0.964   1.00 19.42 ? 58  ARG A NE   1 
ATOM   125  C  CZ   . ARG A 1 31  ? -5.555  -19.945 1.052   1.00 22.09 ? 58  ARG A CZ   1 
ATOM   126  N  NH1  . ARG A 1 31  ? -5.762  -21.280 1.172   1.00 20.42 ? 58  ARG A NH1  1 
ATOM   127  N  NH2  . ARG A 1 31  ? -6.583  -19.095 1.048   1.00 22.23 ? 58  ARG A NH2  1 
ATOM   128  N  N    . GLN A 1 32  ? 0.582   -18.905 -1.745  1.00 26.60 ? 59  GLN A N    1 
ATOM   129  C  CA   . GLN A 1 32  ? 0.252   -18.313 -3.047  1.00 32.87 ? 59  GLN A CA   1 
ATOM   130  C  C    . GLN A 1 32  ? -1.133  -18.614 -3.476  1.00 30.51 ? 59  GLN A C    1 
ATOM   131  O  O    . GLN A 1 32  ? -1.549  -19.739 -3.339  1.00 28.97 ? 59  GLN A O    1 
ATOM   132  C  CB   . GLN A 1 32  ? 1.097   -18.891 -4.123  1.00 35.58 ? 59  GLN A CB   1 
ATOM   133  C  CG   . GLN A 1 32  ? 2.405   -18.210 -4.234  1.00 42.68 ? 59  GLN A CG   1 
ATOM   134  C  CD   . GLN A 1 32  ? 2.779   -18.104 -5.670  1.00 51.98 ? 59  GLN A CD   1 
ATOM   135  O  OE1  . GLN A 1 32  ? 2.134   -17.370 -6.450  1.00 59.70 ? 59  GLN A OE1  1 
ATOM   136  N  NE2  . GLN A 1 32  ? 3.792   -18.860 -6.054  1.00 52.06 ? 59  GLN A NE2  1 
ATOM   137  N  N    . THR A 1 33  ? -1.811  -17.630 -4.050  1.00 28.33 ? 60  THR A N    1 
ATOM   138  C  CA   . THR A 1 33  ? -3.089  -17.851 -4.684  1.00 28.27 ? 60  THR A CA   1 
ATOM   139  C  C    . THR A 1 33  ? -3.053  -17.165 -6.041  1.00 31.42 ? 60  THR A C    1 
ATOM   140  O  O    . THR A 1 33  ? -2.173  -16.312 -6.325  1.00 29.80 ? 60  THR A O    1 
ATOM   141  C  CB   . THR A 1 33  ? -4.358  -17.400 -3.885  1.00 29.21 ? 60  THR A CB   1 
ATOM   142  O  OG1  . THR A 1 33  ? -4.471  -15.961 -3.846  1.00 30.30 ? 60  THR A OG1  1 
ATOM   143  C  CG2  . THR A 1 33  ? -4.421  -18.010 -2.489  1.00 24.30 ? 60  THR A CG2  1 
ATOM   144  N  N    A ASN A 1 34  ? -4.005  -17.580 -6.870  0.50 28.80 ? 61  ASN A N    1 
ATOM   145  N  N    B ASN A 1 34  ? -4.015  -17.571 -6.886  0.50 28.88 ? 61  ASN A N    1 
ATOM   146  C  CA   A ASN A 1 34  ? -4.276  -17.033 -8.173  0.50 29.64 ? 61  ASN A CA   1 
ATOM   147  C  CA   B ASN A 1 34  ? -4.273  -16.992 -8.201  0.50 29.81 ? 61  ASN A CA   1 
ATOM   148  C  C    A ASN A 1 34  ? -4.568  -15.515 -8.056  0.50 27.90 ? 61  ASN A C    1 
ATOM   149  C  C    B ASN A 1 34  ? -4.565  -15.490 -8.059  0.50 27.92 ? 61  ASN A C    1 
ATOM   150  O  O    A ASN A 1 34  ? -4.008  -14.698 -8.793  0.50 27.80 ? 61  ASN A O    1 
ATOM   151  O  O    B ASN A 1 34  ? -4.021  -14.656 -8.791  0.50 27.68 ? 61  ASN A O    1 
ATOM   152  C  CB   A ASN A 1 34  ? -5.479  -17.841 -8.709  0.50 28.28 ? 61  ASN A CB   1 
ATOM   153  C  CB   B ASN A 1 34  ? -5.474  -17.736 -8.866  0.50 28.39 ? 61  ASN A CB   1 
ATOM   154  C  CG   A ASN A 1 34  ? -5.896  -17.436 -10.077 0.50 29.24 ? 61  ASN A CG   1 
ATOM   155  C  CG   B ASN A 1 34  ? -6.753  -17.685 -8.010  0.50 30.24 ? 61  ASN A CG   1 
ATOM   156  O  OD1  A ASN A 1 34  ? -5.157  -17.610 -11.028 0.50 36.01 ? 61  ASN A OD1  1 
ATOM   157  O  OD1  B ASN A 1 34  ? -6.696  -17.586 -6.776  0.50 30.67 ? 61  ASN A OD1  1 
ATOM   158  N  ND2  A ASN A 1 34  ? -7.107  -16.948 -10.207 0.50 29.63 ? 61  ASN A ND2  1 
ATOM   159  N  ND2  B ASN A 1 34  ? -7.907  -17.714 -8.663  0.50 32.85 ? 61  ASN A ND2  1 
ATOM   160  N  N    . GLN A 1 35  ? -5.400  -15.160 -7.079  1.00 28.11 ? 62  GLN A N    1 
ATOM   161  C  CA   . GLN A 1 35  ? -5.785  -13.768 -6.819  1.00 29.48 ? 62  GLN A CA   1 
ATOM   162  C  C    . GLN A 1 35  ? -4.592  -12.887 -6.440  1.00 29.15 ? 62  GLN A C    1 
ATOM   163  O  O    . GLN A 1 35  ? -4.399  -11.780 -6.988  1.00 27.39 ? 62  GLN A O    1 
ATOM   164  C  CB   . GLN A 1 35  ? -6.815  -13.720 -5.728  1.00 33.95 ? 62  GLN A CB   1 
ATOM   165  C  CG   . GLN A 1 35  ? -8.155  -14.308 -6.083  1.00 34.12 ? 62  GLN A CG   1 
ATOM   166  C  CD   . GLN A 1 35  ? -9.113  -14.216 -4.926  1.00 37.81 ? 62  GLN A CD   1 
ATOM   167  O  OE1  . GLN A 1 35  ? -8.769  -14.487 -3.766  1.00 40.42 ? 62  GLN A OE1  1 
ATOM   168  N  NE2  . GLN A 1 35  ? -10.341 -13.815 -5.228  1.00 43.64 ? 62  GLN A NE2  1 
ATOM   169  N  N    . LEU A 1 36  ? -3.769  -13.399 -5.517  1.00 28.63 ? 63  LEU A N    1 
ATOM   170  C  CA   . LEU A 1 36  ? -2.510  -12.716 -5.114  1.00 24.04 ? 63  LEU A CA   1 
ATOM   171  C  C    . LEU A 1 36  ? -1.549  -12.532 -6.214  1.00 25.77 ? 63  LEU A C    1 
ATOM   172  O  O    . LEU A 1 36  ? -0.842  -11.487 -6.271  1.00 22.13 ? 63  LEU A O    1 
ATOM   173  C  CB   . LEU A 1 36  ? -1.839  -13.430 -3.937  1.00 24.24 ? 63  LEU A CB   1 
ATOM   174  C  CG   . LEU A 1 36  ? -2.561  -13.208 -2.635  1.00 19.91 ? 63  LEU A CG   1 
ATOM   175  C  CD1  . LEU A 1 36  ? -2.267  -14.312 -1.625  1.00 21.00 ? 63  LEU A CD1  1 
ATOM   176  C  CD2  . LEU A 1 36  ? -2.270  -11.817 -2.078  1.00 20.11 ? 63  LEU A CD2  1 
ATOM   177  N  N    . GLN A 1 37  ? -1.501  -13.493 -7.144  1.00 27.60 ? 64  GLN A N    1 
ATOM   178  C  CA   . GLN A 1 37  ? -0.594  -13.314 -8.313  1.00 31.07 ? 64  GLN A CA   1 
ATOM   179  C  C    . GLN A 1 37  ? -1.059  -12.139 -9.242  1.00 28.96 ? 64  GLN A C    1 
ATOM   180  O  O    . GLN A 1 37  ? -0.270  -11.368 -9.751  1.00 26.89 ? 64  GLN A O    1 
ATOM   181  C  CB   . GLN A 1 37  ? -0.503  -14.593 -9.141  1.00 36.22 ? 64  GLN A CB   1 
ATOM   182  C  CG   . GLN A 1 37  ? 0.501   -15.588 -8.625  1.00 41.95 ? 64  GLN A CG   1 
ATOM   183  C  CD   . GLN A 1 37  ? 0.495   -16.889 -9.433  1.00 48.37 ? 64  GLN A CD   1 
ATOM   184  O  OE1  . GLN A 1 37  ? -0.199  -17.035 -10.445 1.00 52.27 ? 64  GLN A OE1  1 
ATOM   185  N  NE2  . GLN A 1 37  ? 1.262   -17.838 -8.977  1.00 49.31 ? 64  GLN A NE2  1 
ATOM   186  N  N    . TYR A 1 38  ? -2.354  -12.062 -9.452  1.00 30.53 ? 65  TYR A N    1 
ATOM   187  C  CA   . TYR A 1 38  ? -2.985  -10.961 -10.186 1.00 34.01 ? 65  TYR A CA   1 
ATOM   188  C  C    . TYR A 1 38  ? -2.711  -9.589  -9.500  1.00 30.22 ? 65  TYR A C    1 
ATOM   189  O  O    . TYR A 1 38  ? -2.293  -8.622  -10.160 1.00 29.80 ? 65  TYR A O    1 
ATOM   190  C  CB   . TYR A 1 38  ? -4.507  -11.230 -10.332 1.00 33.51 ? 65  TYR A CB   1 
ATOM   191  C  CG   . TYR A 1 38  ? -5.318  -10.101 -10.978 1.00 38.99 ? 65  TYR A CG   1 
ATOM   192  C  CD1  . TYR A 1 38  ? -5.350  -9.908  -12.360 1.00 43.02 ? 65  TYR A CD1  1 
ATOM   193  C  CD2  . TYR A 1 38  ? -6.029  -9.214  -10.185 1.00 45.82 ? 65  TYR A CD2  1 
ATOM   194  C  CE1  . TYR A 1 38  ? -6.086  -8.874  -12.919 1.00 44.87 ? 65  TYR A CE1  1 
ATOM   195  C  CE2  . TYR A 1 38  ? -6.762  -8.172  -10.734 1.00 50.11 ? 65  TYR A CE2  1 
ATOM   196  C  CZ   . TYR A 1 38  ? -6.803  -8.010  -12.094 1.00 48.24 ? 65  TYR A CZ   1 
ATOM   197  O  OH   . TYR A 1 38  ? -7.566  -6.953  -12.572 1.00 54.23 ? 65  TYR A OH   1 
ATOM   198  N  N    . LEU A 1 39  ? -2.912  -9.556  -8.184  1.00 30.88 ? 66  LEU A N    1 
ATOM   199  C  CA   . LEU A 1 39  ? -2.591  -8.369  -7.373  1.00 26.78 ? 66  LEU A CA   1 
ATOM   200  C  C    . LEU A 1 39  ? -1.174  -7.899  -7.634  1.00 25.86 ? 66  LEU A C    1 
ATOM   201  O  O    . LEU A 1 39  ? -0.960  -6.723  -7.775  1.00 28.35 ? 66  LEU A O    1 
ATOM   202  C  CB   . LEU A 1 39  ? -2.858  -8.600  -5.909  1.00 26.14 ? 66  LEU A CB   1 
ATOM   203  C  CG   . LEU A 1 39  ? -4.324  -8.431  -5.465  1.00 28.55 ? 66  LEU A CG   1 
ATOM   204  C  CD1  . LEU A 1 39  ? -4.586  -9.154  -4.148  1.00 28.86 ? 66  LEU A CD1  1 
ATOM   205  C  CD2  . LEU A 1 39  ? -4.713  -6.958  -5.293  1.00 30.06 ? 66  LEU A CD2  1 
ATOM   206  N  N    . LEU A 1 40  ? -0.203  -8.799  -7.772  1.00 25.33 ? 67  LEU A N    1 
ATOM   207  C  CA   . LEU A 1 40  ? 1.173   -8.400  -8.043  1.00 25.23 ? 67  LEU A CA   1 
ATOM   208  C  C    . LEU A 1 40  ? 1.391   -7.986  -9.524  1.00 29.68 ? 67  LEU A C    1 
ATOM   209  O  O    . LEU A 1 40  ? 1.803   -6.890  -9.823  1.00 30.05 ? 67  LEU A O    1 
ATOM   210  C  CB   . LEU A 1 40  ? 2.139   -9.518  -7.685  1.00 24.71 ? 67  LEU A CB   1 
ATOM   211  C  CG   . LEU A 1 40  ? 3.585   -9.260  -8.080  1.00 27.04 ? 67  LEU A CG   1 
ATOM   212  C  CD1  . LEU A 1 40  ? 4.087   -7.949  -7.494  1.00 27.61 ? 67  LEU A CD1  1 
ATOM   213  C  CD2  . LEU A 1 40  ? 4.509   -10.424 -7.684  1.00 29.71 ? 67  LEU A CD2  1 
ATOM   214  N  N    . ARG A 1 41  ? 1.040   -8.884  -10.434 1.00 34.51 ? 68  ARG A N    1 
ATOM   215  C  CA   . ARG A 1 41  ? 1.317   -8.752  -11.845 1.00 35.39 ? 68  ARG A CA   1 
ATOM   216  C  C    . ARG A 1 41  ? 0.469   -7.695  -12.520 1.00 32.18 ? 68  ARG A C    1 
ATOM   217  O  O    . ARG A 1 41  ? 0.961   -7.016  -13.397 1.00 35.41 ? 68  ARG A O    1 
ATOM   218  C  CB   . ARG A 1 41  ? 1.112   -10.117 -12.541 1.00 41.58 ? 68  ARG A CB   1 
ATOM   219  C  CG   . ARG A 1 41  ? 2.290   -11.081 -12.291 1.00 50.38 ? 68  ARG A CG   1 
ATOM   220  C  CD   . ARG A 1 41  ? 1.877   -12.462 -11.760 1.00 60.42 ? 68  ARG A CD   1 
ATOM   221  N  NE   . ARG A 1 41  ? 1.915   -13.514 -12.782 1.00 63.04 ? 68  ARG A NE   1 
ATOM   222  C  CZ   . ARG A 1 41  ? 2.705   -14.588 -12.780 1.00 63.48 ? 68  ARG A CZ   1 
ATOM   223  N  NH1  . ARG A 1 41  ? 2.627   -15.457 -13.788 1.00 60.77 ? 68  ARG A NH1  1 
ATOM   224  N  NH2  . ARG A 1 41  ? 3.571   -14.812 -11.798 1.00 67.00 ? 68  ARG A NH2  1 
ATOM   225  N  N    . VAL A 1 42  ? -0.791  -7.577  -12.152 1.00 31.93 ? 69  VAL A N    1 
ATOM   226  C  CA   . VAL A 1 42  ? -1.627  -6.598  -12.782 1.00 33.95 ? 69  VAL A CA   1 
ATOM   227  C  C    . VAL A 1 42  ? -1.978  -5.398  -11.875 1.00 33.75 ? 69  VAL A C    1 
ATOM   228  O  O    . VAL A 1 42  ? -1.808  -4.277  -12.304 1.00 28.30 ? 69  VAL A O    1 
ATOM   229  C  CB   . VAL A 1 42  ? -2.906  -7.201  -13.372 1.00 39.00 ? 69  VAL A CB   1 
ATOM   230  C  CG1  . VAL A 1 42  ? -3.612  -6.139  -14.214 1.00 43.15 ? 69  VAL A CG1  1 
ATOM   231  C  CG2  . VAL A 1 42  ? -2.585  -8.391  -14.259 1.00 36.37 ? 69  VAL A CG2  1 
ATOM   232  N  N    . VAL A 1 43  ? -2.476  -5.602  -10.657 1.00 31.13 ? 70  VAL A N    1 
ATOM   233  C  CA   . VAL A 1 43  ? -2.940  -4.431  -9.876  1.00 33.31 ? 70  VAL A CA   1 
ATOM   234  C  C    . VAL A 1 43  ? -1.759  -3.565  -9.443  1.00 30.20 ? 70  VAL A C    1 
ATOM   235  O  O    . VAL A 1 43  ? -1.679  -2.360  -9.771  1.00 25.97 ? 70  VAL A O    1 
ATOM   236  C  CB   . VAL A 1 43  ? -3.773  -4.815  -8.674  1.00 29.73 ? 70  VAL A CB   1 
ATOM   237  C  CG1  . VAL A 1 43  ? -4.216  -3.578  -7.921  1.00 30.15 ? 70  VAL A CG1  1 
ATOM   238  C  CG2  . VAL A 1 43  ? -4.944  -5.644  -9.154  1.00 30.83 ? 70  VAL A CG2  1 
ATOM   239  N  N    . LEU A 1 44  ? -0.802  -4.190  -8.785  1.00 26.27 ? 71  LEU A N    1 
ATOM   240  C  CA   . LEU A 1 44  ? 0.308   -3.417  -8.238  1.00 27.41 ? 71  LEU A CA   1 
ATOM   241  C  C    . LEU A 1 44  ? 1.118   -2.761  -9.351  1.00 27.98 ? 71  LEU A C    1 
ATOM   242  O  O    . LEU A 1 44  ? 1.515   -1.584  -9.237  1.00 24.30 ? 71  LEU A O    1 
ATOM   243  C  CB   . LEU A 1 44  ? 1.127   -4.263  -7.279  1.00 26.98 ? 71  LEU A CB   1 
ATOM   244  C  CG   . LEU A 1 44  ? 2.321   -3.723  -6.493  1.00 29.74 ? 71  LEU A CG   1 
ATOM   245  C  CD1  . LEU A 1 44  ? 3.562   -3.674  -7.359  1.00 33.64 ? 71  LEU A CD1  1 
ATOM   246  C  CD2  . LEU A 1 44  ? 2.075   -2.387  -5.855  1.00 30.70 ? 71  LEU A CD2  1 
ATOM   247  N  N    . LYS A 1 45  ? 1.308   -3.486  -10.443 1.00 29.15 ? 72  LYS A N    1 
ATOM   248  C  CA   . LYS A 1 45  ? 2.183   -3.037  -11.490 1.00 31.88 ? 72  LYS A CA   1 
ATOM   249  C  C    . LYS A 1 45  ? 1.564   -1.801  -12.197 1.00 31.67 ? 72  LYS A C    1 
ATOM   250  O  O    . LYS A 1 45  ? 2.273   -0.860  -12.527 1.00 31.14 ? 72  LYS A O    1 
ATOM   251  C  CB   . LYS A 1 45  ? 2.420   -4.163  -12.471 1.00 37.15 ? 72  LYS A CB   1 
ATOM   252  C  CG   . LYS A 1 45  ? 3.143   -3.706  -13.719 1.00 44.52 ? 72  LYS A CG   1 
ATOM   253  C  CD   . LYS A 1 45  ? 3.204   -4.814  -14.754 1.00 54.09 ? 72  LYS A CD   1 
ATOM   254  C  CE   . LYS A 1 45  ? 4.608   -5.392  -14.859 1.00 63.54 ? 72  LYS A CE   1 
ATOM   255  N  NZ   . LYS A 1 45  ? 5.516   -4.409  -15.521 1.00 69.97 ? 72  LYS A NZ   1 
ATOM   256  N  N    . THR A 1 46  ? 0.250   -1.781  -12.368 1.00 32.06 ? 73  THR A N    1 
ATOM   257  C  CA   . THR A 1 46  ? -0.371  -0.600  -12.942 1.00 30.33 ? 73  THR A CA   1 
ATOM   258  C  C    . THR A 1 46  ? -0.382  0.584   -11.978 1.00 31.31 ? 73  THR A C    1 
ATOM   259  O  O    . THR A 1 46  ? -0.177  1.685   -12.409 1.00 28.28 ? 73  THR A O    1 
ATOM   260  C  CB   . THR A 1 46  ? -1.737  -0.800  -13.619 1.00 33.86 ? 73  THR A CB   1 
ATOM   261  O  OG1  . THR A 1 46  ? -2.802  -0.302  -12.816 1.00 42.23 ? 73  THR A OG1  1 
ATOM   262  C  CG2  . THR A 1 46  ? -1.990  -2.201  -14.106 1.00 32.14 ? 73  THR A CG2  1 
ATOM   263  N  N    . LEU A 1 47  ? -0.547  0.376   -10.670 1.00 30.10 ? 74  LEU A N    1 
ATOM   264  C  CA   . LEU A 1 47  ? -0.422  1.505   -9.725  1.00 29.12 ? 74  LEU A CA   1 
ATOM   265  C  C    . LEU A 1 47  ? 1.011   2.045   -9.612  1.00 24.87 ? 74  LEU A C    1 
ATOM   266  O  O    . LEU A 1 47  ? 1.233   3.256   -9.586  1.00 24.27 ? 74  LEU A O    1 
ATOM   267  C  CB   . LEU A 1 47  ? -0.963  1.140   -8.357  1.00 30.94 ? 74  LEU A CB   1 
ATOM   268  C  CG   . LEU A 1 47  ? -2.457  0.913   -8.190  1.00 36.54 ? 74  LEU A CG   1 
ATOM   269  C  CD1  . LEU A 1 47  ? -2.939  1.494   -6.864  1.00 39.35 ? 74  LEU A CD1  1 
ATOM   270  C  CD2  . LEU A 1 47  ? -3.312  1.449   -9.304  1.00 39.59 ? 74  LEU A CD2  1 
ATOM   271  N  N    . TRP A 1 48  ? 1.965   1.133   -9.588  1.00 24.02 ? 75  TRP A N    1 
ATOM   272  C  CA   . TRP A 1 48  ? 3.365   1.455   -9.468  1.00 24.98 ? 75  TRP A CA   1 
ATOM   273  C  C    . TRP A 1 48  ? 3.850   2.339   -10.632 1.00 27.53 ? 75  TRP A C    1 
ATOM   274  O  O    . TRP A 1 48  ? 4.710   3.202   -10.430 1.00 26.29 ? 75  TRP A O    1 
ATOM   275  C  CB   . TRP A 1 48  ? 4.152   0.174   -9.445  1.00 25.32 ? 75  TRP A CB   1 
ATOM   276  C  CG   . TRP A 1 48  ? 5.563   0.347   -9.088  1.00 24.41 ? 75  TRP A CG   1 
ATOM   277  C  CD1  . TRP A 1 48  ? 6.582   0.547   -9.934  1.00 24.50 ? 75  TRP A CD1  1 
ATOM   278  C  CD2  . TRP A 1 48  ? 6.118   0.377   -7.754  1.00 24.04 ? 75  TRP A CD2  1 
ATOM   279  N  NE1  . TRP A 1 48  ? 7.755   0.675   -9.242  1.00 23.13 ? 75  TRP A NE1  1 
ATOM   280  C  CE2  . TRP A 1 48  ? 7.502   0.580   -7.892  1.00 23.30 ? 75  TRP A CE2  1 
ATOM   281  C  CE3  . TRP A 1 48  ? 5.574   0.258   -6.464  1.00 24.29 ? 75  TRP A CE3  1 
ATOM   282  C  CZ2  . TRP A 1 48  ? 8.382   0.686   -6.771  1.00 23.56 ? 75  TRP A CZ2  1 
ATOM   283  C  CZ3  . TRP A 1 48  ? 6.451   0.336   -5.343  1.00 22.85 ? 75  TRP A CZ3  1 
ATOM   284  C  CH2  . TRP A 1 48  ? 7.830   0.548   -5.512  1.00 24.21 ? 75  TRP A CH2  1 
ATOM   285  N  N    . LYS A 1 49  ? 3.306   2.135   -11.830 1.00 28.55 ? 76  LYS A N    1 
ATOM   286  C  CA   . LYS A 1 49  ? 3.731   2.929   -13.003 1.00 29.94 ? 76  LYS A CA   1 
ATOM   287  C  C    . LYS A 1 49  ? 2.950   4.168   -13.260 1.00 27.64 ? 76  LYS A C    1 
ATOM   288  O  O    . LYS A 1 49  ? 3.354   4.944   -14.060 1.00 30.28 ? 76  LYS A O    1 
ATOM   289  C  CB   . LYS A 1 49  ? 3.696   2.057   -14.270 1.00 36.70 ? 76  LYS A CB   1 
ATOM   290  C  CG   . LYS A 1 49  ? 5.080   1.520   -14.579 1.00 45.56 ? 76  LYS A CG   1 
ATOM   291  C  CD   . LYS A 1 49  ? 5.351   0.229   -13.852 1.00 49.79 ? 76  LYS A CD   1 
ATOM   292  C  CE   . LYS A 1 49  ? 4.793   -0.926  -14.658 1.00 59.47 ? 76  LYS A CE   1 
ATOM   293  N  NZ   . LYS A 1 49  ? 5.211   -0.929  -16.088 1.00 63.02 ? 76  LYS A NZ   1 
ATOM   294  N  N    . HIS A 1 50  ? 1.836   4.377   -12.586 1.00 25.55 ? 77  HIS A N    1 
ATOM   295  C  CA   . HIS A 1 50  ? 1.109   5.634   -12.705 1.00 24.57 ? 77  HIS A CA   1 
ATOM   296  C  C    . HIS A 1 50  ? 1.963   6.853   -12.258 1.00 25.68 ? 77  HIS A C    1 
ATOM   297  O  O    . HIS A 1 50  ? 2.849   6.767   -11.393 1.00 21.05 ? 77  HIS A O    1 
ATOM   298  C  CB   . HIS A 1 50  ? -0.145  5.500   -11.915 1.00 22.68 ? 77  HIS A CB   1 
ATOM   299  C  CG   . HIS A 1 50  ? -1.170  6.523   -12.186 1.00 23.71 ? 77  HIS A CG   1 
ATOM   300  N  ND1  . HIS A 1 50  ? -1.093  7.804   -11.695 1.00 23.54 ? 77  HIS A ND1  1 
ATOM   301  C  CD2  . HIS A 1 50  ? -2.385  6.424   -12.771 1.00 26.26 ? 77  HIS A CD2  1 
ATOM   302  C  CE1  . HIS A 1 50  ? -2.197  8.457   -11.968 1.00 26.31 ? 77  HIS A CE1  1 
ATOM   303  N  NE2  . HIS A 1 50  ? -3.007  7.634   -12.614 1.00 26.65 ? 77  HIS A NE2  1 
ATOM   304  N  N    . GLN A 1 51  ? 1.717   7.985   -12.911 1.00 27.36 ? 78  GLN A N    1 
ATOM   305  C  CA   . GLN A 1 51  ? 2.444   9.205   -12.625 1.00 27.75 ? 78  GLN A CA   1 
ATOM   306  C  C    . GLN A 1 51  ? 2.394   9.587   -11.126 1.00 26.26 ? 78  GLN A C    1 
ATOM   307  O  O    . GLN A 1 51  ? 3.317   10.207  -10.624 1.00 27.96 ? 78  GLN A O    1 
ATOM   308  C  CB   . GLN A 1 51  ? 1.837   10.355  -13.457 1.00 30.58 ? 78  GLN A CB   1 
ATOM   309  C  CG   . GLN A 1 51  ? 2.643   11.665  -13.365 1.00 34.17 ? 78  GLN A CG   1 
ATOM   310  C  CD   . GLN A 1 51  ? 2.014   12.837  -14.122 1.00 38.74 ? 78  GLN A CD   1 
ATOM   311  O  OE1  . GLN A 1 51  ? 1.816   13.942  -13.579 1.00 38.71 ? 78  GLN A OE1  1 
ATOM   312  N  NE2  . GLN A 1 51  ? 1.709   12.612  -15.389 1.00 37.88 ? 78  GLN A NE2  1 
ATOM   313  N  N    . PHE A 1 52  ? 1.303   9.275   -10.440 1.00 21.81 ? 79  PHE A N    1 
ATOM   314  C  CA   . PHE A 1 52  ? 1.042   9.734   -9.097  1.00 21.43 ? 79  PHE A CA   1 
ATOM   315  C  C    . PHE A 1 52  ? 1.559   8.729   -8.039  1.00 22.55 ? 79  PHE A C    1 
ATOM   316  O  O    . PHE A 1 52  ? 1.341   8.963   -6.868  1.00 20.13 ? 79  PHE A O    1 
ATOM   317  C  CB   . PHE A 1 52  ? -0.450  9.914   -8.863  1.00 21.81 ? 79  PHE A CB   1 
ATOM   318  C  CG   . PHE A 1 52  ? -1.116  11.042  -9.626  1.00 21.22 ? 79  PHE A CG   1 
ATOM   319  C  CD1  . PHE A 1 52  ? -0.409  12.108  -10.185 1.00 21.95 ? 79  PHE A CD1  1 
ATOM   320  C  CD2  . PHE A 1 52  ? -2.491  11.071  -9.666  1.00 19.22 ? 79  PHE A CD2  1 
ATOM   321  C  CE1  . PHE A 1 52  ? -1.084  13.147  -10.835 1.00 21.14 ? 79  PHE A CE1  1 
ATOM   322  C  CE2  . PHE A 1 52  ? -3.174  12.101  -10.278 1.00 20.68 ? 79  PHE A CE2  1 
ATOM   323  C  CZ   . PHE A 1 52  ? -2.473  13.149  -10.858 1.00 22.53 ? 79  PHE A CZ   1 
ATOM   324  N  N    . ALA A 1 53  ? 2.245   7.652   -8.445  1.00 21.81 ? 80  ALA A N    1 
ATOM   325  C  CA   . ALA A 1 53  ? 2.764   6.624   -7.508  1.00 21.41 ? 80  ALA A CA   1 
ATOM   326  C  C    . ALA A 1 53  ? 3.861   7.102   -6.577  1.00 20.66 ? 80  ALA A C    1 
ATOM   327  O  O    . ALA A 1 53  ? 3.994   6.564   -5.508  1.00 23.07 ? 80  ALA A O    1 
ATOM   328  C  CB   . ALA A 1 53  ? 3.312   5.405   -8.264  1.00 20.69 ? 80  ALA A CB   1 
ATOM   329  N  N    . TRP A 1 54  ? 4.630   8.107   -6.986  1.00 20.00 ? 81  TRP A N    1 
ATOM   330  C  CA   . TRP A 1 54  ? 5.909   8.379   -6.384  1.00 21.42 ? 81  TRP A CA   1 
ATOM   331  C  C    . TRP A 1 54  ? 5.903   8.667   -4.866  1.00 20.23 ? 81  TRP A C    1 
ATOM   332  O  O    . TRP A 1 54  ? 6.839   8.211   -4.168  1.00 20.15 ? 81  TRP A O    1 
ATOM   333  C  CB   . TRP A 1 54  ? 6.692   9.461   -7.157  1.00 21.60 ? 81  TRP A CB   1 
ATOM   334  C  CG   . TRP A 1 54  ? 6.021   10.818  -7.166  1.00 21.61 ? 81  TRP A CG   1 
ATOM   335  C  CD1  . TRP A 1 54  ? 5.169   11.290  -8.138  1.00 23.03 ? 81  TRP A CD1  1 
ATOM   336  C  CD2  . TRP A 1 54  ? 6.090   11.842  -6.162  1.00 21.35 ? 81  TRP A CD2  1 
ATOM   337  N  NE1  . TRP A 1 54  ? 4.749   12.559  -7.821  1.00 21.88 ? 81  TRP A NE1  1 
ATOM   338  C  CE2  . TRP A 1 54  ? 5.281   12.923  -6.614  1.00 21.85 ? 81  TRP A CE2  1 
ATOM   339  C  CE3  . TRP A 1 54  ? 6.777   11.971  -4.931  1.00 20.90 ? 81  TRP A CE3  1 
ATOM   340  C  CZ2  . TRP A 1 54  ? 5.109   14.116  -5.860  1.00 23.39 ? 81  TRP A CZ2  1 
ATOM   341  C  CZ3  . TRP A 1 54  ? 6.639   13.156  -4.192  1.00 22.91 ? 81  TRP A CZ3  1 
ATOM   342  C  CH2  . TRP A 1 54  ? 5.811   14.216  -4.656  1.00 23.99 ? 81  TRP A CH2  1 
ATOM   343  N  N    . PRO A 1 55  ? 4.843   9.325   -4.329  1.00 17.75 ? 82  PRO A N    1 
ATOM   344  C  CA   . PRO A 1 55  ? 4.864   9.530   -2.853  1.00 17.35 ? 82  PRO A CA   1 
ATOM   345  C  C    . PRO A 1 55  ? 4.544   8.256   -2.078  1.00 17.73 ? 82  PRO A C    1 
ATOM   346  O  O    . PRO A 1 55  ? 4.740   8.227   -0.880  1.00 17.83 ? 82  PRO A O    1 
ATOM   347  C  CB   . PRO A 1 55  ? 3.766   10.593  -2.587  1.00 19.72 ? 82  PRO A CB   1 
ATOM   348  C  CG   . PRO A 1 55  ? 3.259   11.006  -3.963  1.00 20.08 ? 82  PRO A CG   1 
ATOM   349  C  CD   . PRO A 1 55  ? 3.644   9.891   -4.938  1.00 18.53 ? 82  PRO A CD   1 
ATOM   350  N  N    . PHE A 1 56  ? 4.040   7.233   -2.770  1.00 17.58 ? 83  PHE A N    1 
ATOM   351  C  CA   . PHE A 1 56  ? 3.574   5.989   -2.155  1.00 18.07 ? 83  PHE A CA   1 
ATOM   352  C  C    . PHE A 1 56  ? 4.447   4.796   -2.455  1.00 17.54 ? 83  PHE A C    1 
ATOM   353  O  O    . PHE A 1 56  ? 4.083   3.688   -2.044  1.00 17.11 ? 83  PHE A O    1 
ATOM   354  C  CB   . PHE A 1 56  ? 2.177   5.679   -2.649  1.00 18.68 ? 83  PHE A CB   1 
ATOM   355  C  CG   . PHE A 1 56  ? 1.246   6.832   -2.498  1.00 19.88 ? 83  PHE A CG   1 
ATOM   356  C  CD1  . PHE A 1 56  ? 0.684   7.103   -1.280  1.00 19.39 ? 83  PHE A CD1  1 
ATOM   357  C  CD2  . PHE A 1 56  ? 0.994   7.735   -3.595  1.00 21.00 ? 83  PHE A CD2  1 
ATOM   358  C  CE1  . PHE A 1 56  ? -0.191  8.181   -1.122  1.00 20.19 ? 83  PHE A CE1  1 
ATOM   359  C  CE2  . PHE A 1 56  ? 0.106   8.833   -3.421  1.00 20.01 ? 83  PHE A CE2  1 
ATOM   360  C  CZ   . PHE A 1 56  ? -0.475  9.060   -2.187  1.00 20.23 ? 83  PHE A CZ   1 
ATOM   361  N  N    . GLN A 1 57  ? 5.591   5.006   -3.119  1.00 17.05 ? 84  GLN A N    1 
ATOM   362  C  CA   . GLN A 1 57  ? 6.483   3.896   -3.498  1.00 18.37 ? 84  GLN A CA   1 
ATOM   363  C  C    . GLN A 1 57  ? 7.421   3.466   -2.373  1.00 20.99 ? 84  GLN A C    1 
ATOM   364  O  O    . GLN A 1 57  ? 8.112   2.498   -2.555  1.00 21.41 ? 84  GLN A O    1 
ATOM   365  C  CB   . GLN A 1 57  ? 7.286   4.191   -4.783  1.00 19.59 ? 84  GLN A CB   1 
ATOM   366  C  CG   . GLN A 1 57  ? 6.442   4.109   -6.061  1.00 21.26 ? 84  GLN A CG   1 
ATOM   367  C  CD   . GLN A 1 57  ? 7.141   4.678   -7.268  1.00 24.20 ? 84  GLN A CD   1 
ATOM   368  O  OE1  . GLN A 1 57  ? 7.963   5.556   -7.145  1.00 26.12 ? 84  GLN A OE1  1 
ATOM   369  N  NE2  . GLN A 1 57  ? 6.832   4.157   -8.433  1.00 23.26 ? 84  GLN A NE2  1 
ATOM   370  N  N    . GLN A 1 58  ? 7.414   4.143   -1.216  1.00 18.62 ? 85  GLN A N    1 
ATOM   371  C  CA   . GLN A 1 58  ? 8.295   3.794   -0.096  1.00 19.40 ? 85  GLN A CA   1 
ATOM   372  C  C    . GLN A 1 58  ? 7.644   4.260   1.189   1.00 18.65 ? 85  GLN A C    1 
ATOM   373  O  O    . GLN A 1 58  ? 6.818   5.178   1.158   1.00 16.20 ? 85  GLN A O    1 
ATOM   374  C  CB   . GLN A 1 58  ? 9.647   4.475   -0.229  1.00 19.54 ? 85  GLN A CB   1 
ATOM   375  C  CG   . GLN A 1 58  ? 9.603   6.013   -0.401  1.00 19.40 ? 85  GLN A CG   1 
ATOM   376  C  CD   . GLN A 1 58  ? 9.102   6.425   -1.770  1.00 21.53 ? 85  GLN A CD   1 
ATOM   377  O  OE1  . GLN A 1 58  ? 9.532   5.873   -2.766  1.00 22.64 ? 85  GLN A OE1  1 
ATOM   378  N  NE2  . GLN A 1 58  ? 8.156   7.368   -1.831  1.00 21.85 ? 85  GLN A NE2  1 
ATOM   379  N  N    . PRO A 1 59  ? 8.031   3.676   2.319   1.00 17.98 ? 86  PRO A N    1 
ATOM   380  C  CA   . PRO A 1 59  ? 7.534   4.187   3.600   1.00 17.39 ? 86  PRO A CA   1 
ATOM   381  C  C    . PRO A 1 59  ? 7.778   5.720   3.726   1.00 18.62 ? 86  PRO A C    1 
ATOM   382  O  O    . PRO A 1 59  ? 8.803   6.228   3.233   1.00 16.65 ? 86  PRO A O    1 
ATOM   383  C  CB   . PRO A 1 59  ? 8.375   3.433   4.607   1.00 17.39 ? 86  PRO A CB   1 
ATOM   384  C  CG   . PRO A 1 59  ? 8.688   2.143   3.941   1.00 20.15 ? 86  PRO A CG   1 
ATOM   385  C  CD   . PRO A 1 59  ? 8.950   2.521   2.499   1.00 19.46 ? 86  PRO A CD   1 
ATOM   386  N  N    . VAL A 1 60  ? 6.825   6.445   4.342   1.00 18.42 ? 87  VAL A N    1 
ATOM   387  C  CA   . VAL A 1 60  ? 6.993   7.859   4.617   1.00 17.87 ? 87  VAL A CA   1 
ATOM   388  C  C    . VAL A 1 60  ? 8.261   8.080   5.463   1.00 18.40 ? 87  VAL A C    1 
ATOM   389  O  O    . VAL A 1 60  ? 8.453   7.449   6.515   1.00 19.07 ? 87  VAL A O    1 
ATOM   390  C  CB   . VAL A 1 60  ? 5.754   8.476   5.283   1.00 19.10 ? 87  VAL A CB   1 
ATOM   391  C  CG1  . VAL A 1 60  ? 6.038   9.905   5.763   1.00 19.86 ? 87  VAL A CG1  1 
ATOM   392  C  CG2  . VAL A 1 60  ? 4.555   8.451   4.327   1.00 20.17 ? 87  VAL A CG2  1 
ATOM   393  N  N    . ASP A 1 61  ? 9.157   8.919   4.932   1.00 17.86 ? 88  ASP A N    1 
ATOM   394  C  CA   . ASP A 1 61  ? 10.352  9.313   5.621   1.00 18.22 ? 88  ASP A CA   1 
ATOM   395  C  C    . ASP A 1 61  ? 10.097  10.652  6.217   1.00 18.91 ? 88  ASP A C    1 
ATOM   396  O  O    . ASP A 1 61  ? 10.220  11.703  5.552   1.00 19.97 ? 88  ASP A O    1 
ATOM   397  C  CB   . ASP A 1 61  ? 11.498  9.306   4.684   1.00 19.80 ? 88  ASP A CB   1 
ATOM   398  C  CG   . ASP A 1 61  ? 12.828  9.613   5.386   1.00 21.12 ? 88  ASP A CG   1 
ATOM   399  O  OD1  . ASP A 1 61  ? 12.869  10.214  6.461   1.00 18.97 ? 88  ASP A OD1  1 
ATOM   400  O  OD2  . ASP A 1 61  ? 13.864  9.228   4.815   1.00 26.29 ? 88  ASP A OD2  1 
ATOM   401  N  N    . ALA A 1 62  ? 9.709   10.615  7.487   1.00 19.00 ? 89  ALA A N    1 
ATOM   402  C  CA   . ALA A 1 62  ? 9.231   11.829  8.147   1.00 22.36 ? 89  ALA A CA   1 
ATOM   403  C  C    . ALA A 1 62  ? 10.345  12.842  8.424   1.00 22.41 ? 89  ALA A C    1 
ATOM   404  O  O    . ALA A 1 62  ? 10.077  14.028  8.559   1.00 19.97 ? 89  ALA A O    1 
ATOM   405  C  CB   . ALA A 1 62  ? 8.459   11.483  9.406   1.00 21.31 ? 89  ALA A CB   1 
ATOM   406  N  N    . VAL A 1 63  ? 11.578  12.352  8.495   1.00 24.94 ? 90  VAL A N    1 
ATOM   407  C  CA   . VAL A 1 63  ? 12.767  13.207  8.638   1.00 26.74 ? 90  VAL A CA   1 
ATOM   408  C  C    . VAL A 1 63  ? 13.043  13.938  7.324   1.00 25.61 ? 90  VAL A C    1 
ATOM   409  O  O    . VAL A 1 63  ? 13.024  15.160  7.311   1.00 25.86 ? 90  VAL A O    1 
ATOM   410  C  CB   . VAL A 1 63  ? 14.005  12.361  9.024   1.00 27.08 ? 90  VAL A CB   1 
ATOM   411  C  CG1  . VAL A 1 63  ? 15.284  13.226  9.040   1.00 27.18 ? 90  VAL A CG1  1 
ATOM   412  C  CG2  . VAL A 1 63  ? 13.735  11.646  10.361  1.00 27.11 ? 90  VAL A CG2  1 
ATOM   413  N  N    . LYS A 1 64  ? 13.300  13.208  6.243   1.00 22.93 ? 91  LYS A N    1 
ATOM   414  C  CA   . LYS A 1 64  ? 13.560  13.848  4.939   1.00 25.69 ? 91  LYS A CA   1 
ATOM   415  C  C    . LYS A 1 64  ? 12.376  14.621  4.382   1.00 24.04 ? 91  LYS A C    1 
ATOM   416  O  O    . LYS A 1 64  ? 12.573  15.592  3.670   1.00 21.15 ? 91  LYS A O    1 
ATOM   417  C  CB   . LYS A 1 64  ? 14.040  12.816  3.873   1.00 31.37 ? 91  LYS A CB   1 
ATOM   418  C  CG   . LYS A 1 64  ? 15.536  12.532  4.002   1.00 38.18 ? 91  LYS A CG   1 
ATOM   419  C  CD   . LYS A 1 64  ? 15.987  11.187  3.462   1.00 43.36 ? 91  LYS A CD   1 
ATOM   420  C  CE   . LYS A 1 64  ? 15.459  10.916  2.074   1.00 51.22 ? 91  LYS A CE   1 
ATOM   421  N  NZ   . LYS A 1 64  ? 16.139  9.697   1.536   1.00 58.77 ? 91  LYS A NZ   1 
ATOM   422  N  N    . LEU A 1 65  ? 11.136  14.215  4.672   1.00 21.89 ? 92  LEU A N    1 
ATOM   423  C  CA   . LEU A 1 65  ? 9.986   15.041  4.195   1.00 19.57 ? 92  LEU A CA   1 
ATOM   424  C  C    . LEU A 1 65  ? 9.590   16.181  5.132   1.00 18.50 ? 92  LEU A C    1 
ATOM   425  O  O    . LEU A 1 65  ? 8.601   16.897  4.853   1.00 17.62 ? 92  LEU A O    1 
ATOM   426  C  CB   . LEU A 1 65  ? 8.795   14.167  3.895   1.00 18.33 ? 92  LEU A CB   1 
ATOM   427  C  CG   . LEU A 1 65  ? 9.067   13.040  2.860   1.00 19.90 ? 92  LEU A CG   1 
ATOM   428  C  CD1  . LEU A 1 65  ? 7.875   12.074  2.785   1.00 20.71 ? 92  LEU A CD1  1 
ATOM   429  C  CD2  . LEU A 1 65  ? 9.375   13.556  1.481   1.00 21.00 ? 92  LEU A CD2  1 
ATOM   430  N  N    . ASN A 1 66  ? 10.248  16.269  6.292   1.00 18.96 ? 93  ASN A N    1 
ATOM   431  C  CA   . ASN A 1 66  ? 9.925   17.246  7.302   1.00 21.02 ? 93  ASN A CA   1 
ATOM   432  C  C    . ASN A 1 66  ? 8.492   17.133  7.732   1.00 20.12 ? 93  ASN A C    1 
ATOM   433  O  O    . ASN A 1 66  ? 7.745   18.089  7.708   1.00 17.51 ? 93  ASN A O    1 
ATOM   434  C  CB   . ASN A 1 66  ? 10.228  18.667  6.779   1.00 23.10 ? 93  ASN A CB   1 
ATOM   435  C  CG   . ASN A 1 66  ? 10.233  19.697  7.886   1.00 28.29 ? 93  ASN A CG   1 
ATOM   436  O  OD1  . ASN A 1 66  ? 10.669  19.420  8.996   1.00 34.68 ? 93  ASN A OD1  1 
ATOM   437  N  ND2  . ASN A 1 66  ? 9.755   20.888  7.597   1.00 30.40 ? 93  ASN A ND2  1 
ATOM   438  N  N    . LEU A 1 67  ? 8.108   15.946  8.159   1.00 19.57 ? 94  LEU A N    1 
ATOM   439  C  CA   . LEU A 1 67  ? 6.762   15.722  8.633   1.00 17.63 ? 94  LEU A CA   1 
ATOM   440  C  C    . LEU A 1 67  ? 6.827   15.159  10.063  1.00 20.19 ? 94  LEU A C    1 
ATOM   441  O  O    . LEU A 1 67  ? 6.522   13.961  10.290  1.00 18.59 ? 94  LEU A O    1 
ATOM   442  C  CB   . LEU A 1 67  ? 6.062   14.751  7.697   1.00 17.93 ? 94  LEU A CB   1 
ATOM   443  C  CG   . LEU A 1 67  ? 5.865   15.055  6.225   1.00 17.87 ? 94  LEU A CG   1 
ATOM   444  C  CD1  . LEU A 1 67  ? 5.307   13.810  5.548   1.00 18.19 ? 94  LEU A CD1  1 
ATOM   445  C  CD2  . LEU A 1 67  ? 4.963   16.271  6.055   1.00 18.39 ? 94  LEU A CD2  1 
ATOM   446  N  N    . PRO A 1 68  ? 7.186   16.034  11.061  1.00 22.65 ? 95  PRO A N    1 
ATOM   447  C  CA   . PRO A 1 68  ? 7.444   15.519  12.430  1.00 20.30 ? 95  PRO A CA   1 
ATOM   448  C  C    . PRO A 1 68  ? 6.216   14.963  13.120  1.00 19.68 ? 95  PRO A C    1 
ATOM   449  O  O    . PRO A 1 68  ? 6.352   14.151  14.033  1.00 19.24 ? 95  PRO A O    1 
ATOM   450  C  CB   . PRO A 1 68  ? 8.061   16.721  13.154  1.00 20.82 ? 95  PRO A CB   1 
ATOM   451  C  CG   . PRO A 1 68  ? 7.561   17.899  12.413  1.00 21.46 ? 95  PRO A CG   1 
ATOM   452  C  CD   . PRO A 1 68  ? 7.442   17.486  10.969  1.00 22.37 ? 95  PRO A CD   1 
ATOM   453  N  N    . ASP A 1 69  ? 5.016   15.314  12.654  1.00 19.01 ? 96  ASP A N    1 
ATOM   454  C  CA   . ASP A 1 69  ? 3.784   14.777  13.259  1.00 18.39 ? 96  ASP A CA   1 
ATOM   455  C  C    . ASP A 1 69  ? 3.227   13.506  12.530  1.00 19.79 ? 96  ASP A C    1 
ATOM   456  O  O    . ASP A 1 69  ? 2.184   12.947  12.946  1.00 18.40 ? 96  ASP A O    1 
ATOM   457  C  CB   . ASP A 1 69  ? 2.719   15.860  13.296  1.00 20.54 ? 96  ASP A CB   1 
ATOM   458  C  CG   . ASP A 1 69  ? 2.440   16.478  11.935  1.00 23.18 ? 96  ASP A CG   1 
ATOM   459  O  OD1  . ASP A 1 69  ? 3.146   16.303  10.888  1.00 25.54 ? 96  ASP A OD1  1 
ATOM   460  O  OD2  . ASP A 1 69  ? 1.473   17.200  11.888  1.00 31.63 ? 96  ASP A OD2  1 
ATOM   461  N  N    . TYR A 1 70  ? 3.882   13.059  11.455  1.00 18.14 ? 97  TYR A N    1 
ATOM   462  C  CA   . TYR A 1 70  ? 3.300   11.993  10.635  1.00 17.73 ? 97  TYR A CA   1 
ATOM   463  C  C    . TYR A 1 70  ? 3.030   10.731  11.500  1.00 17.48 ? 97  TYR A C    1 
ATOM   464  O  O    . TYR A 1 70  ? 1.918   10.216  11.568  1.00 13.84 ? 97  TYR A O    1 
ATOM   465  C  CB   . TYR A 1 70  ? 4.147   11.644  9.417   1.00 16.23 ? 97  TYR A CB   1 
ATOM   466  C  CG   . TYR A 1 70  ? 3.418   10.663  8.556   1.00 17.75 ? 97  TYR A CG   1 
ATOM   467  C  CD1  . TYR A 1 70  ? 2.463   11.093  7.621   1.00 18.82 ? 97  TYR A CD1  1 
ATOM   468  C  CD2  . TYR A 1 70  ? 3.598   9.296   8.701   1.00 17.10 ? 97  TYR A CD2  1 
ATOM   469  C  CE1  . TYR A 1 70  ? 1.794   10.193  6.806   1.00 17.69 ? 97  TYR A CE1  1 
ATOM   470  C  CE2  . TYR A 1 70  ? 2.911   8.373   7.905   1.00 17.04 ? 97  TYR A CE2  1 
ATOM   471  C  CZ   . TYR A 1 70  ? 2.014   8.820   6.952   1.00 18.68 ? 97  TYR A CZ   1 
ATOM   472  O  OH   . TYR A 1 70  ? 1.260   7.901   6.232   1.00 17.45 ? 97  TYR A OH   1 
ATOM   473  N  N    . TYR A 1 71  ? 4.055   10.275  12.185  1.00 18.10 ? 98  TYR A N    1 
ATOM   474  C  CA   . TYR A 1 71  ? 3.942   9.049   12.954  1.00 18.86 ? 98  TYR A CA   1 
ATOM   475  C  C    . TYR A 1 71  ? 3.350   9.288   14.365  1.00 20.12 ? 98  TYR A C    1 
ATOM   476  O  O    . TYR A 1 71  ? 3.071   8.308   15.042  1.00 20.45 ? 98  TYR A O    1 
ATOM   477  C  CB   . TYR A 1 71  ? 5.291   8.331   13.018  1.00 19.93 ? 98  TYR A CB   1 
ATOM   478  C  CG   . TYR A 1 71  ? 5.658   7.774   11.668  1.00 18.64 ? 98  TYR A CG   1 
ATOM   479  C  CD1  . TYR A 1 71  ? 4.953   6.740   11.138  1.00 18.65 ? 98  TYR A CD1  1 
ATOM   480  C  CD2  . TYR A 1 71  ? 6.731   8.295   10.916  1.00 18.01 ? 98  TYR A CD2  1 
ATOM   481  C  CE1  . TYR A 1 71  ? 5.255   6.224   9.892   1.00 18.53 ? 98  TYR A CE1  1 
ATOM   482  C  CE2  . TYR A 1 71  ? 7.058   7.745   9.703   1.00 17.48 ? 98  TYR A CE2  1 
ATOM   483  C  CZ   . TYR A 1 71  ? 6.310   6.709   9.187   1.00 18.24 ? 98  TYR A CZ   1 
ATOM   484  O  OH   . TYR A 1 71  ? 6.604   6.153   7.954   1.00 20.07 ? 98  TYR A OH   1 
ATOM   485  N  N    . LYS A 1 72  ? 3.106   10.561  14.746  1.00 18.11 ? 99  LYS A N    1 
ATOM   486  C  CA   . LYS A 1 72  ? 2.182   10.895  15.824  1.00 19.29 ? 99  LYS A CA   1 
ATOM   487  C  C    . LYS A 1 72  ? 0.705   10.594  15.514  1.00 19.97 ? 99  LYS A C    1 
ATOM   488  O  O    . LYS A 1 72  ? -0.066  10.116  16.368  1.00 18.34 ? 99  LYS A O    1 
ATOM   489  C  CB   . LYS A 1 72  ? 2.351   12.371  16.263  1.00 21.96 ? 99  LYS A CB   1 
ATOM   490  C  CG   . LYS A 1 72  ? 3.779   12.677  16.713  1.00 22.58 ? 99  LYS A CG   1 
ATOM   491  C  CD   . LYS A 1 72  ? 3.922   14.108  17.203  1.00 26.06 ? 99  LYS A CD   1 
ATOM   492  C  CE   . LYS A 1 72  ? 5.376   14.421  17.540  1.00 25.59 ? 99  LYS A CE   1 
ATOM   493  N  NZ   . LYS A 1 72  ? 5.433   15.816  18.041  1.00 28.64 ? 99  LYS A NZ   1 
ATOM   494  N  N    . ILE A 1 73  ? 0.320   10.872  14.281  1.00 19.33 ? 100 ILE A N    1 
ATOM   495  C  CA   . ILE A 1 73  ? -1.016  10.603  13.785  1.00 18.08 ? 100 ILE A CA   1 
ATOM   496  C  C    . ILE A 1 73  ? -1.200  9.204   13.220  1.00 18.28 ? 100 ILE A C    1 
ATOM   497  O  O    . ILE A 1 73  ? -2.203  8.616   13.458  1.00 20.16 ? 100 ILE A O    1 
ATOM   498  C  CB   . ILE A 1 73  ? -1.355  11.681  12.732  1.00 19.05 ? 100 ILE A CB   1 
ATOM   499  C  CG1  . ILE A 1 73  ? -1.512  13.019  13.504  1.00 19.03 ? 100 ILE A CG1  1 
ATOM   500  C  CG2  . ILE A 1 73  ? -2.662  11.394  11.966  1.00 18.23 ? 100 ILE A CG2  1 
ATOM   501  C  CD1  . ILE A 1 73  ? -1.113  14.214  12.730  1.00 22.10 ? 100 ILE A CD1  1 
ATOM   502  N  N    . ILE A 1 74  ? -0.238  8.684   12.454  1.00 17.18 ? 101 ILE A N    1 
ATOM   503  C  CA   . ILE A 1 74  ? -0.372  7.452   11.713  1.00 16.61 ? 101 ILE A CA   1 
ATOM   504  C  C    . ILE A 1 74  ? 0.407   6.364   12.429  1.00 16.58 ? 101 ILE A C    1 
ATOM   505  O  O    . ILE A 1 74  ? 1.626   6.427   12.469  1.00 16.71 ? 101 ILE A O    1 
ATOM   506  C  CB   . ILE A 1 74  ? 0.114   7.620   10.217  1.00 15.37 ? 101 ILE A CB   1 
ATOM   507  C  CG1  . ILE A 1 74  ? -0.771  8.618   9.439   1.00 15.59 ? 101 ILE A CG1  1 
ATOM   508  C  CG2  . ILE A 1 74  ? 0.109   6.285   9.452   1.00 14.58 ? 101 ILE A CG2  1 
ATOM   509  C  CD1  . ILE A 1 74  ? -2.280  8.376   9.521   1.00 15.70 ? 101 ILE A CD1  1 
ATOM   510  N  N    . LYS A 1 75  ? -0.316  5.386   12.977  1.00 18.10 ? 102 LYS A N    1 
ATOM   511  C  CA   . LYS A 1 75  ? 0.246   4.308   13.788  1.00 16.71 ? 102 LYS A CA   1 
ATOM   512  C  C    . LYS A 1 75  ? 0.304   2.998   13.050  1.00 18.29 ? 102 LYS A C    1 
ATOM   513  O  O    . LYS A 1 75  ? 0.983   2.059   13.518  1.00 16.04 ? 102 LYS A O    1 
ATOM   514  C  CB   . LYS A 1 75  ? -0.546  4.096   15.089  1.00 16.02 ? 102 LYS A CB   1 
ATOM   515  C  CG   . LYS A 1 75  ? -0.579  5.299   16.037  1.00 16.92 ? 102 LYS A CG   1 
ATOM   516  C  CD   . LYS A 1 75  ? 0.779   5.921   16.317  1.00 16.83 ? 102 LYS A CD   1 
ATOM   517  C  CE   . LYS A 1 75  ? 0.691   7.060   17.324  1.00 18.99 ? 102 LYS A CE   1 
ATOM   518  N  NZ   . LYS A 1 75  ? 2.058   7.635   17.656  1.00 19.64 ? 102 LYS A NZ   1 
ATOM   519  N  N    . THR A 1 76  ? -0.376  2.917   11.901  1.00 17.34 ? 103 THR A N    1 
ATOM   520  C  CA   . THR A 1 76  ? -0.358  1.701   11.079  1.00 19.36 ? 103 THR A CA   1 
ATOM   521  C  C    . THR A 1 76  ? 0.010   2.121   9.668   1.00 16.87 ? 103 THR A C    1 
ATOM   522  O  O    . THR A 1 76  ? -0.853  2.152   8.782   1.00 16.03 ? 103 THR A O    1 
ATOM   523  C  CB   . THR A 1 76  ? -1.729  0.951   11.120  1.00 21.86 ? 103 THR A CB   1 
ATOM   524  O  OG1  . THR A 1 76  ? -2.681  1.816   10.534  1.00 33.50 ? 103 THR A OG1  1 
ATOM   525  C  CG2  . THR A 1 76  ? -2.201  0.744   12.527  1.00 21.16 ? 103 THR A CG2  1 
ATOM   526  N  N    . PRO A 1 77  ? 1.300   2.433   9.448   1.00 18.75 ? 104 PRO A N    1 
ATOM   527  C  CA   . PRO A 1 77  ? 1.759   2.968   8.163   1.00 19.07 ? 104 PRO A CA   1 
ATOM   528  C  C    . PRO A 1 77  ? 1.835   1.912   7.047   1.00 17.70 ? 104 PRO A C    1 
ATOM   529  O  O    . PRO A 1 77  ? 2.048   0.724   7.292   1.00 15.59 ? 104 PRO A O    1 
ATOM   530  C  CB   . PRO A 1 77  ? 3.151   3.535   8.489   1.00 21.93 ? 104 PRO A CB   1 
ATOM   531  C  CG   . PRO A 1 77  ? 3.583   2.854   9.763   1.00 20.93 ? 104 PRO A CG   1 
ATOM   532  C  CD   . PRO A 1 77  ? 2.319   2.606   10.500  1.00 19.38 ? 104 PRO A CD   1 
ATOM   533  N  N    . MET A 1 78  ? 1.644   2.329   5.810   1.00 17.38 ? 105 MET A N    1 
ATOM   534  C  CA   . MET A 1 78  ? 1.670   1.343   4.706   1.00 16.97 ? 105 MET A CA   1 
ATOM   535  C  C    . MET A 1 78  ? 1.961   2.075   3.453   1.00 18.40 ? 105 MET A C    1 
ATOM   536  O  O    . MET A 1 78  ? 1.556   3.219   3.317   1.00 16.93 ? 105 MET A O    1 
ATOM   537  C  CB   . MET A 1 78  ? 0.352   0.574   4.588   1.00 16.89 ? 105 MET A CB   1 
ATOM   538  C  CG   . MET A 1 78  ? 0.394   -0.682  3.718   1.00 17.28 ? 105 MET A CG   1 
ATOM   539  S  SD   . MET A 1 78  ? 1.805   -1.826  3.851   1.00 17.49 ? 105 MET A SD   1 
ATOM   540  C  CE   . MET A 1 78  ? 1.686   -2.178  5.619   1.00 17.89 ? 105 MET A CE   1 
ATOM   541  N  N    . ASP A 1 79  ? 2.657   1.386   2.539   1.00 18.06 ? 106 ASP A N    1 
ATOM   542  C  CA   . ASP A 1 79  ? 3.103   1.967   1.294   1.00 17.54 ? 106 ASP A CA   1 
ATOM   543  C  C    . ASP A 1 79  ? 3.200   0.873   0.272   1.00 17.94 ? 106 ASP A C    1 
ATOM   544  O  O    . ASP A 1 79  ? 3.209   -0.340  0.643   1.00 14.16 ? 106 ASP A O    1 
ATOM   545  C  CB   . ASP A 1 79  ? 4.473   2.630   1.492   1.00 17.96 ? 106 ASP A CB   1 
ATOM   546  C  CG   . ASP A 1 79  ? 5.530   1.644   1.865   1.00 19.15 ? 106 ASP A CG   1 
ATOM   547  O  OD1  . ASP A 1 79  ? 5.603   1.273   3.069   1.00 19.37 ? 106 ASP A OD1  1 
ATOM   548  O  OD2  . ASP A 1 79  ? 6.279   1.224   0.924   1.00 18.22 ? 106 ASP A OD2  1 
ATOM   549  N  N    . MET A 1 80  ? 3.277   1.259   -1.012  1.00 17.84 ? 107 MET A N    1 
ATOM   550  C  CA   . MET A 1 80  ? 3.372   0.254   -2.079  1.00 20.46 ? 107 MET A CA   1 
ATOM   551  C  C    . MET A 1 80  ? 4.717   -0.474  -2.152  1.00 19.73 ? 107 MET A C    1 
ATOM   552  O  O    . MET A 1 80  ? 4.759   -1.543  -2.700  1.00 19.22 ? 107 MET A O    1 
ATOM   553  C  CB   . MET A 1 80  ? 3.013   0.814   -3.450  1.00 21.10 ? 107 MET A CB   1 
ATOM   554  C  CG   . MET A 1 80  ? 1.582   1.244   -3.583  1.00 22.79 ? 107 MET A CG   1 
ATOM   555  S  SD   . MET A 1 80  ? 1.067   1.450   -5.321  1.00 25.43 ? 107 MET A SD   1 
ATOM   556  C  CE   . MET A 1 80  ? 2.095   2.843   -5.721  1.00 25.07 ? 107 MET A CE   1 
ATOM   557  N  N    . GLY A 1 81  ? 5.801   0.130   -1.665  1.00 18.98 ? 108 GLY A N    1 
ATOM   558  C  CA   . GLY A 1 81  ? 7.090   -0.549  -1.535  1.00 20.38 ? 108 GLY A CA   1 
ATOM   559  C  C    . GLY A 1 81  ? 6.967   -1.780  -0.633  1.00 20.82 ? 108 GLY A C    1 
ATOM   560  O  O    . GLY A 1 81  ? 7.396   -2.891  -0.978  1.00 22.26 ? 108 GLY A O    1 
ATOM   561  N  N    . THR A 1 82  ? 6.360   -1.579  0.512   1.00 17.28 ? 109 THR A N    1 
ATOM   562  C  CA   . THR A 1 82  ? 6.107   -2.656  1.429   1.00 17.40 ? 109 THR A CA   1 
ATOM   563  C  C    . THR A 1 82  ? 5.172   -3.720  0.819   1.00 16.06 ? 109 THR A C    1 
ATOM   564  O  O    . THR A 1 82  ? 5.441   -4.917  0.947   1.00 13.75 ? 109 THR A O    1 
ATOM   565  C  CB   . THR A 1 82  ? 5.486   -2.100  2.724   1.00 16.38 ? 109 THR A CB   1 
ATOM   566  O  OG1  . THR A 1 82  ? 6.407   -1.222  3.367   1.00 16.03 ? 109 THR A OG1  1 
ATOM   567  C  CG2  . THR A 1 82  ? 5.107   -3.231  3.711   1.00 16.40 ? 109 THR A CG2  1 
ATOM   568  N  N    . ILE A 1 83  ? 4.055   -3.262  0.223   1.00 16.33 ? 110 ILE A N    1 
ATOM   569  C  CA   . ILE A 1 83  ? 3.098   -4.160  -0.413  1.00 17.37 ? 110 ILE A CA   1 
ATOM   570  C  C    . ILE A 1 83  ? 3.755   -5.052  -1.506  1.00 18.84 ? 110 ILE A C    1 
ATOM   571  O  O    . ILE A 1 83  ? 3.541   -6.285  -1.550  1.00 16.40 ? 110 ILE A O    1 
ATOM   572  C  CB   . ILE A 1 83  ? 1.891   -3.421  -0.984  1.00 18.44 ? 110 ILE A CB   1 
ATOM   573  C  CG1  . ILE A 1 83  ? 1.040   -2.872  0.152   1.00 17.39 ? 110 ILE A CG1  1 
ATOM   574  C  CG2  . ILE A 1 83  ? 0.997   -4.392  -1.802  1.00 18.55 ? 110 ILE A CG2  1 
ATOM   575  C  CD1  . ILE A 1 83  ? 0.054   -1.852  -0.307  1.00 17.59 ? 110 ILE A CD1  1 
ATOM   576  N  N    . LYS A 1 84  ? 4.606   -4.436  -2.312  1.00 18.62 ? 111 LYS A N    1 
ATOM   577  C  CA   . LYS A 1 84  ? 5.317   -5.138  -3.371  1.00 21.98 ? 111 LYS A CA   1 
ATOM   578  C  C    . LYS A 1 84  ? 6.244   -6.217  -2.847  1.00 19.79 ? 111 LYS A C    1 
ATOM   579  O  O    . LYS A 1 84  ? 6.296   -7.292  -3.405  1.00 18.27 ? 111 LYS A O    1 
ATOM   580  C  CB   . LYS A 1 84  ? 6.144   -4.111  -4.191  1.00 25.14 ? 111 LYS A CB   1 
ATOM   581  C  CG   . LYS A 1 84  ? 6.985   -4.598  -5.380  1.00 29.58 ? 111 LYS A CG   1 
ATOM   582  C  CD   . LYS A 1 84  ? 7.416   -3.401  -6.256  1.00 33.51 ? 111 LYS A CD   1 
ATOM   583  C  CE   . LYS A 1 84  ? 8.200   -3.843  -7.487  1.00 34.71 ? 111 LYS A CE   1 
ATOM   584  N  NZ   . LYS A 1 84  ? 9.583   -4.240  -7.066  1.00 36.24 ? 111 LYS A NZ   1 
ATOM   585  N  N    . LYS A 1 85  ? 7.043   -5.872  -1.845  1.00 19.62 ? 112 LYS A N    1 
ATOM   586  C  CA   . LYS A 1 85  ? 7.955   -6.817  -1.223  1.00 21.70 ? 112 LYS A CA   1 
ATOM   587  C  C    . LYS A 1 85  ? 7.140   -7.958  -0.506  1.00 20.54 ? 112 LYS A C    1 
ATOM   588  O  O    . LYS A 1 85  ? 7.515   -9.125  -0.557  1.00 20.83 ? 112 LYS A O    1 
ATOM   589  C  CB   . LYS A 1 85  ? 8.895   -6.006  -0.343  1.00 25.88 ? 112 LYS A CB   1 
ATOM   590  C  CG   . LYS A 1 85  ? 10.159  -6.610  0.247   1.00 34.97 ? 112 LYS A CG   1 
ATOM   591  C  CD   . LYS A 1 85  ? 10.776  -7.739  -0.566  1.00 43.63 ? 112 LYS A CD   1 
ATOM   592  C  CE   . LYS A 1 85  ? 11.280  -7.317  -1.939  1.00 50.38 ? 112 LYS A CE   1 
ATOM   593  N  NZ   . LYS A 1 85  ? 11.601  -8.528  -2.808  1.00 52.27 ? 112 LYS A NZ   1 
ATOM   594  N  N    . ARG A 1 86  ? 5.999   -7.632  0.111   1.00 17.82 ? 113 ARG A N    1 
ATOM   595  C  CA   . ARG A 1 86  ? 5.101   -8.669  0.682   1.00 17.79 ? 113 ARG A CA   1 
ATOM   596  C  C    . ARG A 1 86  ? 4.581   -9.624  -0.404  1.00 19.08 ? 113 ARG A C    1 
ATOM   597  O  O    . ARG A 1 86  ? 4.672   -10.844 -0.278  1.00 18.67 ? 113 ARG A O    1 
ATOM   598  C  CB   . ARG A 1 86  ? 3.920   -8.008  1.407   1.00 17.16 ? 113 ARG A CB   1 
ATOM   599  C  CG   . ARG A 1 86  ? 4.327   -7.486  2.776   1.00 16.41 ? 113 ARG A CG   1 
ATOM   600  C  CD   . ARG A 1 86  ? 3.206   -6.699  3.452   1.00 15.95 ? 113 ARG A CD   1 
ATOM   601  N  NE   . ARG A 1 86  ? 3.647   -6.301  4.788   1.00 16.51 ? 113 ARG A NE   1 
ATOM   602  C  CZ   . ARG A 1 86  ? 2.866   -5.932  5.797   1.00 15.94 ? 113 ARG A CZ   1 
ATOM   603  N  NH1  . ARG A 1 86  ? 1.559   -5.796  5.639   1.00 15.32 ? 113 ARG A NH1  1 
ATOM   604  N  NH2  . ARG A 1 86  ? 3.428   -5.671  6.958   1.00 15.98 ? 113 ARG A NH2  1 
ATOM   605  N  N    . LEU A 1 87  ? 4.027   -9.067  -1.486  1.00 18.39 ? 114 LEU A N    1 
ATOM   606  C  CA   . LEU A 1 87  ? 3.566   -9.928  -2.576  1.00 20.78 ? 114 LEU A CA   1 
ATOM   607  C  C    . LEU A 1 87  ? 4.695   -10.819 -3.139  1.00 21.79 ? 114 LEU A C    1 
ATOM   608  O  O    . LEU A 1 87  ? 4.510   -12.005 -3.287  1.00 23.07 ? 114 LEU A O    1 
ATOM   609  C  CB   . LEU A 1 87  ? 2.949   -9.100  -3.680  1.00 21.17 ? 114 LEU A CB   1 
ATOM   610  C  CG   . LEU A 1 87  ? 1.585   -8.553  -3.304  1.00 18.93 ? 114 LEU A CG   1 
ATOM   611  C  CD1  . LEU A 1 87  ? 1.249   -7.420  -4.279  1.00 20.76 ? 114 LEU A CD1  1 
ATOM   612  C  CD2  . LEU A 1 87  ? 0.526   -9.674  -3.363  1.00 18.92 ? 114 LEU A CD2  1 
ATOM   613  N  N    . GLU A 1 88  ? 5.853   -10.230 -3.394  1.00 23.95 ? 115 GLU A N    1 
ATOM   614  C  CA   . GLU A 1 88  ? 6.983   -10.928 -3.925  1.00 23.40 ? 115 GLU A CA   1 
ATOM   615  C  C    . GLU A 1 88  ? 7.452   -11.999 -3.003  1.00 24.57 ? 115 GLU A C    1 
ATOM   616  O  O    . GLU A 1 88  ? 7.795   -13.053 -3.473  1.00 25.14 ? 115 GLU A O    1 
ATOM   617  C  CB   . GLU A 1 88  ? 8.147   -9.984  -4.177  1.00 25.48 ? 115 GLU A CB   1 
ATOM   618  C  CG   . GLU A 1 88  ? 7.935   -9.090  -5.372  1.00 28.57 ? 115 GLU A CG   1 
ATOM   619  C  CD   . GLU A 1 88  ? 8.940   -7.946  -5.493  1.00 29.61 ? 115 GLU A CD   1 
ATOM   620  O  OE1  . GLU A 1 88  ? 9.715   -7.699  -4.573  1.00 29.96 ? 115 GLU A OE1  1 
ATOM   621  O  OE2  . GLU A 1 88  ? 8.881   -7.233  -6.510  1.00 33.93 ? 115 GLU A OE2  1 
ATOM   622  N  N    . ASN A 1 89  ? 7.518   -11.722 -1.692  1.00 23.89 ? 116 ASN A N    1 
ATOM   623  C  CA   . ASN A 1 89  ? 7.799   -12.753 -0.679  1.00 23.07 ? 116 ASN A CA   1 
ATOM   624  C  C    . ASN A 1 89  ? 6.668   -13.735 -0.326  1.00 22.09 ? 116 ASN A C    1 
ATOM   625  O  O    . ASN A 1 89  ? 6.847   -14.514 0.561   1.00 20.75 ? 116 ASN A O    1 
ATOM   626  C  CB   . ASN A 1 89  ? 8.239   -12.086 0.634   1.00 24.74 ? 116 ASN A CB   1 
ATOM   627  C  CG   . ASN A 1 89  ? 9.631   -11.563 0.596   1.00 25.31 ? 116 ASN A CG   1 
ATOM   628  O  OD1  . ASN A 1 89  ? 10.433  -12.001 -0.170  1.00 27.81 ? 116 ASN A OD1  1 
ATOM   629  N  ND2  . ASN A 1 89  ? 9.959   -10.731 1.550   1.00 29.31 ? 116 ASN A ND2  1 
ATOM   630  N  N    . ASN A 1 90  ? 5.504   -13.647 -0.968  1.00 24.03 ? 117 ASN A N    1 
ATOM   631  C  CA   . ASN A 1 90  ? 4.283   -14.358 -0.568  1.00 25.35 ? 117 ASN A CA   1 
ATOM   632  C  C    . ASN A 1 90  ? 3.985   -14.271 0.899   1.00 25.82 ? 117 ASN A C    1 
ATOM   633  O  O    . ASN A 1 90  ? 3.842   -15.292 1.549   1.00 25.20 ? 117 ASN A O    1 
ATOM   634  C  CB   . ASN A 1 90  ? 4.360   -15.856 -0.952  1.00 24.40 ? 117 ASN A CB   1 
ATOM   635  C  CG   . ASN A 1 90  ? 4.548   -16.032 -2.412  1.00 26.19 ? 117 ASN A CG   1 
ATOM   636  O  OD1  . ASN A 1 90  ? 3.728   -15.570 -3.182  1.00 27.45 ? 117 ASN A OD1  1 
ATOM   637  N  ND2  . ASN A 1 90  ? 5.674   -16.581 -2.816  1.00 24.83 ? 117 ASN A ND2  1 
ATOM   638  N  N    . TYR A 1 91  ? 3.880   -13.051 1.406   1.00 21.55 ? 118 TYR A N    1 
ATOM   639  C  CA   . TYR A 1 91  ? 3.582   -12.808 2.802   1.00 19.31 ? 118 TYR A CA   1 
ATOM   640  C  C    . TYR A 1 91  ? 2.145   -13.088 3.217   1.00 18.36 ? 118 TYR A C    1 
ATOM   641  O  O    . TYR A 1 91  ? 1.825   -13.259 4.428   1.00 17.09 ? 118 TYR A O    1 
ATOM   642  C  CB   . TYR A 1 91  ? 3.867   -11.298 3.078   1.00 18.23 ? 118 TYR A CB   1 
ATOM   643  C  CG   . TYR A 1 91  ? 3.608   -10.770 4.459   1.00 19.36 ? 118 TYR A CG   1 
ATOM   644  C  CD1  . TYR A 1 91  ? 4.560   -10.918 5.478   1.00 19.83 ? 118 TYR A CD1  1 
ATOM   645  C  CD2  . TYR A 1 91  ? 2.449   -10.017 4.730   1.00 18.82 ? 118 TYR A CD2  1 
ATOM   646  C  CE1  . TYR A 1 91  ? 4.331   -10.410 6.752   1.00 17.45 ? 118 TYR A CE1  1 
ATOM   647  C  CE2  . TYR A 1 91  ? 2.220   -9.475  5.978   1.00 20.08 ? 118 TYR A CE2  1 
ATOM   648  C  CZ   . TYR A 1 91  ? 3.155   -9.668  6.988   1.00 20.39 ? 118 TYR A CZ   1 
ATOM   649  O  OH   . TYR A 1 91  ? 2.918   -9.080  8.207   1.00 17.97 ? 118 TYR A OH   1 
ATOM   650  N  N    . TYR A 1 92  ? 1.249   -12.941 2.263   1.00 17.81 ? 119 TYR A N    1 
ATOM   651  C  CA   . TYR A 1 92  ? -0.205  -12.977 2.540   1.00 18.41 ? 119 TYR A CA   1 
ATOM   652  C  C    . TYR A 1 92  ? -0.791  -14.409 2.520   1.00 19.42 ? 119 TYR A C    1 
ATOM   653  O  O    . TYR A 1 92  ? -0.322  -15.251 1.768   1.00 18.08 ? 119 TYR A O    1 
ATOM   654  C  CB   . TYR A 1 92  ? -0.923  -12.153 1.465   1.00 17.10 ? 119 TYR A CB   1 
ATOM   655  C  CG   . TYR A 1 92  ? -0.503  -10.677 1.463   1.00 17.19 ? 119 TYR A CG   1 
ATOM   656  C  CD1  . TYR A 1 92  ? -0.901  -9.814  2.479   1.00 17.83 ? 119 TYR A CD1  1 
ATOM   657  C  CD2  . TYR A 1 92  ? 0.252   -10.158 0.438   1.00 17.98 ? 119 TYR A CD2  1 
ATOM   658  C  CE1  . TYR A 1 92  ? -0.534  -8.472  2.482   1.00 18.81 ? 119 TYR A CE1  1 
ATOM   659  C  CE2  . TYR A 1 92  ? 0.602   -8.821  0.423   1.00 18.85 ? 119 TYR A CE2  1 
ATOM   660  C  CZ   . TYR A 1 92  ? 0.193   -7.964  1.431   1.00 17.67 ? 119 TYR A CZ   1 
ATOM   661  O  OH   . TYR A 1 92  ? 0.592   -6.638  1.350   1.00 17.82 ? 119 TYR A OH   1 
ATOM   662  N  N    . TRP A 1 93  ? -1.869  -14.639 3.266   1.00 19.90 ? 120 TRP A N    1 
ATOM   663  C  CA   . TRP A 1 93  ? -2.687  -15.839 3.096   1.00 19.62 ? 120 TRP A CA   1 
ATOM   664  C  C    . TRP A 1 93  ? -3.707  -15.686 1.972   1.00 22.71 ? 120 TRP A C    1 
ATOM   665  O  O    . TRP A 1 93  ? -3.942  -16.623 1.199   1.00 22.87 ? 120 TRP A O    1 
ATOM   666  C  CB   . TRP A 1 93  ? -3.364  -16.168 4.385   1.00 19.93 ? 120 TRP A CB   1 
ATOM   667  C  CG   . TRP A 1 93  ? -4.095  -17.471 4.384   1.00 18.72 ? 120 TRP A CG   1 
ATOM   668  C  CD1  . TRP A 1 93  ? -5.382  -17.631 4.273   1.00 18.72 ? 120 TRP A CD1  1 
ATOM   669  C  CD2  . TRP A 1 93  ? -3.518  -18.786 4.514   1.00 19.44 ? 120 TRP A CD2  1 
ATOM   670  N  NE1  . TRP A 1 93  ? -5.718  -18.962 4.353   1.00 19.70 ? 120 TRP A NE1  1 
ATOM   671  C  CE2  . TRP A 1 93  ? -4.585  -19.703 4.515   1.00 19.16 ? 120 TRP A CE2  1 
ATOM   672  C  CE3  . TRP A 1 93  ? -2.227  -19.262 4.699   1.00 17.31 ? 120 TRP A CE3  1 
ATOM   673  C  CZ2  . TRP A 1 93  ? -4.397  -21.084 4.604   1.00 17.60 ? 120 TRP A CZ2  1 
ATOM   674  C  CZ3  . TRP A 1 93  ? -2.048  -20.600 4.860   1.00 18.34 ? 120 TRP A CZ3  1 
ATOM   675  C  CH2  . TRP A 1 93  ? -3.120  -21.515 4.819   1.00 16.56 ? 120 TRP A CH2  1 
ATOM   676  N  N    . ASN A 1 94  ? -4.299  -14.500 1.835   1.00 22.01 ? 121 ASN A N    1 
ATOM   677  C  CA   . ASN A 1 94  ? -5.278  -14.318 0.763   1.00 22.82 ? 121 ASN A CA   1 
ATOM   678  C  C    . ASN A 1 94  ? -5.248  -12.863 0.210   1.00 23.32 ? 121 ASN A C    1 
ATOM   679  O  O    . ASN A 1 94  ? -4.605  -11.987 0.789   1.00 19.98 ? 121 ASN A O    1 
ATOM   680  C  CB   . ASN A 1 94  ? -6.685  -14.738 1.248   1.00 21.88 ? 121 ASN A CB   1 
ATOM   681  C  CG   . ASN A 1 94  ? -7.185  -13.919 2.393   1.00 24.56 ? 121 ASN A CG   1 
ATOM   682  O  OD1  . ASN A 1 94  ? -6.799  -12.760 2.626   1.00 25.73 ? 121 ASN A OD1  1 
ATOM   683  N  ND2  . ASN A 1 94  ? -8.073  -14.488 3.108   1.00 25.73 ? 121 ASN A ND2  1 
ATOM   684  N  N    . ALA A 1 95  ? -5.976  -12.649 -0.883  1.00 23.69 ? 122 ALA A N    1 
ATOM   685  C  CA   . ALA A 1 95  ? -6.050  -11.359 -1.535  1.00 24.97 ? 122 ALA A CA   1 
ATOM   686  C  C    . ALA A 1 95  ? -6.636  -10.300 -0.597  1.00 24.87 ? 122 ALA A C    1 
ATOM   687  O  O    . ALA A 1 95  ? -6.171  -9.151  -0.637  1.00 24.71 ? 122 ALA A O    1 
ATOM   688  C  CB   . ALA A 1 95  ? -6.873  -11.456 -2.834  1.00 25.95 ? 122 ALA A CB   1 
ATOM   689  N  N    . GLN A 1 96  ? -7.613  -10.672 0.232   1.00 23.29 ? 123 GLN A N    1 
ATOM   690  C  CA   . GLN A 1 96  ? -8.227  -9.726  1.194   1.00 28.12 ? 123 GLN A CA   1 
ATOM   691  C  C    . GLN A 1 96  ? -7.199  -9.053  2.117   1.00 26.82 ? 123 GLN A C    1 
ATOM   692  O  O    . GLN A 1 96  ? -7.348  -7.878  2.438   1.00 21.19 ? 123 GLN A O    1 
ATOM   693  C  CB   . GLN A 1 96  ? -9.278  -10.369 2.144   1.00 32.40 ? 123 GLN A CB   1 
ATOM   694  C  CG   . GLN A 1 96  ? -10.717 -9.881  2.065   1.00 43.97 ? 123 GLN A CG   1 
ATOM   695  C  CD   . GLN A 1 96  ? -10.882 -8.352  1.956   1.00 55.94 ? 123 GLN A CD   1 
ATOM   696  O  OE1  . GLN A 1 96  ? -10.362 -7.585  2.783   1.00 66.11 ? 123 GLN A OE1  1 
ATOM   697  N  NE2  . GLN A 1 96  ? -11.586 -7.905  0.908   1.00 54.56 ? 123 GLN A NE2  1 
ATOM   698  N  N    . GLU A 1 97  ? -6.204  -9.810  2.596   1.00 22.68 ? 124 GLU A N    1 
ATOM   699  C  CA   . GLU A 1 97  ? -5.118  -9.173  3.410   1.00 21.75 ? 124 GLU A CA   1 
ATOM   700  C  C    . GLU A 1 97  ? -4.337  -8.115  2.604   1.00 20.16 ? 124 GLU A C    1 
ATOM   701  O  O    . GLU A 1 97  ? -4.003  -7.056  3.118   1.00 20.19 ? 124 GLU A O    1 
ATOM   702  C  CB   . GLU A 1 97  ? -4.155  -10.209 3.935   1.00 21.62 ? 124 GLU A CB   1 
ATOM   703  C  CG   . GLU A 1 97  ? -4.740  -11.073 5.031   1.00 22.69 ? 124 GLU A CG   1 
ATOM   704  C  CD   . GLU A 1 97  ? -3.852  -12.258 5.462   1.00 25.07 ? 124 GLU A CD   1 
ATOM   705  O  OE1  . GLU A 1 97  ? -2.755  -12.455 4.942   1.00 23.99 ? 124 GLU A OE1  1 
ATOM   706  O  OE2  . GLU A 1 97  ? -4.263  -13.013 6.375   1.00 33.92 ? 124 GLU A OE2  1 
ATOM   707  N  N    . CYS A 1 98  ? -4.015  -8.444  1.358   1.00 20.40 ? 125 CYS A N    1 
ATOM   708  C  CA   . CYS A 1 98  ? -3.328  -7.520  0.480   1.00 19.97 ? 125 CYS A CA   1 
ATOM   709  C  C    . CYS A 1 98  ? -4.196  -6.284  0.182   1.00 19.82 ? 125 CYS A C    1 
ATOM   710  O  O    . CYS A 1 98  ? -3.751  -5.148  0.391   1.00 18.35 ? 125 CYS A O    1 
ATOM   711  C  CB   . CYS A 1 98  ? -2.915  -8.201  -0.788  1.00 20.30 ? 125 CYS A CB   1 
ATOM   712  S  SG   . CYS A 1 98  ? -2.008  -7.049  -1.826  1.00 22.47 ? 125 CYS A SG   1 
ATOM   713  N  N    . ILE A 1 99  ? -5.442  -6.517  -0.206  1.00 18.43 ? 126 ILE A N    1 
ATOM   714  C  CA   . ILE A 1 99  ? -6.417  -5.439  -0.357  1.00 19.30 ? 126 ILE A CA   1 
ATOM   715  C  C    . ILE A 1 99  ? -6.507  -4.519  0.896   1.00 19.46 ? 126 ILE A C    1 
ATOM   716  O  O    . ILE A 1 99  ? -6.489  -3.274  0.778   1.00 18.78 ? 126 ILE A O    1 
ATOM   717  C  CB   . ILE A 1 99  ? -7.796  -6.003  -0.758  1.00 20.97 ? 126 ILE A CB   1 
ATOM   718  C  CG1  . ILE A 1 99  ? -7.698  -6.610  -2.149  1.00 22.76 ? 126 ILE A CG1  1 
ATOM   719  C  CG2  . ILE A 1 99  ? -8.899  -4.921  -0.735  1.00 21.49 ? 126 ILE A CG2  1 
ATOM   720  C  CD1  . ILE A 1 99  ? -8.888  -7.457  -2.521  1.00 23.31 ? 126 ILE A CD1  1 
ATOM   721  N  N    . GLN A 1 100 ? -6.550  -5.104  2.093   1.00 17.70 ? 127 GLN A N    1 
ATOM   722  C  CA   . GLN A 1 100 ? -6.574  -4.327  3.287   1.00 19.90 ? 127 GLN A CA   1 
ATOM   723  C  C    . GLN A 1 100 ? -5.323  -3.378  3.438   1.00 20.92 ? 127 GLN A C    1 
ATOM   724  O  O    . GLN A 1 100 ? -5.462  -2.258  3.952   1.00 17.28 ? 127 GLN A O    1 
ATOM   725  C  CB   . GLN A 1 100 ? -6.647  -5.254  4.472   1.00 24.84 ? 127 GLN A CB   1 
ATOM   726  C  CG   . GLN A 1 100 ? -6.777  -4.515  5.807   1.00 31.75 ? 127 GLN A CG   1 
ATOM   727  C  CD   . GLN A 1 100 ? -6.743  -5.475  6.978   1.00 44.04 ? 127 GLN A CD   1 
ATOM   728  O  OE1  . GLN A 1 100 ? -7.610  -6.362  7.117   1.00 54.41 ? 127 GLN A OE1  1 
ATOM   729  N  NE2  . GLN A 1 100 ? -5.730  -5.326  7.823   1.00 51.88 ? 127 GLN A NE2  1 
ATOM   730  N  N    . ASP A 1 101 ? -4.134  -3.857  3.015   1.00 18.44 ? 128 ASP A N    1 
ATOM   731  C  CA   . ASP A 1 101 ? -2.882  -3.022  3.042   1.00 17.77 ? 128 ASP A CA   1 
ATOM   732  C  C    . ASP A 1 101 ? -2.995  -1.828  2.095   1.00 18.76 ? 128 ASP A C    1 
ATOM   733  O  O    . ASP A 1 101 ? -2.608  -0.723  2.488   1.00 18.80 ? 128 ASP A O    1 
ATOM   734  C  CB   . ASP A 1 101 ? -1.675  -3.811  2.661   1.00 15.91 ? 128 ASP A CB   1 
ATOM   735  C  CG   . ASP A 1 101 ? -1.087  -4.645  3.806   1.00 17.77 ? 128 ASP A CG   1 
ATOM   736  O  OD1  . ASP A 1 101 ? -1.509  -4.486  4.965   1.00 16.57 ? 128 ASP A OD1  1 
ATOM   737  O  OD2  . ASP A 1 101 ? -0.117  -5.446  3.537   1.00 17.78 ? 128 ASP A OD2  1 
ATOM   738  N  N    . PHE A 1 102 ? -3.503  -2.041  0.867   1.00 19.14 ? 129 PHE A N    1 
ATOM   739  C  CA   . PHE A 1 102 ? -3.876  -0.911  -0.004  1.00 19.32 ? 129 PHE A CA   1 
ATOM   740  C  C    . PHE A 1 102 ? -4.789  0.113   0.668   1.00 19.14 ? 129 PHE A C    1 
ATOM   741  O  O    . PHE A 1 102 ? -4.587  1.336   0.527   1.00 18.28 ? 129 PHE A O    1 
ATOM   742  C  CB   . PHE A 1 102 ? -4.480  -1.389  -1.323  1.00 19.32 ? 129 PHE A CB   1 
ATOM   743  C  CG   . PHE A 1 102 ? -3.424  -1.830  -2.341  1.00 19.99 ? 129 PHE A CG   1 
ATOM   744  C  CD1  . PHE A 1 102 ? -2.752  -0.904  -3.081  1.00 19.02 ? 129 PHE A CD1  1 
ATOM   745  C  CD2  . PHE A 1 102 ? -3.132  -3.179  -2.535  1.00 20.06 ? 129 PHE A CD2  1 
ATOM   746  C  CE1  . PHE A 1 102 ? -1.820  -1.290  -4.035  1.00 22.06 ? 129 PHE A CE1  1 
ATOM   747  C  CE2  . PHE A 1 102 ? -2.199  -3.587  -3.470  1.00 22.40 ? 129 PHE A CE2  1 
ATOM   748  C  CZ   . PHE A 1 102 ? -1.529  -2.647  -4.235  1.00 23.78 ? 129 PHE A CZ   1 
ATOM   749  N  N    . ASN A 1 103 ? -5.815  -0.381  1.329   1.00 19.69 ? 130 ASN A N    1 
ATOM   750  C  CA   . ASN A 1 103 ? -6.789  0.497   1.981   1.00 22.82 ? 130 ASN A CA   1 
ATOM   751  C  C    . ASN A 1 103 ? -6.245  1.295   3.128   1.00 19.10 ? 130 ASN A C    1 
ATOM   752  O  O    . ASN A 1 103 ? -6.606  2.416   3.328   1.00 17.42 ? 130 ASN A O    1 
ATOM   753  C  CB   . ASN A 1 103 ? -7.972  -0.301  2.449   1.00 26.64 ? 130 ASN A CB   1 
ATOM   754  C  CG   . ASN A 1 103 ? -9.082  -0.233  1.452   1.00 44.63 ? 130 ASN A CG   1 
ATOM   755  O  OD1  . ASN A 1 103 ? -9.033  -0.840  0.362   1.00 47.46 ? 130 ASN A OD1  1 
ATOM   756  N  ND2  . ASN A 1 103 ? -10.093 0.599   1.786   1.00 56.36 ? 130 ASN A ND2  1 
ATOM   757  N  N    . THR A 1 104 ? -5.375  0.654   3.883   1.00 18.55 ? 131 THR A N    1 
ATOM   758  C  CA   . THR A 1 104 ? -4.654  1.291   4.926   1.00 18.95 ? 131 THR A CA   1 
ATOM   759  C  C    . THR A 1 104 ? -3.795  2.441   4.375   1.00 17.57 ? 131 THR A C    1 
ATOM   760  O  O    . THR A 1 104 ? -3.823  3.539   4.889   1.00 17.11 ? 131 THR A O    1 
ATOM   761  C  CB   . THR A 1 104 ? -3.765  0.315   5.681   1.00 17.97 ? 131 THR A CB   1 
ATOM   762  O  OG1  . THR A 1 104 ? -4.586  -0.700  6.241   1.00 16.72 ? 131 THR A OG1  1 
ATOM   763  C  CG2  . THR A 1 104 ? -3.001  1.036   6.766   1.00 18.31 ? 131 THR A CG2  1 
ATOM   764  N  N    . MET A 1 105 ? -3.089  2.152   3.309   1.00 17.52 ? 132 MET A N    1 
ATOM   765  C  CA   . MET A 1 105 ? -2.340  3.157   2.603   1.00 18.49 ? 132 MET A CA   1 
ATOM   766  C  C    . MET A 1 105 ? -3.214  4.385   2.229   1.00 18.26 ? 132 MET A C    1 
ATOM   767  O  O    . MET A 1 105 ? -2.811  5.526   2.498   1.00 16.73 ? 132 MET A O    1 
ATOM   768  C  CB   . MET A 1 105 ? -1.737  2.572   1.331   1.00 18.43 ? 132 MET A CB   1 
ATOM   769  C  CG   . MET A 1 105 ? -0.814  3.542   0.659   1.00 18.51 ? 132 MET A CG   1 
ATOM   770  S  SD   . MET A 1 105 ? 0.059   2.908   -0.778  1.00 19.96 ? 132 MET A SD   1 
ATOM   771  C  CE   . MET A 1 105 ? -1.378  2.871   -1.885  1.00 21.85 ? 132 MET A CE   1 
ATOM   772  N  N    . PHE A 1 106 ? -4.351  4.139   1.574   1.00 15.89 ? 133 PHE A N    1 
ATOM   773  C  CA   . PHE A 1 106 ? -5.165  5.244   1.130   1.00 17.55 ? 133 PHE A CA   1 
ATOM   774  C  C    . PHE A 1 106 ? -5.703  6.033   2.307   1.00 17.45 ? 133 PHE A C    1 
ATOM   775  O  O    . PHE A 1 106 ? -5.667  7.262   2.344   1.00 15.87 ? 133 PHE A O    1 
ATOM   776  C  CB   . PHE A 1 106 ? -6.304  4.720   0.214   1.00 18.88 ? 133 PHE A CB   1 
ATOM   777  C  CG   . PHE A 1 106 ? -5.792  4.146   -1.095  1.00 18.46 ? 133 PHE A CG   1 
ATOM   778  C  CD1  . PHE A 1 106 ? -4.945  4.885   -1.912  1.00 19.43 ? 133 PHE A CD1  1 
ATOM   779  C  CD2  . PHE A 1 106 ? -6.171  2.895   -1.504  1.00 20.73 ? 133 PHE A CD2  1 
ATOM   780  C  CE1  . PHE A 1 106 ? -4.466  4.361   -3.092  1.00 20.98 ? 133 PHE A CE1  1 
ATOM   781  C  CE2  . PHE A 1 106 ? -5.714  2.370   -2.668  1.00 19.41 ? 133 PHE A CE2  1 
ATOM   782  C  CZ   . PHE A 1 106 ? -4.859  3.089   -3.458  1.00 21.35 ? 133 PHE A CZ   1 
ATOM   783  N  N    . THR A 1 107 ? -6.184  5.289   3.285   1.00 18.35 ? 134 THR A N    1 
ATOM   784  C  CA   . THR A 1 107 ? -6.803  5.840   4.438   1.00 19.92 ? 134 THR A CA   1 
ATOM   785  C  C    . THR A 1 107 ? -5.837  6.668   5.263   1.00 17.67 ? 134 THR A C    1 
ATOM   786  O  O    . THR A 1 107 ? -6.192  7.763   5.727   1.00 17.74 ? 134 THR A O    1 
ATOM   787  C  CB   . THR A 1 107 ? -7.400  4.705   5.308   1.00 23.23 ? 134 THR A CB   1 
ATOM   788  O  OG1  . THR A 1 107 ? -8.410  4.029   4.555   1.00 27.22 ? 134 THR A OG1  1 
ATOM   789  C  CG2  . THR A 1 107 ? -8.071  5.271   6.496   1.00 24.90 ? 134 THR A CG2  1 
ATOM   790  N  N    . ASN A 1 108 ? -4.618  6.163   5.459   1.00 15.31 ? 135 ASN A N    1 
ATOM   791  C  CA   . ASN A 1 108 ? -3.639  6.950   6.112   1.00 15.98 ? 135 ASN A CA   1 
ATOM   792  C  C    . ASN A 1 108 ? -3.429  8.333   5.468   1.00 17.74 ? 135 ASN A C    1 
ATOM   793  O  O    . ASN A 1 108 ? -3.271  9.344   6.174   1.00 15.28 ? 135 ASN A O    1 
ATOM   794  C  CB   . ASN A 1 108 ? -2.298  6.264   6.120   1.00 16.51 ? 135 ASN A CB   1 
ATOM   795  C  CG   . ASN A 1 108 ? -2.233  5.049   7.042   1.00 15.89 ? 135 ASN A CG   1 
ATOM   796  O  OD1  . ASN A 1 108 ? -3.047  4.885   7.901   1.00 17.66 ? 135 ASN A OD1  1 
ATOM   797  N  ND2  . ASN A 1 108 ? -1.219  4.209   6.844   1.00 15.95 ? 135 ASN A ND2  1 
ATOM   798  N  N    . CYS A 1 109 ? -3.380  8.348   4.136   1.00 18.00 ? 136 CYS A N    1 
ATOM   799  C  CA   . CYS A 1 109 ? -3.222  9.607   3.411   1.00 17.27 ? 136 CYS A CA   1 
ATOM   800  C  C    . CYS A 1 109 ? -4.382  10.559  3.747   1.00 17.18 ? 136 CYS A C    1 
ATOM   801  O  O    . CYS A 1 109 ? -4.148  11.726  4.095   1.00 14.61 ? 136 CYS A O    1 
ATOM   802  C  CB   . CYS A 1 109 ? -3.167  9.331   1.900   1.00 18.94 ? 136 CYS A CB   1 
ATOM   803  S  SG   . CYS A 1 109 ? -2.684  10.759  0.889   1.00 19.36 ? 136 CYS A SG   1 
ATOM   804  N  N    . TYR A 1 110 ? -5.609  10.033  3.632   1.00 17.25 ? 137 TYR A N    1 
ATOM   805  C  CA   . TYR A 1 110 ? -6.819  10.841  3.889   1.00 18.37 ? 137 TYR A CA   1 
ATOM   806  C  C    . TYR A 1 110 ? -6.875  11.281  5.385   1.00 18.58 ? 137 TYR A C    1 
ATOM   807  O  O    . TYR A 1 110 ? -7.313  12.372  5.695   1.00 19.62 ? 137 TYR A O    1 
ATOM   808  C  CB   . TYR A 1 110 ? -8.133  10.127  3.499   1.00 17.37 ? 137 TYR A CB   1 
ATOM   809  C  CG   . TYR A 1 110 ? -8.201  9.510   2.137   1.00 17.17 ? 137 TYR A CG   1 
ATOM   810  C  CD1  . TYR A 1 110 ? -7.613  10.119  1.038   1.00 20.38 ? 137 TYR A CD1  1 
ATOM   811  C  CD2  . TYR A 1 110 ? -8.824  8.283   1.945   1.00 18.41 ? 137 TYR A CD2  1 
ATOM   812  C  CE1  . TYR A 1 110 ? -7.680  9.589   -0.253  1.00 19.18 ? 137 TYR A CE1  1 
ATOM   813  C  CE2  . TYR A 1 110 ? -8.851  7.705   0.691   1.00 20.04 ? 137 TYR A CE2  1 
ATOM   814  C  CZ   . TYR A 1 110 ? -8.284  8.381   -0.414  1.00 20.43 ? 137 TYR A CZ   1 
ATOM   815  O  OH   . TYR A 1 110 ? -8.307  7.859   -1.662  1.00 20.96 ? 137 TYR A OH   1 
ATOM   816  N  N    . ILE A 1 111 ? -6.422  10.459  6.310   1.00 18.13 ? 138 ILE A N    1 
ATOM   817  C  CA   . ILE A 1 111 ? -6.375  10.855  7.695   1.00 18.70 ? 138 ILE A CA   1 
ATOM   818  C  C    . ILE A 1 111 ? -5.363  11.955  7.957   1.00 17.73 ? 138 ILE A C    1 
ATOM   819  O  O    . ILE A 1 111 ? -5.700  12.943  8.644   1.00 17.91 ? 138 ILE A O    1 
ATOM   820  C  CB   . ILE A 1 111 ? -6.061  9.700   8.654   1.00 19.59 ? 138 ILE A CB   1 
ATOM   821  C  CG1  . ILE A 1 111 ? -7.317  8.812   8.834   1.00 23.03 ? 138 ILE A CG1  1 
ATOM   822  C  CG2  . ILE A 1 111 ? -5.706  10.226  10.043  1.00 21.07 ? 138 ILE A CG2  1 
ATOM   823  C  CD1  . ILE A 1 111 ? -7.050  7.354   9.274   1.00 24.80 ? 138 ILE A CD1  1 
ATOM   824  N  N    . TYR A 1 112 ? -4.150  11.820  7.431   1.00 16.11 ? 139 TYR A N    1 
ATOM   825  C  CA   . TYR A 1 112 ? -3.102  12.781  7.800   1.00 16.49 ? 139 TYR A CA   1 
ATOM   826  C  C    . TYR A 1 112 ? -3.326  14.132  7.126   1.00 17.03 ? 139 TYR A C    1 
ATOM   827  O  O    . TYR A 1 112 ? -3.019  15.176  7.677   1.00 16.63 ? 139 TYR A O    1 
ATOM   828  C  CB   . TYR A 1 112 ? -1.746  12.228  7.433   1.00 17.65 ? 139 TYR A CB   1 
ATOM   829  C  CG   . TYR A 1 112 ? -0.612  13.188  7.730   1.00 17.57 ? 139 TYR A CG   1 
ATOM   830  C  CD1  . TYR A 1 112 ? -0.203  13.454  9.057   1.00 17.43 ? 139 TYR A CD1  1 
ATOM   831  C  CD2  . TYR A 1 112 ? 0.056   13.828  6.672   1.00 17.15 ? 139 TYR A CD2  1 
ATOM   832  C  CE1  . TYR A 1 112 ? 0.822   14.374  9.311   1.00 16.13 ? 139 TYR A CE1  1 
ATOM   833  C  CE2  . TYR A 1 112 ? 1.067   14.729  6.908   1.00 19.05 ? 139 TYR A CE2  1 
ATOM   834  C  CZ   . TYR A 1 112 ? 1.465   14.983  8.229   1.00 17.54 ? 139 TYR A CZ   1 
ATOM   835  O  OH   . TYR A 1 112 ? 2.462   15.921  8.385   1.00 17.72 ? 139 TYR A OH   1 
ATOM   836  N  N    . ASN A 1 113 ? -3.814  14.114  5.904   1.00 16.38 ? 140 ASN A N    1 
ATOM   837  C  CA   . ASN A 1 113 ? -3.947  15.341  5.148   1.00 19.57 ? 140 ASN A CA   1 
ATOM   838  C  C    . ASN A 1 113 ? -5.382  15.899  5.176   1.00 20.93 ? 140 ASN A C    1 
ATOM   839  O  O    . ASN A 1 113 ? -6.244  15.405  5.965   1.00 22.60 ? 140 ASN A O    1 
ATOM   840  C  CB   . ASN A 1 113 ? -3.454  15.104  3.751   1.00 18.32 ? 140 ASN A CB   1 
ATOM   841  C  CG   . ASN A 1 113 ? -2.020  14.609  3.727   1.00 20.70 ? 140 ASN A CG   1 
ATOM   842  O  OD1  . ASN A 1 113 ? -1.120  15.428  3.777   1.00 16.61 ? 140 ASN A OD1  1 
ATOM   843  N  ND2  . ASN A 1 113 ? -1.800  13.247  3.532   1.00 19.55 ? 140 ASN A ND2  1 
ATOM   844  N  N    . LYS A 1 114 ? -5.672  16.865  4.309   1.00 21.19 ? 141 LYS A N    1 
ATOM   845  C  CA   . LYS A 1 114 ? -7.027  17.456  4.256   1.00 23.16 ? 141 LYS A CA   1 
ATOM   846  C  C    . LYS A 1 114 ? -7.721  17.293  2.901   1.00 20.37 ? 141 LYS A C    1 
ATOM   847  O  O    . LYS A 1 114 ? -7.039  17.167  1.906   1.00 19.07 ? 141 LYS A O    1 
ATOM   848  C  CB   . LYS A 1 114 ? -6.932  18.957  4.606   1.00 25.08 ? 141 LYS A CB   1 
ATOM   849  C  CG   . LYS A 1 114 ? -6.438  19.178  6.011   1.00 32.72 ? 141 LYS A CG   1 
ATOM   850  C  CD   . LYS A 1 114 ? -6.628  20.617  6.453   1.00 39.84 ? 141 LYS A CD   1 
ATOM   851  C  CE   . LYS A 1 114 ? -6.345  20.852  7.959   1.00 49.86 ? 141 LYS A CE   1 
ATOM   852  N  NZ   . LYS A 1 114 ? -5.329  19.935  8.580   1.00 50.92 ? 141 LYS A NZ   1 
ATOM   853  N  N    . PRO A 1 115 ? -9.097  17.381  2.842   1.00 22.74 ? 142 PRO A N    1 
ATOM   854  C  CA   . PRO A 1 115 ? -9.841  17.207  1.563   1.00 22.90 ? 142 PRO A CA   1 
ATOM   855  C  C    . PRO A 1 115 ? -9.319  18.185  0.570   1.00 20.72 ? 142 PRO A C    1 
ATOM   856  O  O    . PRO A 1 115 ? -9.002  19.334  0.954   1.00 21.97 ? 142 PRO A O    1 
ATOM   857  C  CB   . PRO A 1 115 ? -11.300 17.548  1.945   1.00 24.15 ? 142 PRO A CB   1 
ATOM   858  C  CG   . PRO A 1 115 ? -11.359 17.164  3.421   1.00 24.61 ? 142 PRO A CG   1 
ATOM   859  C  CD   . PRO A 1 115 ? -10.035 17.646  3.959   1.00 24.63 ? 142 PRO A CD   1 
ATOM   860  N  N    . GLY A 1 116 ? -9.124  17.725  -0.653  1.00 19.59 ? 143 GLY A N    1 
ATOM   861  C  CA   . GLY A 1 116 ? -8.639  18.593  -1.736  1.00 19.33 ? 143 GLY A CA   1 
ATOM   862  C  C    . GLY A 1 116 ? -7.125  18.804  -1.815  1.00 19.51 ? 143 GLY A C    1 
ATOM   863  O  O    . GLY A 1 116 ? -6.639  19.393  -2.808  1.00 17.09 ? 143 GLY A O    1 
ATOM   864  N  N    . ASP A 1 117 ? -6.359  18.393  -0.806  1.00 17.81 ? 144 ASP A N    1 
ATOM   865  C  CA   . ASP A 1 117 ? -4.870  18.520  -0.843  1.00 19.58 ? 144 ASP A CA   1 
ATOM   866  C  C    . ASP A 1 117 ? -4.304  17.776  -2.027  1.00 20.92 ? 144 ASP A C    1 
ATOM   867  O  O    . ASP A 1 117 ? -4.837  16.742  -2.419  1.00 23.79 ? 144 ASP A O    1 
ATOM   868  C  CB   . ASP A 1 117 ? -4.214  17.938  0.409   1.00 18.95 ? 144 ASP A CB   1 
ATOM   869  C  CG   . ASP A 1 117 ? -4.325  18.827  1.608   1.00 21.58 ? 144 ASP A CG   1 
ATOM   870  O  OD1  . ASP A 1 117 ? -4.889  19.944  1.506   1.00 21.71 ? 144 ASP A OD1  1 
ATOM   871  O  OD2  . ASP A 1 117 ? -3.747  18.434  2.659   1.00 20.60 ? 144 ASP A OD2  1 
ATOM   872  N  N    . ASP A 1 118 ? -3.212  18.292  -2.596  1.00 21.01 ? 145 ASP A N    1 
ATOM   873  C  CA   . ASP A 1 118 ? -2.613  17.714  -3.786  1.00 21.39 ? 145 ASP A CA   1 
ATOM   874  C  C    . ASP A 1 118 ? -2.453  16.162  -3.593  1.00 20.84 ? 145 ASP A C    1 
ATOM   875  O  O    . ASP A 1 118 ? -2.769  15.390  -4.460  1.00 19.52 ? 145 ASP A O    1 
ATOM   876  C  CB   . ASP A 1 118 ? -1.201  18.322  -4.067  1.00 23.36 ? 145 ASP A CB   1 
ATOM   877  C  CG   . ASP A 1 118 ? -1.202  19.872  -4.325  1.00 27.19 ? 145 ASP A CG   1 
ATOM   878  O  OD1  . ASP A 1 118 ? -1.849  20.334  -5.269  1.00 26.36 ? 145 ASP A OD1  1 
ATOM   879  O  OD2  . ASP A 1 118 ? -0.493  20.607  -3.587  1.00 28.17 ? 145 ASP A OD2  1 
ATOM   880  N  N    . ILE A 1 119 ? -1.887  15.751  -2.455  1.00 20.50 ? 146 ILE A N    1 
ATOM   881  C  CA   . ILE A 1 119 ? -1.564  14.334  -2.201  1.00 19.33 ? 146 ILE A CA   1 
ATOM   882  C  C    . ILE A 1 119 ? -2.834  13.503  -2.070  1.00 18.77 ? 146 ILE A C    1 
ATOM   883  O  O    . ILE A 1 119 ? -2.896  12.350  -2.516  1.00 18.49 ? 146 ILE A O    1 
ATOM   884  C  CB   . ILE A 1 119 ? -0.674  14.202  -0.930  1.00 17.95 ? 146 ILE A CB   1 
ATOM   885  C  CG1  . ILE A 1 119 ? -0.105  12.815  -0.786  1.00 21.31 ? 146 ILE A CG1  1 
ATOM   886  C  CG2  . ILE A 1 119 ? -1.405  14.612  0.327   1.00 17.84 ? 146 ILE A CG2  1 
ATOM   887  C  CD1  . ILE A 1 119 ? 1.061   12.554  -1.608  1.00 22.72 ? 146 ILE A CD1  1 
ATOM   888  N  N    . VAL A 1 120 ? -3.862  14.106  -1.484  1.00 18.23 ? 147 VAL A N    1 
ATOM   889  C  CA   . VAL A 1 120 ? -5.172  13.500  -1.377  1.00 17.22 ? 147 VAL A CA   1 
ATOM   890  C  C    . VAL A 1 120 ? -5.768  13.227  -2.771  1.00 17.88 ? 147 VAL A C    1 
ATOM   891  O  O    . VAL A 1 120 ? -6.276  12.112  -3.015  1.00 17.17 ? 147 VAL A O    1 
ATOM   892  C  CB   . VAL A 1 120 ? -6.068  14.314  -0.427  1.00 17.11 ? 147 VAL A CB   1 
ATOM   893  C  CG1  . VAL A 1 120 ? -7.526  13.852  -0.458  1.00 17.57 ? 147 VAL A CG1  1 
ATOM   894  C  CG2  . VAL A 1 120 ? -5.542  14.184  0.974   1.00 16.92 ? 147 VAL A CG2  1 
ATOM   895  N  N    . LEU A 1 121 ? -5.705  14.210  -3.670  1.00 17.73 ? 148 LEU A N    1 
ATOM   896  C  CA   . LEU A 1 121 ? -6.250  14.069  -4.997  1.00 18.04 ? 148 LEU A CA   1 
ATOM   897  C  C    . LEU A 1 121 ? -5.481  12.975  -5.733  1.00 18.05 ? 148 LEU A C    1 
ATOM   898  O  O    . LEU A 1 121 ? -6.085  12.236  -6.486  1.00 16.83 ? 148 LEU A O    1 
ATOM   899  C  CB   . LEU A 1 121 ? -6.185  15.378  -5.754  1.00 19.88 ? 148 LEU A CB   1 
ATOM   900  C  CG   . LEU A 1 121 ? -7.154  16.500  -5.235  1.00 20.48 ? 148 LEU A CG   1 
ATOM   901  C  CD1  . LEU A 1 121 ? -7.037  17.746  -6.053  1.00 22.05 ? 148 LEU A CD1  1 
ATOM   902  C  CD2  . LEU A 1 121 ? -8.559  16.026  -5.298  1.00 23.39 ? 148 LEU A CD2  1 
ATOM   903  N  N    . MET A 1 122 ? -4.165  12.854  -5.480  1.00 17.58 ? 149 MET A N    1 
ATOM   904  C  CA   . MET A 1 122 ? -3.402  11.749  -6.053  1.00 18.74 ? 149 MET A CA   1 
ATOM   905  C  C    . MET A 1 122 ? -3.815  10.362  -5.499  1.00 19.13 ? 149 MET A C    1 
ATOM   906  O  O    . MET A 1 122 ? -3.993  9.409   -6.254  1.00 19.72 ? 149 MET A O    1 
ATOM   907  C  CB   . MET A 1 122 ? -1.915  11.997  -5.936  1.00 19.03 ? 149 MET A CB   1 
ATOM   908  C  CG   . MET A 1 122 ? -1.446  13.228  -6.747  1.00 19.84 ? 149 MET A CG   1 
ATOM   909  S  SD   . MET A 1 122 ? 0.163   13.809  -6.190  1.00 22.63 ? 149 MET A SD   1 
ATOM   910  C  CE   . MET A 1 122 ? 1.340   12.559  -6.778  1.00 21.53 ? 149 MET A CE   1 
ATOM   911  N  N    . ALA A 1 123 ? -3.986  10.281  -4.192  1.00 18.13 ? 150 ALA A N    1 
ATOM   912  C  CA   . ALA A 1 123 ? -4.408  9.080   -3.573  1.00 18.29 ? 150 ALA A CA   1 
ATOM   913  C  C    . ALA A 1 123 ? -5.819  8.693   -4.104  1.00 18.32 ? 150 ALA A C    1 
ATOM   914  O  O    . ALA A 1 123 ? -6.049  7.566   -4.488  1.00 19.31 ? 150 ALA A O    1 
ATOM   915  C  CB   . ALA A 1 123 ? -4.426  9.243   -2.061  1.00 17.57 ? 150 ALA A CB   1 
ATOM   916  N  N    . GLU A 1 124 ? -6.737  9.639   -4.146  1.00 18.32 ? 151 GLU A N    1 
ATOM   917  C  CA   . GLU A 1 124 ? -8.076  9.340   -4.723  1.00 19.97 ? 151 GLU A CA   1 
ATOM   918  C  C    . GLU A 1 124 ? -7.975  8.788   -6.148  1.00 20.85 ? 151 GLU A C    1 
ATOM   919  O  O    . GLU A 1 124 ? -8.704  7.850   -6.523  1.00 22.60 ? 151 GLU A O    1 
ATOM   920  C  CB   . GLU A 1 124 ? -8.939  10.588  -4.738  1.00 20.39 ? 151 GLU A CB   1 
ATOM   921  C  CG   . GLU A 1 124 ? -9.395  10.989  -3.362  1.00 22.04 ? 151 GLU A CG   1 
ATOM   922  C  CD   . GLU A 1 124 ? -10.032 12.365  -3.311  1.00 25.65 ? 151 GLU A CD   1 
ATOM   923  O  OE1  . GLU A 1 124 ? -10.038 13.092  -4.284  1.00 29.69 ? 151 GLU A OE1  1 
ATOM   924  O  OE2  . GLU A 1 124 ? -10.486 12.766  -2.240  1.00 27.97 ? 151 GLU A OE2  1 
ATOM   925  N  N    . ALA A 1 125 ? -7.103  9.360   -6.972  1.00 20.89 ? 152 ALA A N    1 
ATOM   926  C  CA   . ALA A 1 125 ? -7.009  8.902   -8.324  1.00 21.53 ? 152 ALA A CA   1 
ATOM   927  C  C    . ALA A 1 125 ? -6.435  7.456   -8.354  1.00 21.87 ? 152 ALA A C    1 
ATOM   928  O  O    . ALA A 1 125 ? -6.915  6.624   -9.114  1.00 19.86 ? 152 ALA A O    1 
ATOM   929  C  CB   . ALA A 1 125 ? -6.189  9.853   -9.184  1.00 21.45 ? 152 ALA A CB   1 
ATOM   930  N  N    . LEU A 1 126 ? -5.389  7.186   -7.568  1.00 21.58 ? 153 LEU A N    1 
ATOM   931  C  CA   . LEU A 1 126 ? -4.835  5.832   -7.501  1.00 21.86 ? 153 LEU A CA   1 
ATOM   932  C  C    . LEU A 1 126 ? -5.875  4.832   -6.938  1.00 21.69 ? 153 LEU A C    1 
ATOM   933  O  O    . LEU A 1 126 ? -5.939  3.716   -7.404  1.00 20.39 ? 153 LEU A O    1 
ATOM   934  C  CB   . LEU A 1 126 ? -3.557  5.768   -6.675  1.00 20.85 ? 153 LEU A CB   1 
ATOM   935  C  CG   . LEU A 1 126 ? -2.319  6.533   -7.172  1.00 23.35 ? 153 LEU A CG   1 
ATOM   936  C  CD1  . LEU A 1 126 ? -1.242  6.518   -6.105  1.00 21.78 ? 153 LEU A CD1  1 
ATOM   937  C  CD2  . LEU A 1 126 ? -1.713  6.077   -8.514  1.00 23.48 ? 153 LEU A CD2  1 
ATOM   938  N  N    . GLU A 1 127 ? -6.672  5.264   -5.959  1.00 21.17 ? 154 GLU A N    1 
ATOM   939  C  CA   . GLU A 1 127 ? -7.665  4.441   -5.367  1.00 21.96 ? 154 GLU A CA   1 
ATOM   940  C  C    . GLU A 1 127 ? -8.787  4.064   -6.368  1.00 22.64 ? 154 GLU A C    1 
ATOM   941  O  O    . GLU A 1 127 ? -9.271  2.939   -6.334  1.00 17.30 ? 154 GLU A O    1 
ATOM   942  C  CB   . GLU A 1 127 ? -8.258  5.088   -4.130  1.00 25.40 ? 154 GLU A CB   1 
ATOM   943  C  CG   . GLU A 1 127 ? -9.133  4.109   -3.363  1.00 24.64 ? 154 GLU A CG   1 
ATOM   944  C  CD   . GLU A 1 127 ? -9.805  4.691   -2.157  1.00 27.48 ? 154 GLU A CD   1 
ATOM   945  O  OE1  . GLU A 1 127 ? -9.765  5.892   -1.913  1.00 24.56 ? 154 GLU A OE1  1 
ATOM   946  O  OE2  . GLU A 1 127 ? -10.365 3.901   -1.371  1.00 35.04 ? 154 GLU A OE2  1 
ATOM   947  N  N    . LYS A 1 128 ? -9.156  4.986   -7.253  1.00 22.13 ? 155 LYS A N    1 
ATOM   948  C  CA   . LYS A 1 128 ? -10.168 4.724   -8.248  1.00 23.97 ? 155 LYS A CA   1 
ATOM   949  C  C    . LYS A 1 128 ? -9.685  3.618   -9.206  1.00 23.66 ? 155 LYS A C    1 
ATOM   950  O  O    . LYS A 1 128 ? -10.402 2.666   -9.464  1.00 24.05 ? 155 LYS A O    1 
ATOM   951  C  CB   . LYS A 1 128 ? -10.480 5.984   -9.035  1.00 25.91 ? 155 LYS A CB   1 
ATOM   952  C  CG   . LYS A 1 128 ? -11.521 5.748   -10.106 1.00 32.95 ? 155 LYS A CG   1 
ATOM   953  C  CD   . LYS A 1 128 ? -12.238 7.042   -10.497 1.00 38.87 ? 155 LYS A CD   1 
ATOM   954  C  CE   . LYS A 1 128 ? -13.281 6.738   -11.566 1.00 46.18 ? 155 LYS A CE   1 
ATOM   955  N  NZ   . LYS A 1 128 ? -13.239 7.737   -12.669 1.00 49.94 ? 155 LYS A NZ   1 
ATOM   956  N  N    . LEU A 1 129 ? -8.460  3.761   -9.664  1.00 21.37 ? 156 LEU A N    1 
ATOM   957  C  CA   . LEU A 1 129 ? -7.842  2.874   -10.546 1.00 22.88 ? 156 LEU A CA   1 
ATOM   958  C  C    . LEU A 1 129 ? -7.703  1.505   -9.879  1.00 26.49 ? 156 LEU A C    1 
ATOM   959  O  O    . LEU A 1 129 ? -8.065  0.492   -10.457 1.00 26.64 ? 156 LEU A O    1 
ATOM   960  C  CB   . LEU A 1 129 ? -6.460  3.431   -10.929 1.00 24.96 ? 156 LEU A CB   1 
ATOM   961  C  CG   . LEU A 1 129 ? -5.641  2.633   -11.980 1.00 27.99 ? 156 LEU A CG   1 
ATOM   962  C  CD1  . LEU A 1 129 ? -6.502  2.301   -13.219 1.00 29.38 ? 156 LEU A CD1  1 
ATOM   963  C  CD2  . LEU A 1 129 ? -4.345  3.339   -12.366 1.00 29.84 ? 156 LEU A CD2  1 
ATOM   964  N  N    . PHE A 1 130 ? -7.206  1.488   -8.644  1.00 26.30 ? 157 PHE A N    1 
ATOM   965  C  CA   . PHE A 1 130 ? -7.157  0.273   -7.829  1.00 27.31 ? 157 PHE A CA   1 
ATOM   966  C  C    . PHE A 1 130 ? -8.538  -0.471  -7.821  1.00 27.77 ? 157 PHE A C    1 
ATOM   967  O  O    . PHE A 1 130 ? -8.586  -1.650  -8.051  1.00 29.24 ? 157 PHE A O    1 
ATOM   968  C  CB   . PHE A 1 130 ? -6.735  0.628   -6.386  1.00 27.13 ? 157 PHE A CB   1 
ATOM   969  C  CG   . PHE A 1 130 ? -6.776  -0.538  -5.432  1.00 28.99 ? 157 PHE A CG   1 
ATOM   970  C  CD1  . PHE A 1 130 ? -5.790  -1.523  -5.482  1.00 31.29 ? 157 PHE A CD1  1 
ATOM   971  C  CD2  . PHE A 1 130 ? -7.760  -0.633  -4.448  1.00 28.50 ? 157 PHE A CD2  1 
ATOM   972  C  CE1  . PHE A 1 130 ? -5.823  -2.597  -4.559  1.00 30.55 ? 157 PHE A CE1  1 
ATOM   973  C  CE2  . PHE A 1 130 ? -7.790  -1.690  -3.559  1.00 27.54 ? 157 PHE A CE2  1 
ATOM   974  C  CZ   . PHE A 1 130 ? -6.843  -2.677  -3.640  1.00 27.50 ? 157 PHE A CZ   1 
ATOM   975  N  N    . LEU A 1 131 ? -9.612  0.217   -7.496  1.00 26.15 ? 158 LEU A N    1 
ATOM   976  C  CA   . LEU A 1 131 ? -10.928 -0.382  -7.398  1.00 30.87 ? 158 LEU A CA   1 
ATOM   977  C  C    . LEU A 1 131 ? -11.394 -0.963  -8.737  1.00 32.93 ? 158 LEU A C    1 
ATOM   978  O  O    . LEU A 1 131 ? -11.964 -2.052  -8.751  1.00 33.78 ? 158 LEU A O    1 
ATOM   979  C  CB   . LEU A 1 131 ? -11.959 0.606   -6.868  1.00 29.72 ? 158 LEU A CB   1 
ATOM   980  C  CG   . LEU A 1 131 ? -11.742 0.904   -5.366  1.00 33.47 ? 158 LEU A CG   1 
ATOM   981  C  CD1  . LEU A 1 131 ? -12.495 2.138   -4.868  1.00 30.30 ? 158 LEU A CD1  1 
ATOM   982  C  CD2  . LEU A 1 131 ? -12.111 -0.305  -4.507  1.00 34.43 ? 158 LEU A CD2  1 
ATOM   983  N  N    . GLN A 1 132 ? -11.110 -0.265  -9.827  1.00 32.18 ? 159 GLN A N    1 
ATOM   984  C  CA   . GLN A 1 132 ? -11.335 -0.770  -11.166 1.00 37.27 ? 159 GLN A CA   1 
ATOM   985  C  C    . GLN A 1 132 ? -10.598 -2.057  -11.400 1.00 38.08 ? 159 GLN A C    1 
ATOM   986  O  O    . GLN A 1 132 ? -11.193 -3.043  -11.831 1.00 37.23 ? 159 GLN A O    1 
ATOM   987  C  CB   . GLN A 1 132 ? -10.856 0.217   -12.235 1.00 37.68 ? 159 GLN A CB   1 
ATOM   988  C  CG   . GLN A 1 132 ? -11.574 1.558   -12.218 1.00 40.15 ? 159 GLN A CG   1 
ATOM   989  C  CD   . GLN A 1 132 ? -11.243 2.407   -13.438 1.00 46.40 ? 159 GLN A CD   1 
ATOM   990  O  OE1  . GLN A 1 132 ? -10.428 3.336   -13.400 1.00 43.12 ? 159 GLN A OE1  1 
ATOM   991  N  NE2  . GLN A 1 132 ? -11.872 2.068   -14.549 1.00 55.46 ? 159 GLN A NE2  1 
ATOM   992  N  N    . LYS A 1 133 ? -9.289  -2.028  -11.168 1.00 35.34 ? 160 LYS A N    1 
ATOM   993  C  CA   . LYS A 1 133 ? -8.463  -3.195  -11.389 1.00 35.64 ? 160 LYS A CA   1 
ATOM   994  C  C    . LYS A 1 133 ? -8.892  -4.403  -10.582 1.00 38.62 ? 160 LYS A C    1 
ATOM   995  O  O    . LYS A 1 133 ? -8.915  -5.510  -11.124 1.00 44.68 ? 160 LYS A O    1 
ATOM   996  C  CB   . LYS A 1 133 ? -7.022  -2.927  -11.080 1.00 38.13 ? 160 LYS A CB   1 
ATOM   997  C  CG   . LYS A 1 133 ? -6.343  -1.998  -12.015 1.00 38.86 ? 160 LYS A CG   1 
ATOM   998  C  CD   . LYS A 1 133 ? -6.148  -2.658  -13.342 1.00 45.59 ? 160 LYS A CD   1 
ATOM   999  C  CE   . LYS A 1 133 ? -6.720  -1.786  -14.424 1.00 46.41 ? 160 LYS A CE   1 
ATOM   1000 N  NZ   . LYS A 1 133 ? -6.845  -2.619  -15.634 1.00 50.08 ? 160 LYS A NZ   1 
ATOM   1001 N  N    . ILE A 1 134 ? -9.246  -4.217  -9.325  1.00 37.33 ? 161 ILE A N    1 
ATOM   1002 C  CA   . ILE A 1 134 ? -9.642  -5.364  -8.498  1.00 45.36 ? 161 ILE A CA   1 
ATOM   1003 C  C    . ILE A 1 134 ? -11.087 -5.764  -8.716  1.00 48.59 ? 161 ILE A C    1 
ATOM   1004 O  O    . ILE A 1 134 ? -11.563 -6.753  -8.135  1.00 41.74 ? 161 ILE A O    1 
ATOM   1005 C  CB   . ILE A 1 134 ? -9.391  -5.219  -6.964  1.00 42.68 ? 161 ILE A CB   1 
ATOM   1006 C  CG1  . ILE A 1 134 ? -10.244 -4.114  -6.359  1.00 41.17 ? 161 ILE A CG1  1 
ATOM   1007 C  CG2  . ILE A 1 134 ? -7.897  -5.076  -6.672  1.00 43.17 ? 161 ILE A CG2  1 
ATOM   1008 C  CD1  . ILE A 1 134 ? -10.352 -4.232  -4.871  1.00 43.26 ? 161 ILE A CD1  1 
ATOM   1009 N  N    . ASN A 1 135 ? -11.810 -5.004  -9.519  1.00 52.06 ? 162 ASN A N    1 
ATOM   1010 C  CA   . ASN A 1 135 ? -13.080 -5.510  -10.009 1.00 55.43 ? 162 ASN A CA   1 
ATOM   1011 C  C    . ASN A 1 135 ? -12.934 -6.665  -10.969 1.00 49.09 ? 162 ASN A C    1 
ATOM   1012 O  O    . ASN A 1 135 ? -13.849 -7.441  -11.050 1.00 51.33 ? 162 ASN A O    1 
ATOM   1013 C  CB   . ASN A 1 135 ? -13.957 -4.400  -10.617 1.00 59.22 ? 162 ASN A CB   1 
ATOM   1014 C  CG   . ASN A 1 135 ? -14.863 -3.783  -9.590  1.00 60.97 ? 162 ASN A CG   1 
ATOM   1015 O  OD1  . ASN A 1 135 ? -15.032 -4.310  -8.491  1.00 64.28 ? 162 ASN A OD1  1 
ATOM   1016 N  ND2  . ASN A 1 135 ? -15.440 -2.665  -9.928  1.00 65.50 ? 162 ASN A ND2  1 
ATOM   1017 N  N    . GLU A 1 136 ? -11.807 -6.758  -11.674 1.00 44.92 ? 163 GLU A N    1 
ATOM   1018 C  CA   . GLU A 1 136 ? -11.456 -7.898  -12.529 1.00 48.62 ? 163 GLU A CA   1 
ATOM   1019 C  C    . GLU A 1 136 ? -10.695 -9.037  -11.781 1.00 50.36 ? 163 GLU A C    1 
ATOM   1020 O  O    . GLU A 1 136 ? -10.095 -9.899  -12.416 1.00 52.99 ? 163 GLU A O    1 
ATOM   1021 C  CB   . GLU A 1 136 ? -10.537 -7.409  -13.671 1.00 53.55 ? 163 GLU A CB   1 
ATOM   1022 C  CG   . GLU A 1 136 ? -11.081 -6.291  -14.564 1.00 59.52 ? 163 GLU A CG   1 
ATOM   1023 C  CD   . GLU A 1 136 ? -12.013 -6.786  -15.672 1.00 62.61 ? 163 GLU A CD   1 
ATOM   1024 O  OE1  . GLU A 1 136 ? -12.708 -7.807  -15.487 1.00 61.83 ? 163 GLU A OE1  1 
ATOM   1025 O  OE2  . GLU A 1 136 ? -12.071 -6.145  -16.742 1.00 65.75 ? 163 GLU A OE2  1 
ATOM   1026 N  N    . LEU A 1 137 ? -10.668 -9.034  -10.451 1.00 49.00 ? 164 LEU A N    1 
ATOM   1027 C  CA   . LEU A 1 137 ? -9.893  -10.029 -9.694  1.00 50.44 ? 164 LEU A CA   1 
ATOM   1028 C  C    . LEU A 1 137 ? -10.554 -11.424 -9.909  1.00 48.36 ? 164 LEU A C    1 
ATOM   1029 O  O    . LEU A 1 137 ? -11.740 -11.577 -9.636  1.00 46.50 ? 164 LEU A O    1 
ATOM   1030 C  CB   . LEU A 1 137 ? -9.963  -9.655  -8.222  1.00 49.89 ? 164 LEU A CB   1 
ATOM   1031 C  CG   . LEU A 1 137 ? -9.170  -10.458 -7.220  1.00 48.21 ? 164 LEU A CG   1 
ATOM   1032 C  CD1  . LEU A 1 137 ? -7.704  -10.058 -7.284  1.00 49.09 ? 164 LEU A CD1  1 
ATOM   1033 C  CD2  . LEU A 1 137 ? -9.766  -10.270 -5.823  1.00 48.16 ? 164 LEU A CD2  1 
ATOM   1034 N  N    . PRO A 1 138 ? -9.814  -12.423 -10.395 1.00 47.73 ? 165 PRO A N    1 
ATOM   1035 C  CA   . PRO A 1 138 ? -10.422 -13.770 -10.477 1.00 47.36 ? 165 PRO A CA   1 
ATOM   1036 C  C    . PRO A 1 138 ? -11.025 -14.271 -9.209  1.00 47.69 ? 165 PRO A C    1 
ATOM   1037 O  O    . PRO A 1 138 ? -10.640 -13.833 -8.124  1.00 50.93 ? 165 PRO A O    1 
ATOM   1038 C  CB   . PRO A 1 138 ? -9.227  -14.669 -10.787 1.00 46.74 ? 165 PRO A CB   1 
ATOM   1039 C  CG   . PRO A 1 138 ? -8.295  -13.795 -11.566 1.00 49.32 ? 165 PRO A CG   1 
ATOM   1040 C  CD   . PRO A 1 138 ? -8.464  -12.394 -10.996 1.00 47.36 ? 165 PRO A CD   1 
ATOM   1041 N  N    . THR A 1 139 ? -11.939 -15.227 -9.322  1.00 54.82 ? 166 THR A N    1 
ATOM   1042 C  CA   . THR A 1 139 ? -12.297 -16.055 -8.175  1.00 53.81 ? 166 THR A CA   1 
ATOM   1043 C  C    . THR A 1 139 ? -11.185 -17.141 -8.065  1.00 61.89 ? 166 THR A C    1 
ATOM   1044 O  O    . THR A 1 139 ? -10.338 -17.321 -8.963  1.00 64.31 ? 166 THR A O    1 
ATOM   1045 C  CB   . THR A 1 139 ? -13.735 -16.650 -8.289  1.00 58.32 ? 166 THR A CB   1 
ATOM   1046 O  OG1  . THR A 1 139 ? -13.689 -17.837 -9.060  1.00 55.10 ? 166 THR A OG1  1 
ATOM   1047 C  CG2  . THR A 1 139 ? -14.765 -15.675 -8.946  1.00 56.82 ? 166 THR A CG2  1 
ATOM   1048 N  N    . GLU A 1 140 ? -11.180 -17.862 -6.960  1.00 73.23 ? 167 GLU A N    1 
ATOM   1049 C  CA   . GLU A 1 140 ? -10.125 -18.843 -6.688  1.00 72.99 ? 167 GLU A CA   1 
ATOM   1050 C  C    . GLU A 1 140 ? -10.133 -19.998 -7.696  1.00 72.84 ? 167 GLU A C    1 
ATOM   1051 O  O    . GLU A 1 140 ? -9.337  -20.937 -7.601  1.00 73.63 ? 167 GLU A O    1 
ATOM   1052 C  CB   . GLU A 1 140 ? -10.316 -19.366 -5.289  1.00 67.94 ? 167 GLU A CB   1 
ATOM   1053 C  CG   . GLU A 1 140 ? -10.196 -18.265 -4.252  1.00 69.20 ? 167 GLU A CG   1 
ATOM   1054 C  CD   . GLU A 1 140 ? -8.866  -18.318 -3.577  1.00 76.12 ? 167 GLU A CD   1 
ATOM   1055 O  OE1  . GLU A 1 140 ? -7.849  -18.239 -4.298  1.00 87.14 ? 167 GLU A OE1  1 
ATOM   1056 O  OE2  . GLU A 1 140 ? -8.837  -18.471 -2.338  1.00 71.44 ? 167 GLU A OE2  1 
HETATM 1057 C  CAW  . 8QC B 2 .   ? 4.997   19.328  0.731   1.00 20.93 ? 201 8QC A CAW  1 
HETATM 1058 O  OAU  . 8QC B 2 .   ? 5.248   17.949  0.354   1.00 21.13 ? 201 8QC A OAU  1 
HETATM 1059 C  CAP  . 8QC B 2 .   ? 4.438   17.393  -0.591  1.00 21.85 ? 201 8QC A CAP  1 
HETATM 1060 C  CAQ  . 8QC B 2 .   ? 3.403   18.116  -1.216  1.00 21.48 ? 201 8QC A CAQ  1 
HETATM 1061 C  CAR  . 8QC B 2 .   ? 2.626   17.533  -2.179  1.00 20.42 ? 201 8QC A CAR  1 
HETATM 1062 C  CAS  . 8QC B 2 .   ? 2.844   16.223  -2.538  1.00 22.27 ? 201 8QC A CAS  1 
HETATM 1063 BR BRAV . 8QC B 2 .   ? 1.780   15.490  -3.875  1.00 22.18 ? 201 8QC A BRAV 1 
HETATM 1064 C  CAT  . 8QC B 2 .   ? 3.837   15.486  -1.945  1.00 20.66 ? 201 8QC A CAT  1 
HETATM 1065 C  CAO  . 8QC B 2 .   ? 4.621   16.057  -0.965  1.00 20.48 ? 201 8QC A CAO  1 
HETATM 1066 S  SAL  . 8QC B 2 .   ? 5.817   15.044  -0.286  1.00 24.15 ? 201 8QC A SAL  1 
HETATM 1067 O  OAM  . 8QC B 2 .   ? 5.834   13.738  -1.010  1.00 22.58 ? 201 8QC A OAM  1 
HETATM 1068 O  OAN  . 8QC B 2 .   ? 7.120   15.680  -0.395  1.00 22.88 ? 201 8QC A OAN  1 
HETATM 1069 N  NAK  . 8QC B 2 .   ? 5.488   14.829  1.364   1.00 25.13 ? 201 8QC A NAK  1 
HETATM 1070 C  CAB  . 8QC B 2 .   ? 4.314   14.194  1.803   1.00 24.99 ? 201 8QC A CAB  1 
HETATM 1071 C  CAC  . 8QC B 2 .   ? 4.043   12.815  1.632   1.00 21.90 ? 201 8QC A CAC  1 
HETATM 1072 C  CAD  . 8QC B 2 .   ? 2.907   12.286  2.108   1.00 22.85 ? 201 8QC A CAD  1 
HETATM 1073 C  CAG  . 8QC B 2 .   ? 2.366   11.024  2.107   1.00 23.95 ? 201 8QC A CAG  1 
HETATM 1074 C  CAX  . 8QC B 2 .   ? 2.927   9.775   1.522   1.00 25.60 ? 201 8QC A CAX  1 
HETATM 1075 N  NAH  . 8QC B 2 .   ? 1.180   10.959  2.697   1.00 26.71 ? 201 8QC A NAH  1 
HETATM 1076 O  OAI  . 8QC B 2 .   ? 0.940   12.362  3.175   1.00 23.08 ? 201 8QC A OAI  1 
HETATM 1077 C  CAE  . 8QC B 2 .   ? 2.017   13.099  2.766   1.00 23.68 ? 201 8QC A CAE  1 
HETATM 1078 C  CAF  . 8QC B 2 .   ? 2.224   14.391  2.974   1.00 21.90 ? 201 8QC A CAF  1 
HETATM 1079 C  CAA  . 8QC B 2 .   ? 3.348   14.997  2.479   1.00 22.24 ? 201 8QC A CAA  1 
HETATM 1080 N  NAJ  . 8QC B 2 .   ? 3.574   16.319  2.649   1.00 22.63 ? 201 8QC A NAJ  1 
HETATM 1081 C  CAY  . 8QC B 2 .   ? 2.450   17.301  2.778   1.00 22.30 ? 201 8QC A CAY  1 
HETATM 1082 N  N    . NO3 C 3 .   ? 2.704   14.462  -10.098 1.00 26.15 ? 202 NO3 A N    1 
HETATM 1083 O  O1   . NO3 C 3 .   ? 3.624   13.739  -10.440 1.00 31.79 ? 202 NO3 A O1   1 
HETATM 1084 O  O2   . NO3 C 3 .   ? 1.813   14.924  -11.005 1.00 32.63 ? 202 NO3 A O2   1 
HETATM 1085 O  O3   . NO3 C 3 .   ? 2.493   14.909  -8.839  1.00 26.39 ? 202 NO3 A O3   1 
HETATM 1086 N  N    . NO3 D 3 .   ? 10.375  -1.018  2.182   1.00 66.70 ? 203 NO3 A N    1 
HETATM 1087 O  O1   . NO3 D 3 .   ? 10.250  -2.232  2.263   1.00 68.31 ? 203 NO3 A O1   1 
HETATM 1088 O  O2   . NO3 D 3 .   ? 10.980  -0.319  3.241   1.00 63.18 ? 203 NO3 A O2   1 
HETATM 1089 O  O3   . NO3 D 3 .   ? 9.903   -0.356  1.036   1.00 63.36 ? 203 NO3 A O3   1 
HETATM 1090 C  C1   . GOL E 4 .   ? -4.022  4.499   11.035  1.00 31.89 ? 204 GOL A C1   1 
HETATM 1091 O  O1   . GOL E 4 .   ? -2.648  4.412   10.676  1.00 25.05 ? 204 GOL A O1   1 
HETATM 1092 C  C2   . GOL E 4 .   ? -4.294  5.075   12.422  1.00 35.79 ? 204 GOL A C2   1 
HETATM 1093 O  O2   . GOL E 4 .   ? -3.161  5.515   13.224  1.00 32.09 ? 204 GOL A O2   1 
HETATM 1094 C  C3   . GOL E 4 .   ? -5.251  6.233   12.213  1.00 41.48 ? 204 GOL A C3   1 
HETATM 1095 O  O3   . GOL E 4 .   ? -5.013  7.242   13.205  1.00 48.20 ? 204 GOL A O3   1 
HETATM 1096 NA NA   . NA  F 5 .   ? -7.453  14.141  7.303   1.00 21.45 ? 205 NA  A NA   1 
HETATM 1097 O  O    . HOH G 6 .   ? -4.998  9.317   13.430  1.00 36.81 ? 301 HOH A O    1 
HETATM 1098 O  O    . HOH G 6 .   ? 0.384   20.148  -1.307  1.00 17.61 ? 302 HOH A O    1 
HETATM 1099 O  O    . HOH G 6 .   ? -6.799  -15.156 -2.376  1.00 22.70 ? 303 HOH A O    1 
HETATM 1100 O  O    . HOH G 6 .   ? -1.083  22.534  -6.221  1.00 21.23 ? 304 HOH A O    1 
HETATM 1101 O  O    . HOH G 6 .   ? 11.221  5.511   2.939   1.00 19.77 ? 305 HOH A O    1 
HETATM 1102 O  O    . HOH G 6 .   ? -6.813  21.336  0.503   1.00 28.80 ? 306 HOH A O    1 
HETATM 1103 O  O    . HOH G 6 .   ? 1.607   5.423   5.512   1.00 18.73 ? 307 HOH A O    1 
HETATM 1104 O  O    . HOH G 6 .   ? 2.026   5.475   2.096   1.00 25.24 ? 308 HOH A O    1 
HETATM 1105 O  O    . HOH G 6 .   ? -0.104  8.894   4.225   1.00 19.87 ? 309 HOH A O    1 
HETATM 1106 O  O    . HOH G 6 .   ? 7.193   11.502  -1.187  1.00 21.30 ? 310 HOH A O    1 
HETATM 1107 O  O    . HOH G 6 .   ? -9.782  21.063  2.780   1.00 20.80 ? 311 HOH A O    1 
HETATM 1108 O  O    . HOH G 6 .   ? 6.874   17.022  2.858   1.00 20.66 ? 312 HOH A O    1 
HETATM 1109 O  O    . HOH G 6 .   ? 6.540   1.557   10.196  1.00 18.52 ? 313 HOH A O    1 
HETATM 1110 O  O    . HOH G 6 .   ? 6.361   11.373  12.901  1.00 29.65 ? 314 HOH A O    1 
HETATM 1111 O  O    . HOH G 6 .   ? 10.751  -5.285  -4.105  1.00 37.56 ? 315 HOH A O    1 
HETATM 1112 O  O    . HOH G 6 .   ? 8.581   -2.152  4.619   1.00 21.39 ? 316 HOH A O    1 
HETATM 1113 O  O    . HOH G 6 .   ? -2.861  -2.697  6.824   1.00 30.08 ? 317 HOH A O    1 
HETATM 1114 O  O    . HOH G 6 .   ? 1.531   -13.990 -3.187  1.00 30.85 ? 318 HOH A O    1 
HETATM 1115 O  O    . HOH G 6 .   ? 9.394   -2.918  -2.837  1.00 31.50 ? 319 HOH A O    1 
HETATM 1116 O  O    . HOH G 6 .   ? 6.925   9.394   0.269   1.00 31.63 ? 320 HOH A O    1 
HETATM 1117 O  O    . HOH G 6 .   ? 9.762   6.763   -5.349  1.00 34.92 ? 321 HOH A O    1 
HETATM 1118 O  O    . HOH G 6 .   ? 3.538   -14.346 6.276   1.00 24.79 ? 322 HOH A O    1 
HETATM 1119 O  O    . HOH G 6 .   ? -0.329  6.683   2.688   1.00 29.80 ? 323 HOH A O    1 
HETATM 1120 O  O    . HOH G 6 .   ? 6.271   -13.965 5.635   1.00 20.19 ? 324 HOH A O    1 
HETATM 1121 O  O    . HOH G 6 .   ? 10.380  5.720   7.431   1.00 20.73 ? 325 HOH A O    1 
HETATM 1122 O  O    . HOH G 6 .   ? -1.135  17.704  2.218   1.00 19.28 ? 326 HOH A O    1 
HETATM 1123 O  O    . HOH G 6 .   ? 4.362   6.530   1.280   1.00 18.69 ? 327 HOH A O    1 
HETATM 1124 O  O    . HOH G 6 .   ? -2.617  -14.858 7.641   1.00 32.58 ? 328 HOH A O    1 
HETATM 1125 O  O    . HOH G 6 .   ? -10.480 15.489  -1.655  1.00 20.82 ? 329 HOH A O    1 
HETATM 1126 O  O    . HOH G 6 .   ? 0.043   7.870   -15.150 1.00 28.06 ? 330 HOH A O    1 
HETATM 1127 O  O    . HOH G 6 .   ? 4.894   2.347   5.560   1.00 17.40 ? 331 HOH A O    1 
HETATM 1128 O  O    . HOH G 6 .   ? -8.571  20.812  -4.273  1.00 28.58 ? 332 HOH A O    1 
HETATM 1129 O  O    . HOH G 6 .   ? 8.953   8.749   1.983   1.00 20.06 ? 333 HOH A O    1 
HETATM 1130 O  O    . HOH G 6 .   ? -7.901  7.282   -11.673 1.00 28.48 ? 334 HOH A O    1 
HETATM 1131 O  O    . HOH G 6 .   ? 8.268   15.901  18.026  1.00 24.78 ? 335 HOH A O    1 
HETATM 1132 O  O    . HOH G 6 .   ? 9.529   3.442   8.303   1.00 23.63 ? 336 HOH A O    1 
HETATM 1133 O  O    . HOH G 6 .   ? 6.909   3.316   7.831   1.00 16.31 ? 337 HOH A O    1 
HETATM 1134 O  O    . HOH G 6 .   ? 1.847   -0.767  9.730   1.00 31.72 ? 338 HOH A O    1 
HETATM 1135 O  O    . HOH G 6 .   ? -2.370  20.908  -1.439  1.00 26.36 ? 339 HOH A O    1 
HETATM 1136 O  O    . HOH G 6 .   ? 15.262  8.131   11.434  1.00 33.57 ? 340 HOH A O    1 
HETATM 1137 O  O    . HOH G 6 .   ? 1.149   -13.966 -0.425  1.00 22.57 ? 341 HOH A O    1 
HETATM 1138 O  O    . HOH G 6 .   ? 1.462   -21.634 -1.346  1.00 33.30 ? 342 HOH A O    1 
HETATM 1139 O  O    . HOH G 6 .   ? 4.892   14.649  20.640  1.00 21.15 ? 343 HOH A O    1 
HETATM 1140 O  O    . HOH G 6 .   ? -9.351  -13.009 0.059   1.00 32.71 ? 344 HOH A O    1 
HETATM 1141 O  O    . HOH G 6 .   ? -8.360  14.204  3.664   1.00 31.48 ? 345 HOH A O    1 
HETATM 1142 O  O    . HOH G 6 .   ? -3.074  -6.914  5.894   1.00 38.08 ? 346 HOH A O    1 
HETATM 1143 O  O    . HOH G 6 .   ? 10.597  -7.948  7.505   1.00 26.04 ? 347 HOH A O    1 
HETATM 1144 O  O    . HOH G 6 .   ? -0.628  17.653  -0.539  1.00 17.49 ? 348 HOH A O    1 
HETATM 1145 O  O    . HOH G 6 .   ? 4.945   -4.764  10.523  1.00 36.51 ? 349 HOH A O    1 
HETATM 1146 O  O    . HOH G 6 .   ? 4.361   4.831   4.969   1.00 20.62 ? 350 HOH A O    1 
HETATM 1147 O  O    . HOH G 6 .   ? -5.179  14.515  11.179  1.00 36.84 ? 351 HOH A O    1 
HETATM 1148 O  O    . HOH G 6 .   ? 12.981  -13.221 3.385   1.00 38.79 ? 352 HOH A O    1 
HETATM 1149 O  O    . HOH G 6 .   ? -9.400  14.918  6.323   1.00 35.39 ? 353 HOH A O    1 
HETATM 1150 O  O    . HOH G 6 .   ? 1.339   20.392  11.525  1.00 42.74 ? 354 HOH A O    1 
HETATM 1151 O  O    . HOH G 6 .   ? -7.463  15.797  9.056   1.00 32.33 ? 355 HOH A O    1 
HETATM 1152 O  O    . HOH G 6 .   ? -9.215  13.092  8.391   1.00 30.12 ? 356 HOH A O    1 
HETATM 1153 O  O    . HOH G 6 .   ? -8.337  -21.223 3.818   1.00 26.92 ? 357 HOH A O    1 
HETATM 1154 O  O    . HOH G 6 .   ? 0.392   19.847  3.006   1.00 34.61 ? 358 HOH A O    1 
HETATM 1155 O  O    . HOH G 6 .   ? -10.461 13.197  2.134   1.00 39.69 ? 359 HOH A O    1 
HETATM 1156 O  O    . HOH G 6 .   ? 11.379  9.555   1.024   1.00 36.76 ? 360 HOH A O    1 
# 
